data_1DZ1
#
_entry.id   1DZ1
#
_cell.length_a   1.000
_cell.length_b   1.000
_cell.length_c   1.000
_cell.angle_alpha   90.00
_cell.angle_beta   90.00
_cell.angle_gamma   90.00
#
_symmetry.space_group_name_H-M   'P 1'
#
_entity_poly.entity_id   1
_entity_poly.type   'polypeptide(L)'
_entity_poly.pdbx_seq_one_letter_code
;HMKEESEKPRGFARGLEPERIIGATDSSGELMFLMKWKNSDEADLVPAKEANVKCPQVVISFYEERLTWH
;
_entity_poly.pdbx_strand_id   A,B
#
# COMPACT_ATOMS: atom_id res chain seq x y z
N HIS A 1 13.92 -15.80 -4.08
CA HIS A 1 14.15 -15.24 -5.44
C HIS A 1 15.27 -15.99 -6.16
N MET A 2 16.36 -16.22 -5.44
CA MET A 2 17.52 -16.92 -6.01
C MET A 2 17.14 -18.34 -6.42
N LYS A 3 16.39 -19.02 -5.56
CA LYS A 3 15.96 -20.39 -5.83
C LYS A 3 14.96 -20.86 -4.77
N GLU A 4 13.90 -20.07 -4.58
CA GLU A 4 12.87 -20.40 -3.60
C GLU A 4 12.29 -21.78 -3.87
N GLU A 5 12.02 -22.07 -5.14
CA GLU A 5 11.47 -23.37 -5.53
C GLU A 5 12.46 -24.49 -5.19
N SER A 6 13.18 -24.97 -6.21
CA SER A 6 14.16 -26.04 -6.03
C SER A 6 13.50 -27.39 -5.76
N GLU A 7 12.33 -27.38 -5.10
CA GLU A 7 11.63 -28.61 -4.78
C GLU A 7 10.18 -28.35 -4.40
N LYS A 8 9.93 -27.22 -3.73
CA LYS A 8 8.58 -26.88 -3.30
C LYS A 8 8.31 -25.38 -3.42
N PRO A 9 7.17 -25.01 -4.03
CA PRO A 9 6.78 -23.61 -4.20
C PRO A 9 6.27 -22.99 -2.91
N ARG A 10 6.47 -21.68 -2.75
CA ARG A 10 6.03 -20.96 -1.57
C ARG A 10 5.57 -19.56 -1.93
N GLY A 11 4.45 -19.13 -1.33
CA GLY A 11 3.92 -17.81 -1.60
C GLY A 11 3.46 -17.64 -3.03
N PHE A 12 3.83 -16.52 -3.65
CA PHE A 12 3.45 -16.23 -5.02
C PHE A 12 3.94 -17.35 -5.95
N ALA A 13 5.09 -17.93 -5.63
CA ALA A 13 5.65 -19.00 -6.43
C ALA A 13 4.66 -20.16 -6.60
N ARG A 14 3.86 -20.38 -5.56
CA ARG A 14 2.85 -21.45 -5.59
C ARG A 14 1.94 -21.31 -6.80
N GLY A 15 1.74 -20.06 -7.24
CA GLY A 15 0.88 -19.82 -8.37
C GLY A 15 -0.50 -19.35 -7.96
N LEU A 16 -0.93 -19.77 -6.77
CA LEU A 16 -2.23 -19.39 -6.25
C LEU A 16 -2.42 -17.88 -6.28
N GLU A 17 -3.60 -17.45 -6.69
CA GLU A 17 -3.91 -16.02 -6.76
C GLU A 17 -4.21 -15.46 -5.37
N PRO A 18 -3.55 -14.37 -4.98
CA PRO A 18 -3.75 -13.76 -3.66
C PRO A 18 -5.14 -13.13 -3.54
N GLU A 19 -5.95 -13.66 -2.62
CA GLU A 19 -7.30 -13.15 -2.41
C GLU A 19 -7.28 -11.89 -1.55
N ARG A 20 -6.68 -12.01 -0.37
CA ARG A 20 -6.58 -10.90 0.57
C ARG A 20 -5.65 -11.26 1.72
N ILE A 21 -4.73 -10.35 2.04
CA ILE A 21 -3.78 -10.58 3.11
C ILE A 21 -4.48 -10.77 4.45
N ILE A 22 -4.02 -11.73 5.23
CA ILE A 22 -4.59 -12.02 6.54
C ILE A 22 -3.49 -12.30 7.55
N GLY A 23 -2.44 -11.51 7.50
CA GLY A 23 -1.33 -11.68 8.41
C GLY A 23 -0.17 -10.76 8.10
N ALA A 24 0.68 -10.51 9.08
CA ALA A 24 1.84 -9.65 8.90
C ALA A 24 2.88 -9.88 9.99
N THR A 25 4.14 -9.85 9.60
CA THR A 25 5.24 -10.06 10.54
C THR A 25 6.56 -9.53 9.95
N ASP A 26 7.65 -10.25 10.17
CA ASP A 26 8.96 -9.84 9.67
C ASP A 26 10.02 -10.88 10.00
N SER A 27 10.84 -11.22 9.00
CA SER A 27 11.90 -12.22 9.19
C SER A 27 12.95 -11.73 10.17
N SER A 28 13.51 -10.55 9.89
CA SER A 28 14.53 -9.96 10.76
C SER A 28 14.74 -8.49 10.41
N GLY A 29 13.66 -7.83 9.99
CA GLY A 29 13.73 -6.43 9.62
C GLY A 29 12.70 -6.07 8.57
N GLU A 30 12.67 -6.86 7.50
CA GLU A 30 11.72 -6.64 6.43
C GLU A 30 10.33 -7.13 6.82
N LEU A 31 9.32 -6.30 6.60
CA LEU A 31 7.95 -6.65 6.94
C LEU A 31 7.51 -7.89 6.18
N MET A 32 6.40 -8.49 6.60
CA MET A 32 5.88 -9.68 5.95
C MET A 32 4.35 -9.67 5.91
N PHE A 33 3.78 -10.55 5.09
CA PHE A 33 2.33 -10.65 4.97
C PHE A 33 1.90 -12.09 4.74
N LEU A 34 0.96 -12.57 5.56
CA LEU A 34 0.45 -13.93 5.42
C LEU A 34 -0.60 -13.98 4.31
N MET A 35 -0.16 -13.74 3.08
CA MET A 35 -1.03 -13.71 1.91
C MET A 35 -1.97 -14.91 1.84
N LYS A 36 -3.24 -14.65 1.50
CA LYS A 36 -4.24 -15.70 1.34
C LYS A 36 -4.24 -16.20 -0.09
N TRP A 37 -4.82 -17.37 -0.34
CA TRP A 37 -4.84 -17.92 -1.70
C TRP A 37 -6.23 -18.37 -2.12
N LYS A 38 -6.59 -18.05 -3.36
CA LYS A 38 -7.89 -18.43 -3.91
C LYS A 38 -8.10 -19.94 -3.82
N ASN A 39 -9.32 -20.34 -3.50
CA ASN A 39 -9.66 -21.76 -3.38
C ASN A 39 -8.54 -22.53 -2.69
N SER A 40 -7.98 -21.93 -1.65
CA SER A 40 -6.90 -22.55 -0.89
C SER A 40 -6.95 -22.11 0.56
N ASP A 41 -7.20 -23.06 1.45
CA ASP A 41 -7.27 -22.78 2.89
C ASP A 41 -5.89 -22.42 3.42
N GLU A 42 -4.91 -23.26 3.13
CA GLU A 42 -3.55 -23.02 3.58
C GLU A 42 -2.93 -21.84 2.85
N ALA A 43 -2.57 -20.81 3.60
CA ALA A 43 -1.96 -19.63 3.02
C ALA A 43 -0.44 -19.78 2.97
N ASP A 44 0.27 -18.65 3.00
CA ASP A 44 1.73 -18.67 2.95
C ASP A 44 2.30 -17.25 3.07
N LEU A 45 3.33 -17.11 3.89
CA LEU A 45 3.98 -15.81 4.09
C LEU A 45 4.72 -15.36 2.84
N VAL A 46 4.61 -14.06 2.54
CA VAL A 46 5.27 -13.48 1.38
C VAL A 46 5.96 -12.18 1.75
N PRO A 47 7.23 -12.01 1.33
CA PRO A 47 8.01 -10.81 1.65
C PRO A 47 7.25 -9.53 1.30
N ALA A 48 7.30 -8.58 2.22
CA ALA A 48 6.62 -7.30 2.03
C ALA A 48 7.02 -6.64 0.72
N LYS A 49 8.29 -6.80 0.35
CA LYS A 49 8.81 -6.22 -0.89
C LYS A 49 8.13 -6.81 -2.12
N GLU A 50 7.88 -8.12 -2.09
CA GLU A 50 7.23 -8.79 -3.22
C GLU A 50 5.76 -8.44 -3.29
N ALA A 51 5.10 -8.38 -2.13
CA ALA A 51 3.68 -8.07 -2.07
C ALA A 51 3.38 -6.60 -2.40
N ASN A 52 4.18 -5.69 -1.88
CA ASN A 52 3.97 -4.26 -2.12
C ASN A 52 4.45 -3.83 -3.50
N VAL A 53 4.15 -4.64 -4.51
CA VAL A 53 4.54 -4.35 -5.88
C VAL A 53 3.77 -5.24 -6.85
N LYS A 54 3.70 -6.51 -6.52
CA LYS A 54 2.98 -7.49 -7.33
C LYS A 54 1.49 -7.41 -7.01
N CYS A 55 1.19 -6.98 -5.80
CA CYS A 55 -0.19 -6.84 -5.33
C CYS A 55 -0.33 -5.57 -4.50
N PRO A 56 -0.01 -4.40 -5.07
CA PRO A 56 -0.11 -3.13 -4.36
C PRO A 56 -1.52 -2.86 -3.86
N GLN A 57 -2.49 -3.04 -4.75
CA GLN A 57 -3.89 -2.81 -4.40
C GLN A 57 -4.32 -3.68 -3.23
N VAL A 58 -3.88 -4.94 -3.24
CA VAL A 58 -4.22 -5.88 -2.19
C VAL A 58 -3.61 -5.48 -0.84
N VAL A 59 -2.29 -5.31 -0.84
CA VAL A 59 -1.59 -4.93 0.39
C VAL A 59 -2.18 -3.65 0.97
N ILE A 60 -2.45 -2.68 0.11
CA ILE A 60 -3.03 -1.41 0.53
C ILE A 60 -4.39 -1.63 1.19
N SER A 61 -5.18 -2.52 0.60
CA SER A 61 -6.49 -2.83 1.14
C SER A 61 -6.38 -3.40 2.55
N PHE A 62 -5.37 -4.25 2.76
CA PHE A 62 -5.16 -4.87 4.07
C PHE A 62 -4.90 -3.83 5.16
N TYR A 63 -4.05 -2.84 4.88
CA TYR A 63 -3.75 -1.80 5.87
C TYR A 63 -5.02 -1.11 6.33
N GLU A 64 -5.92 -0.83 5.39
CA GLU A 64 -7.18 -0.15 5.69
C GLU A 64 -7.80 -0.65 6.99
N GLU A 65 -7.90 -1.97 7.14
CA GLU A 65 -8.49 -2.55 8.33
C GLU A 65 -7.54 -2.41 9.52
N ARG A 66 -6.28 -2.78 9.32
CA ARG A 66 -5.28 -2.70 10.38
C ARG A 66 -4.57 -1.35 10.40
N LEU A 67 -5.31 -0.27 10.20
CA LEU A 67 -4.71 1.07 10.22
C LEU A 67 -4.40 1.49 11.65
N THR A 68 -4.14 2.79 11.83
CA THR A 68 -3.83 3.33 13.16
C THR A 68 -3.50 4.82 13.07
N TRP A 69 -4.34 5.56 12.36
CA TRP A 69 -4.15 7.00 12.20
C TRP A 69 -4.65 7.78 13.41
N HIS A 70 -4.24 7.32 14.60
CA HIS A 70 -4.64 7.98 15.84
C HIS A 70 -3.92 7.36 17.03
N HIS B 1 -12.34 14.80 -9.42
CA HIS B 1 -12.26 14.05 -10.69
C HIS B 1 -13.18 14.66 -11.75
N MET B 2 -14.40 14.97 -11.35
CA MET B 2 -15.38 15.56 -12.27
C MET B 2 -14.89 16.92 -12.79
N LYS B 3 -14.35 17.72 -11.88
CA LYS B 3 -13.85 19.05 -12.24
C LYS B 3 -13.11 19.68 -11.06
N GLU B 4 -12.13 18.95 -10.52
CA GLU B 4 -11.35 19.43 -9.40
C GLU B 4 -10.70 20.78 -9.71
N GLU B 5 -10.15 20.88 -10.92
CA GLU B 5 -9.50 22.11 -11.36
C GLU B 5 -10.51 23.26 -11.42
N SER B 6 -10.98 23.58 -12.64
CA SER B 6 -11.96 24.64 -12.85
C SER B 6 -11.35 26.03 -12.64
N GLU B 7 -10.38 26.13 -11.74
CA GLU B 7 -9.73 27.40 -11.44
C GLU B 7 -8.42 27.23 -10.70
N LYS B 8 -8.35 26.21 -9.84
CA LYS B 8 -7.13 25.96 -9.08
C LYS B 8 -6.87 24.47 -8.90
N PRO B 9 -5.63 24.03 -9.17
CA PRO B 9 -5.24 22.62 -9.04
C PRO B 9 -5.04 22.20 -7.59
N ARG B 10 -5.30 20.93 -7.30
CA ARG B 10 -5.15 20.41 -5.95
C ARG B 10 -4.65 18.96 -5.98
N GLY B 11 -3.70 18.65 -5.09
CA GLY B 11 -3.15 17.31 -5.04
C GLY B 11 -2.37 16.95 -6.28
N PHE B 12 -2.61 15.75 -6.80
CA PHE B 12 -1.93 15.27 -7.99
C PHE B 12 -2.17 16.22 -9.16
N ALA B 13 -3.35 16.82 -9.19
CA ALA B 13 -3.70 17.76 -10.25
C ALA B 13 -2.68 18.89 -10.36
N ARG B 14 -2.13 19.29 -9.22
CA ARG B 14 -1.14 20.35 -9.16
C ARG B 14 0.03 20.05 -10.10
N GLY B 15 0.31 18.77 -10.29
CA GLY B 15 1.40 18.37 -11.15
C GLY B 15 2.64 17.98 -10.37
N LEU B 16 2.79 18.58 -9.20
CA LEU B 16 3.94 18.30 -8.33
C LEU B 16 4.10 16.81 -8.10
N GLU B 17 5.34 16.33 -8.16
CA GLU B 17 5.62 14.93 -7.95
C GLU B 17 5.59 14.59 -6.47
N PRO B 18 4.83 13.55 -6.07
CA PRO B 18 4.73 13.14 -4.67
C PRO B 18 6.04 12.56 -4.15
N GLU B 19 6.63 13.23 -3.16
CA GLU B 19 7.88 12.77 -2.57
C GLU B 19 7.64 11.66 -1.55
N ARG B 20 6.78 11.94 -0.58
CA ARG B 20 6.46 10.97 0.47
C ARG B 20 5.30 11.48 1.30
N ILE B 21 4.31 10.62 1.53
CA ILE B 21 3.14 10.99 2.31
C ILE B 21 3.53 11.37 3.73
N ILE B 22 2.91 12.43 4.24
CA ILE B 22 3.18 12.92 5.58
C ILE B 22 1.88 13.34 6.28
N GLY B 23 0.84 12.52 6.09
CA GLY B 23 -0.44 12.80 6.70
C GLY B 23 -1.51 11.82 6.25
N ALA B 24 -2.57 11.72 7.05
CA ALA B 24 -3.67 10.81 6.74
C ALA B 24 -4.93 11.18 7.51
N THR B 25 -6.07 11.07 6.85
CA THR B 25 -7.34 11.40 7.47
C THR B 25 -8.50 10.77 6.69
N ASP B 26 -9.61 11.50 6.54
CA ASP B 26 -10.76 10.99 5.82
C ASP B 26 -11.86 12.05 5.74
N SER B 27 -12.41 12.24 4.54
CA SER B 27 -13.47 13.22 4.33
C SER B 27 -14.73 12.86 5.11
N SER B 28 -15.24 11.65 4.89
CA SER B 28 -16.43 11.17 5.57
C SER B 28 -16.59 9.67 5.40
N GLY B 29 -15.45 8.98 5.34
CA GLY B 29 -15.46 7.53 5.17
C GLY B 29 -14.23 7.04 4.45
N GLU B 30 -13.93 7.67 3.31
CA GLU B 30 -12.76 7.31 2.53
C GLU B 30 -11.50 7.88 3.15
N LEU B 31 -10.48 7.03 3.30
CA LEU B 31 -9.22 7.46 3.89
C LEU B 31 -8.59 8.58 3.06
N MET B 32 -7.59 9.25 3.64
CA MET B 32 -6.92 10.35 2.96
C MET B 32 -5.42 10.36 3.29
N PHE B 33 -4.66 11.12 2.50
CA PHE B 33 -3.22 11.21 2.70
C PHE B 33 -2.72 12.62 2.36
N LEU B 34 -1.99 13.23 3.29
CA LEU B 34 -1.44 14.56 3.08
C LEU B 34 -0.16 14.47 2.24
N MET B 35 -0.31 14.03 1.00
CA MET B 35 0.81 13.85 0.07
C MET B 35 1.75 15.06 0.04
N LYS B 36 3.05 14.77 0.04
CA LYS B 36 4.08 15.80 -0.03
C LYS B 36 4.42 16.08 -1.49
N TRP B 37 5.07 17.22 -1.77
CA TRP B 37 5.41 17.56 -3.14
C TRP B 37 6.87 17.97 -3.29
N LYS B 38 7.50 17.47 -4.36
CA LYS B 38 8.89 17.79 -4.65
C LYS B 38 9.10 19.29 -4.74
N ASN B 39 10.22 19.77 -4.20
CA ASN B 39 10.55 21.20 -4.22
C ASN B 39 9.32 22.05 -3.92
N SER B 40 8.52 21.59 -2.96
CA SER B 40 7.31 22.29 -2.58
C SER B 40 7.01 22.07 -1.10
N ASP B 41 7.07 23.15 -0.32
CA ASP B 41 6.80 23.07 1.11
C ASP B 41 5.33 22.77 1.37
N GLU B 42 4.46 23.55 0.73
CA GLU B 42 3.03 23.36 0.90
C GLU B 42 2.57 22.08 0.22
N ALA B 43 2.02 21.16 1.02
CA ALA B 43 1.54 19.89 0.49
C ALA B 43 0.08 20.00 0.07
N ASP B 44 -0.63 18.89 0.10
CA ASP B 44 -2.04 18.86 -0.28
C ASP B 44 -2.64 17.48 -0.10
N LEU B 45 -3.84 17.43 0.48
CA LEU B 45 -4.54 16.18 0.72
C LEU B 45 -4.98 15.53 -0.59
N VAL B 46 -4.82 14.20 -0.67
CA VAL B 46 -5.21 13.45 -1.85
C VAL B 46 -6.00 12.20 -1.46
N PRO B 47 -7.14 11.95 -2.13
CA PRO B 47 -7.98 10.80 -1.84
C PRO B 47 -7.19 9.50 -1.80
N ALA B 48 -7.46 8.68 -0.79
CA ALA B 48 -6.78 7.40 -0.63
C ALA B 48 -6.89 6.55 -1.89
N LYS B 49 -8.02 6.64 -2.56
CA LYS B 49 -8.26 5.87 -3.78
C LYS B 49 -7.31 6.30 -4.89
N GLU B 50 -7.05 7.59 -5.00
CA GLU B 50 -6.15 8.09 -6.04
C GLU B 50 -4.70 7.77 -5.72
N ALA B 51 -4.34 7.89 -4.45
CA ALA B 51 -2.96 7.62 -4.02
C ALA B 51 -2.62 6.13 -4.06
N ASN B 52 -3.55 5.28 -3.59
CA ASN B 52 -3.31 3.84 -3.57
C ASN B 52 -3.46 3.20 -4.95
N VAL B 53 -2.93 3.86 -5.97
CA VAL B 53 -3.00 3.37 -7.33
C VAL B 53 -2.01 4.12 -8.22
N LYS B 54 -2.00 5.43 -8.08
CA LYS B 54 -1.10 6.28 -8.84
C LYS B 54 0.29 6.27 -8.18
N CYS B 55 0.29 6.04 -6.87
CA CYS B 55 1.52 5.99 -6.09
C CYS B 55 1.45 4.86 -5.06
N PRO B 56 1.25 3.61 -5.52
CA PRO B 56 1.16 2.45 -4.62
C PRO B 56 2.42 2.28 -3.79
N GLN B 57 3.56 2.35 -4.44
CA GLN B 57 4.85 2.20 -3.75
C GLN B 57 5.01 3.25 -2.65
N VAL B 58 4.59 4.48 -2.96
CA VAL B 58 4.70 5.58 -2.00
C VAL B 58 3.81 5.36 -0.79
N VAL B 59 2.51 5.17 -1.05
CA VAL B 59 1.54 4.96 0.02
C VAL B 59 1.96 3.79 0.90
N ILE B 60 2.40 2.70 0.27
CA ILE B 60 2.85 1.52 1.00
C ILE B 60 4.03 1.87 1.91
N SER B 61 4.94 2.67 1.40
CA SER B 61 6.10 3.08 2.17
C SER B 61 5.68 3.85 3.42
N PHE B 62 4.66 4.69 3.28
CA PHE B 62 4.17 5.49 4.39
C PHE B 62 3.66 4.62 5.54
N TYR B 63 2.88 3.59 5.21
CA TYR B 63 2.34 2.70 6.24
C TYR B 63 3.46 2.11 7.09
N GLU B 64 4.54 1.71 6.42
CA GLU B 64 5.69 1.10 7.10
C GLU B 64 6.01 1.80 8.42
N GLU B 65 6.09 3.12 8.38
CA GLU B 65 6.39 3.88 9.59
C GLU B 65 5.20 3.91 10.54
N ARG B 66 4.02 4.21 10.00
CA ARG B 66 2.81 4.28 10.81
C ARG B 66 2.08 2.94 10.86
N LEU B 67 2.83 1.85 10.99
CA LEU B 67 2.22 0.52 11.07
C LEU B 67 1.60 0.29 12.44
N THR B 68 1.27 -0.95 12.75
CA THR B 68 0.66 -1.31 14.02
C THR B 68 0.33 -2.80 14.09
N TRP B 69 1.31 -3.62 13.71
CA TRP B 69 1.12 -5.06 13.71
C TRP B 69 1.32 -5.64 15.11
N HIS B 70 0.66 -5.04 16.09
CA HIS B 70 0.75 -5.50 17.47
C HIS B 70 -0.21 -4.73 18.37
N HIS A 1 10.28 -18.81 -15.30
CA HIS A 1 10.53 -20.11 -14.60
C HIS A 1 11.22 -19.88 -13.26
N MET A 2 10.70 -20.48 -12.21
CA MET A 2 11.26 -20.35 -10.88
C MET A 2 12.65 -20.98 -10.80
N LYS A 3 13.62 -20.23 -10.28
CA LYS A 3 14.98 -20.71 -10.15
C LYS A 3 15.05 -21.86 -9.14
N GLU A 4 15.69 -22.96 -9.54
CA GLU A 4 15.82 -24.11 -8.67
C GLU A 4 16.75 -23.81 -7.50
N GLU A 5 17.92 -23.27 -7.81
CA GLU A 5 18.90 -22.93 -6.78
C GLU A 5 18.45 -21.69 -5.99
N SER A 6 19.27 -20.64 -5.99
CA SER A 6 18.95 -19.41 -5.28
C SER A 6 18.72 -19.69 -3.80
N GLU A 7 19.55 -20.55 -3.23
CA GLU A 7 19.45 -20.91 -1.82
C GLU A 7 18.04 -21.40 -1.47
N LYS A 8 17.51 -22.28 -2.32
CA LYS A 8 16.16 -22.83 -2.12
C LYS A 8 15.11 -21.73 -2.23
N PRO A 9 14.08 -21.96 -3.07
CA PRO A 9 13.00 -20.98 -3.27
C PRO A 9 12.20 -20.72 -2.00
N ARG A 10 11.85 -19.46 -1.78
CA ARG A 10 11.09 -19.06 -0.61
C ARG A 10 10.23 -17.84 -0.91
N GLY A 11 8.96 -17.89 -0.52
CA GLY A 11 8.06 -16.79 -0.76
C GLY A 11 7.91 -16.47 -2.24
N PHE A 12 8.15 -15.22 -2.60
CA PHE A 12 8.05 -14.78 -3.99
C PHE A 12 8.83 -15.71 -4.91
N ALA A 13 9.98 -16.19 -4.43
CA ALA A 13 10.80 -17.10 -5.22
C ALA A 13 10.02 -18.34 -5.61
N ARG A 14 9.25 -18.86 -4.66
CA ARG A 14 8.43 -20.04 -4.89
C ARG A 14 7.45 -19.80 -6.04
N GLY A 15 7.03 -18.55 -6.18
CA GLY A 15 6.09 -18.19 -7.23
C GLY A 15 4.66 -18.43 -6.83
N LEU A 16 4.39 -18.36 -5.53
CA LEU A 16 3.05 -18.57 -5.00
C LEU A 16 2.20 -17.31 -5.18
N GLU A 17 0.96 -17.49 -5.61
CA GLU A 17 0.05 -16.37 -5.81
C GLU A 17 -0.40 -15.81 -4.47
N PRO A 18 -0.17 -14.52 -4.22
CA PRO A 18 -0.56 -13.88 -2.96
C PRO A 18 -2.08 -13.84 -2.78
N GLU A 19 -2.56 -14.65 -1.84
CA GLU A 19 -3.99 -14.71 -1.55
C GLU A 19 -4.39 -13.54 -0.64
N ARG A 20 -3.73 -13.47 0.51
CA ARG A 20 -3.98 -12.41 1.48
C ARG A 20 -2.94 -12.45 2.58
N ILE A 21 -2.31 -11.31 2.85
CA ILE A 21 -1.29 -11.23 3.88
C ILE A 21 -1.88 -11.45 5.26
N ILE A 22 -1.16 -12.20 6.09
CA ILE A 22 -1.61 -12.50 7.45
C ILE A 22 -0.44 -12.43 8.43
N GLY A 23 0.40 -11.40 8.29
CA GLY A 23 1.54 -11.25 9.16
C GLY A 23 2.38 -10.04 8.80
N ALA A 24 3.14 -9.54 9.78
CA ALA A 24 3.99 -8.38 9.57
C ALA A 24 5.11 -8.36 10.60
N THR A 25 6.32 -8.02 10.15
CA THR A 25 7.47 -7.97 11.03
C THR A 25 8.59 -7.11 10.44
N ASP A 26 9.05 -6.13 11.22
CA ASP A 26 10.11 -5.24 10.78
C ASP A 26 11.48 -5.81 11.14
N SER A 27 11.69 -7.08 10.83
CA SER A 27 12.96 -7.75 11.12
C SER A 27 14.13 -6.97 10.54
N SER A 28 15.18 -6.80 11.35
CA SER A 28 16.38 -6.07 10.95
C SER A 28 16.13 -4.56 10.92
N GLY A 29 14.99 -4.17 10.35
CA GLY A 29 14.65 -2.76 10.27
C GLY A 29 13.50 -2.52 9.31
N GLU A 30 13.56 -3.20 8.17
CA GLU A 30 12.53 -3.07 7.15
C GLU A 30 11.33 -3.96 7.47
N LEU A 31 10.13 -3.40 7.33
CA LEU A 31 8.90 -4.15 7.60
C LEU A 31 8.77 -5.33 6.65
N MET A 32 7.85 -6.25 6.95
CA MET A 32 7.64 -7.42 6.11
C MET A 32 6.17 -7.84 6.12
N PHE A 33 5.89 -8.99 5.49
CA PHE A 33 4.52 -9.50 5.41
C PHE A 33 4.52 -11.02 5.33
N LEU A 34 3.74 -11.66 6.19
CA LEU A 34 3.66 -13.11 6.21
C LEU A 34 2.50 -13.60 5.34
N MET A 35 2.65 -13.45 4.02
CA MET A 35 1.61 -13.88 3.08
C MET A 35 1.28 -15.36 3.25
N LYS A 36 -0.01 -15.68 3.17
CA LYS A 36 -0.48 -17.06 3.31
C LYS A 36 -0.27 -17.86 2.03
N TRP A 37 -0.36 -17.17 0.89
CA TRP A 37 -0.19 -17.80 -0.42
C TRP A 37 -1.38 -18.69 -0.77
N LYS A 38 -1.78 -18.66 -2.04
CA LYS A 38 -2.91 -19.46 -2.51
C LYS A 38 -2.56 -20.94 -2.61
N ASN A 39 -3.48 -21.79 -2.16
CA ASN A 39 -3.29 -23.25 -2.20
C ASN A 39 -1.88 -23.65 -1.79
N SER A 40 -1.27 -22.88 -0.90
CA SER A 40 0.07 -23.17 -0.43
C SER A 40 0.05 -23.91 0.89
N ASP A 41 -0.89 -23.53 1.75
CA ASP A 41 -1.05 -24.14 3.07
C ASP A 41 0.05 -23.65 4.02
N GLU A 42 1.28 -23.60 3.52
CA GLU A 42 2.41 -23.13 4.32
C GLU A 42 2.33 -21.63 4.54
N ALA A 43 3.49 -21.00 4.68
CA ALA A 43 3.58 -19.56 4.88
C ALA A 43 5.05 -19.11 4.89
N ASP A 44 5.29 -17.90 4.41
CA ASP A 44 6.65 -17.38 4.37
C ASP A 44 6.68 -15.85 4.35
N LEU A 45 7.55 -15.27 5.18
CA LEU A 45 7.70 -13.83 5.27
C LEU A 45 8.31 -13.26 4.01
N VAL A 46 7.83 -12.08 3.61
CA VAL A 46 8.33 -11.42 2.42
C VAL A 46 8.66 -9.95 2.72
N PRO A 47 9.84 -9.47 2.27
CA PRO A 47 10.26 -8.09 2.49
C PRO A 47 9.22 -7.10 2.00
N ALA A 48 8.86 -6.16 2.87
CA ALA A 48 7.86 -5.15 2.54
C ALA A 48 8.20 -4.44 1.23
N LYS A 49 9.49 -4.13 1.05
CA LYS A 49 9.94 -3.44 -0.15
C LYS A 49 9.59 -4.23 -1.41
N GLU A 50 9.88 -5.52 -1.40
CA GLU A 50 9.60 -6.39 -2.54
C GLU A 50 8.10 -6.60 -2.73
N ALA A 51 7.38 -6.71 -1.62
CA ALA A 51 5.94 -6.93 -1.66
C ALA A 51 5.17 -5.74 -2.23
N ASN A 52 5.59 -4.53 -1.87
CA ASN A 52 4.92 -3.32 -2.35
C ASN A 52 5.09 -3.11 -3.85
N VAL A 53 6.26 -3.46 -4.38
CA VAL A 53 6.53 -3.29 -5.80
C VAL A 53 5.91 -4.40 -6.64
N LYS A 54 6.06 -5.64 -6.16
CA LYS A 54 5.52 -6.80 -6.87
C LYS A 54 4.00 -6.93 -6.72
N CYS A 55 3.49 -6.54 -5.56
CA CYS A 55 2.05 -6.63 -5.29
C CYS A 55 1.60 -5.57 -4.29
N PRO A 56 1.60 -4.30 -4.71
CA PRO A 56 1.19 -3.18 -3.85
C PRO A 56 -0.25 -3.31 -3.39
N GLN A 57 -1.13 -3.78 -4.26
CA GLN A 57 -2.54 -3.94 -3.93
C GLN A 57 -2.73 -4.87 -2.74
N VAL A 58 -1.98 -5.97 -2.72
CA VAL A 58 -2.07 -6.95 -1.65
C VAL A 58 -1.68 -6.34 -0.30
N VAL A 59 -0.48 -5.76 -0.26
CA VAL A 59 0.01 -5.15 0.96
C VAL A 59 -0.98 -4.11 1.49
N ILE A 60 -1.52 -3.31 0.57
CA ILE A 60 -2.50 -2.29 0.93
C ILE A 60 -3.72 -2.93 1.56
N SER A 61 -4.15 -4.06 1.00
CA SER A 61 -5.30 -4.77 1.52
C SER A 61 -5.07 -5.20 2.96
N PHE A 62 -3.83 -5.56 3.27
CA PHE A 62 -3.47 -6.00 4.62
C PHE A 62 -3.65 -4.88 5.65
N TYR A 63 -3.19 -3.67 5.33
CA TYR A 63 -3.32 -2.55 6.25
C TYR A 63 -4.79 -2.30 6.56
N GLU A 64 -5.60 -2.16 5.51
CA GLU A 64 -7.03 -1.91 5.65
C GLU A 64 -7.68 -2.93 6.58
N GLU A 65 -7.14 -4.15 6.59
CA GLU A 65 -7.67 -5.22 7.43
C GLU A 65 -7.76 -4.80 8.90
N ARG A 66 -6.80 -4.00 9.35
CA ARG A 66 -6.79 -3.56 10.75
C ARG A 66 -6.54 -2.06 10.87
N LEU A 67 -5.43 -1.57 10.30
CA LEU A 67 -5.10 -0.15 10.37
C LEU A 67 -5.00 0.31 11.82
N THR A 68 -5.24 1.60 12.04
CA THR A 68 -5.20 2.18 13.39
C THR A 68 -5.46 3.69 13.35
N TRP A 69 -4.60 4.42 12.65
CA TRP A 69 -4.74 5.87 12.53
C TRP A 69 -5.03 6.52 13.88
N HIS A 70 -4.27 6.11 14.89
CA HIS A 70 -4.44 6.64 16.24
C HIS A 70 -3.35 6.11 17.16
N HIS B 1 -5.27 16.51 -19.83
CA HIS B 1 -5.69 17.88 -19.40
C HIS B 1 -6.73 17.81 -18.29
N MET B 2 -6.50 18.56 -17.22
CA MET B 2 -7.42 18.58 -16.09
C MET B 2 -8.76 19.19 -16.48
N LYS B 3 -9.84 18.49 -16.16
CA LYS B 3 -11.18 18.97 -16.47
C LYS B 3 -11.51 20.23 -15.68
N GLU B 4 -12.00 21.26 -16.38
CA GLU B 4 -12.35 22.52 -15.73
C GLU B 4 -13.56 22.35 -14.84
N GLU B 5 -14.62 21.75 -15.39
CA GLU B 5 -15.86 21.52 -14.64
C GLU B 5 -15.66 20.41 -13.60
N SER B 6 -16.47 19.35 -13.71
CA SER B 6 -16.37 18.23 -12.77
C SER B 6 -16.57 18.70 -11.34
N GLU B 7 -17.50 19.61 -11.14
CA GLU B 7 -17.79 20.14 -9.81
C GLU B 7 -16.53 20.70 -9.16
N LYS B 8 -15.76 21.48 -9.92
CA LYS B 8 -14.52 22.08 -9.43
C LYS B 8 -13.49 21.00 -9.11
N PRO B 9 -12.26 21.12 -9.65
CA PRO B 9 -11.20 20.15 -9.41
C PRO B 9 -10.80 20.07 -7.94
N ARG B 10 -10.53 18.86 -7.48
CA ARG B 10 -10.13 18.62 -6.10
C ARG B 10 -9.24 17.38 -5.99
N GLY B 11 -8.13 17.52 -5.27
CA GLY B 11 -7.22 16.40 -5.11
C GLY B 11 -6.67 15.90 -6.43
N PHE B 12 -6.83 14.61 -6.68
CA PHE B 12 -6.36 14.00 -7.93
C PHE B 12 -6.83 14.80 -9.14
N ALA B 13 -8.06 15.31 -9.07
CA ALA B 13 -8.61 16.09 -10.16
C ALA B 13 -7.73 17.29 -10.47
N ARG B 14 -7.23 17.94 -9.41
CA ARG B 14 -6.36 19.10 -9.56
C ARG B 14 -5.11 18.73 -10.35
N GLY B 15 -4.69 17.48 -10.21
CA GLY B 15 -3.50 17.01 -10.90
C GLY B 15 -2.23 17.33 -10.15
N LEU B 16 -2.34 17.42 -8.83
CA LEU B 16 -1.20 17.71 -7.98
C LEU B 16 -0.35 16.46 -7.75
N GLU B 17 0.96 16.61 -7.85
CA GLU B 17 1.86 15.49 -7.64
C GLU B 17 1.92 15.12 -6.16
N PRO B 18 1.60 13.85 -5.82
CA PRO B 18 1.61 13.39 -4.43
C PRO B 18 3.02 13.40 -3.83
N GLU B 19 3.24 14.34 -2.91
CA GLU B 19 4.54 14.45 -2.24
C GLU B 19 4.64 13.43 -1.12
N ARG B 20 3.69 13.48 -0.19
CA ARG B 20 3.64 12.57 0.93
C ARG B 20 2.33 12.73 1.68
N ILE B 21 1.63 11.62 1.91
CA ILE B 21 0.36 11.66 2.62
C ILE B 21 0.55 12.06 4.08
N ILE B 22 -0.36 12.90 4.57
CA ILE B 22 -0.31 13.38 5.94
C ILE B 22 -1.70 13.41 6.56
N GLY B 23 -2.48 12.37 6.32
CA GLY B 23 -3.82 12.30 6.85
C GLY B 23 -4.55 11.04 6.44
N ALA B 24 -5.55 10.66 7.22
CA ALA B 24 -6.34 9.47 6.93
C ALA B 24 -7.71 9.54 7.61
N THR B 25 -8.74 9.14 6.88
CA THR B 25 -10.10 9.17 7.41
C THR B 25 -11.02 8.23 6.65
N ASP B 26 -11.70 7.36 7.38
CA ASP B 26 -12.62 6.39 6.78
C ASP B 26 -14.02 6.98 6.67
N SER B 27 -14.10 8.20 6.15
CA SER B 27 -15.39 8.88 5.99
C SER B 27 -16.38 8.01 5.21
N SER B 28 -17.61 7.92 5.71
CA SER B 28 -18.66 7.12 5.10
C SER B 28 -18.44 5.63 5.34
N GLY B 29 -17.20 5.19 5.16
CA GLY B 29 -16.87 3.79 5.35
C GLY B 29 -15.52 3.45 4.79
N GLU B 30 -15.23 3.98 3.60
CA GLU B 30 -13.96 3.73 2.94
C GLU B 30 -12.89 4.68 3.47
N LEU B 31 -11.71 4.13 3.72
CA LEU B 31 -10.59 4.92 4.23
C LEU B 31 -10.18 5.98 3.22
N MET B 32 -9.36 6.93 3.64
CA MET B 32 -8.90 8.00 2.75
C MET B 32 -7.49 8.45 3.11
N PHE B 33 -7.02 9.51 2.44
CA PHE B 33 -5.68 10.03 2.69
C PHE B 33 -5.62 11.53 2.41
N LEU B 34 -5.11 12.29 3.37
CA LEU B 34 -5.00 13.73 3.22
C LEU B 34 -3.64 14.13 2.65
N MET B 35 -3.41 13.82 1.38
CA MET B 35 -2.16 14.12 0.71
C MET B 35 -1.85 15.62 0.77
N LYS B 36 -0.59 15.96 1.01
CA LYS B 36 -0.15 17.35 1.11
C LYS B 36 0.02 17.97 -0.28
N TRP B 37 0.41 17.16 -1.24
CA TRP B 37 0.62 17.60 -2.62
C TRP B 37 1.88 18.47 -2.74
N LYS B 38 2.62 18.27 -3.83
CA LYS B 38 3.85 19.03 -4.06
C LYS B 38 3.56 20.47 -4.45
N ASN B 39 4.33 21.40 -3.87
CA ASN B 39 4.19 22.83 -4.15
C ASN B 39 2.74 23.25 -4.21
N SER B 40 1.89 22.60 -3.43
CA SER B 40 0.48 22.91 -3.39
C SER B 40 0.15 23.83 -2.22
N ASP B 41 0.80 23.57 -1.08
CA ASP B 41 0.59 24.35 0.14
C ASP B 41 -0.73 23.96 0.80
N GLU B 42 -1.78 23.83 -0.01
CA GLU B 42 -3.09 23.44 0.48
C GLU B 42 -3.11 21.98 0.91
N ALA B 43 -4.27 21.36 0.79
CA ALA B 43 -4.45 19.96 1.16
C ALA B 43 -5.85 19.48 0.81
N ASP B 44 -5.99 18.21 0.44
CA ASP B 44 -7.29 17.66 0.08
C ASP B 44 -7.34 16.15 0.26
N LEU B 45 -8.41 15.67 0.88
CA LEU B 45 -8.61 14.25 1.11
C LEU B 45 -8.85 13.51 -0.19
N VAL B 46 -8.31 12.30 -0.29
CA VAL B 46 -8.47 11.47 -1.48
C VAL B 46 -8.90 10.06 -1.10
N PRO B 47 -9.91 9.51 -1.78
CA PRO B 47 -10.41 8.16 -1.52
C PRO B 47 -9.29 7.13 -1.56
N ALA B 48 -9.20 6.31 -0.51
CA ALA B 48 -8.17 5.28 -0.42
C ALA B 48 -8.14 4.41 -1.67
N LYS B 49 -9.33 4.06 -2.16
CA LYS B 49 -9.45 3.21 -3.34
C LYS B 49 -8.74 3.83 -4.55
N GLU B 50 -9.00 5.12 -4.78
CA GLU B 50 -8.40 5.84 -5.90
C GLU B 50 -6.90 6.05 -5.70
N ALA B 51 -6.52 6.32 -4.45
CA ALA B 51 -5.11 6.56 -4.11
C ALA B 51 -4.24 5.32 -4.29
N ASN B 52 -4.76 4.15 -3.91
CA ASN B 52 -4.00 2.91 -4.02
C ASN B 52 -3.76 2.52 -5.48
N VAL B 53 -4.74 2.76 -6.35
CA VAL B 53 -4.60 2.41 -7.75
C VAL B 53 -3.75 3.42 -8.52
N LYS B 54 -4.00 4.69 -8.27
CA LYS B 54 -3.27 5.77 -8.94
C LYS B 54 -1.85 5.95 -8.38
N CYS B 55 -1.68 5.71 -7.10
CA CYS B 55 -0.38 5.87 -6.45
C CYS B 55 -0.24 4.96 -5.24
N PRO B 56 -0.15 3.63 -5.47
CA PRO B 56 -0.01 2.64 -4.40
C PRO B 56 1.25 2.85 -3.56
N GLN B 57 2.34 3.23 -4.22
CA GLN B 57 3.61 3.45 -3.54
C GLN B 57 3.48 4.52 -2.46
N VAL B 58 2.77 5.61 -2.80
CA VAL B 58 2.58 6.72 -1.87
C VAL B 58 1.81 6.27 -0.64
N VAL B 59 0.64 5.68 -0.85
CA VAL B 59 -0.19 5.23 0.26
C VAL B 59 0.60 4.28 1.16
N ILE B 60 1.36 3.38 0.55
CA ILE B 60 2.18 2.43 1.29
C ILE B 60 3.19 3.17 2.15
N SER B 61 3.77 4.23 1.59
CA SER B 61 4.75 5.03 2.30
C SER B 61 4.13 5.63 3.57
N PHE B 62 2.86 6.00 3.47
CA PHE B 62 2.15 6.60 4.60
C PHE B 62 2.03 5.63 5.77
N TYR B 63 1.64 4.38 5.49
CA TYR B 63 1.50 3.38 6.55
C TYR B 63 2.82 3.20 7.29
N GLU B 64 3.88 2.95 6.53
CA GLU B 64 5.21 2.75 7.09
C GLU B 64 5.60 3.89 8.03
N GLU B 65 5.10 5.08 7.73
CA GLU B 65 5.40 6.26 8.54
C GLU B 65 5.06 6.04 10.01
N ARG B 66 4.00 5.28 10.28
CA ARG B 66 3.59 5.02 11.67
C ARG B 66 3.29 3.54 11.91
N LEU B 67 2.39 2.98 11.12
CA LEU B 67 2.00 1.57 11.27
C LEU B 67 1.51 1.29 12.68
N THR B 68 1.66 0.05 13.13
CA THR B 68 1.23 -0.36 14.46
C THR B 68 1.47 -1.85 14.70
N TRP B 69 0.83 -2.69 13.88
CA TRP B 69 0.97 -4.13 14.00
C TRP B 69 0.85 -4.60 15.44
N HIS B 70 -0.15 -4.06 16.15
CA HIS B 70 -0.37 -4.43 17.54
C HIS B 70 -1.67 -3.81 18.05
N HIS A 1 18.96 -15.16 -14.00
CA HIS A 1 18.54 -16.57 -13.72
C HIS A 1 19.54 -17.27 -12.81
N MET A 2 19.02 -17.97 -11.80
CA MET A 2 19.86 -18.70 -10.84
C MET A 2 20.72 -17.75 -10.03
N LYS A 3 20.77 -17.99 -8.72
CA LYS A 3 21.55 -17.14 -7.82
C LYS A 3 21.59 -17.73 -6.42
N GLU A 4 20.42 -18.10 -5.90
CA GLU A 4 20.31 -18.69 -4.56
C GLU A 4 19.09 -19.59 -4.47
N GLU A 5 17.96 -19.10 -4.97
CA GLU A 5 16.71 -19.87 -4.94
C GLU A 5 16.79 -21.09 -5.86
N SER A 6 15.66 -21.40 -6.51
CA SER A 6 15.57 -22.53 -7.43
C SER A 6 15.56 -23.86 -6.68
N GLU A 7 16.55 -24.07 -5.81
CA GLU A 7 16.63 -25.30 -5.03
C GLU A 7 15.55 -25.33 -3.95
N LYS A 8 15.41 -24.23 -3.22
CA LYS A 8 14.41 -24.14 -2.16
C LYS A 8 13.54 -22.88 -2.35
N PRO A 9 12.78 -22.82 -3.46
CA PRO A 9 11.91 -21.69 -3.76
C PRO A 9 11.01 -21.32 -2.58
N ARG A 10 10.80 -20.02 -2.39
CA ARG A 10 9.96 -19.52 -1.30
C ARG A 10 9.32 -18.20 -1.67
N GLY A 11 8.10 -17.98 -1.20
CA GLY A 11 7.39 -16.75 -1.48
C GLY A 11 7.07 -16.60 -2.96
N PHE A 12 7.30 -15.41 -3.50
CA PHE A 12 7.04 -15.15 -4.91
C PHE A 12 7.77 -16.14 -5.80
N ALA A 13 8.93 -16.61 -5.34
CA ALA A 13 9.72 -17.58 -6.10
C ALA A 13 8.88 -18.80 -6.46
N ARG A 14 8.08 -19.26 -5.50
CA ARG A 14 7.21 -20.41 -5.71
C ARG A 14 6.24 -20.14 -6.84
N GLY A 15 5.93 -18.85 -7.05
CA GLY A 15 5.01 -18.46 -8.10
C GLY A 15 3.57 -18.50 -7.63
N LEU A 16 3.37 -18.27 -6.33
CA LEU A 16 2.04 -18.27 -5.75
C LEU A 16 1.41 -16.88 -5.83
N GLU A 17 0.14 -16.83 -6.22
CA GLU A 17 -0.57 -15.56 -6.32
C GLU A 17 -0.98 -15.08 -4.93
N PRO A 18 -0.66 -13.83 -4.58
CA PRO A 18 -1.01 -13.27 -3.26
C PRO A 18 -2.52 -13.25 -3.01
N GLU A 19 -2.96 -14.09 -2.06
CA GLU A 19 -4.38 -14.16 -1.72
C GLU A 19 -4.72 -13.09 -0.68
N ARG A 20 -3.96 -13.08 0.40
CA ARG A 20 -4.16 -12.12 1.49
C ARG A 20 -3.07 -12.28 2.53
N ILE A 21 -2.41 -11.17 2.86
CA ILE A 21 -1.34 -11.19 3.84
C ILE A 21 -1.87 -11.44 5.26
N ILE A 22 -1.15 -12.25 6.02
CA ILE A 22 -1.53 -12.58 7.38
C ILE A 22 -0.32 -12.53 8.30
N GLY A 23 0.50 -11.50 8.14
CA GLY A 23 1.69 -11.37 8.95
C GLY A 23 2.43 -10.06 8.69
N ALA A 24 3.02 -9.50 9.73
CA ALA A 24 3.77 -8.26 9.62
C ALA A 24 4.99 -8.28 10.52
N THR A 25 5.75 -9.37 10.40
CA THR A 25 6.95 -9.57 11.20
C THR A 25 8.04 -8.55 10.86
N ASP A 26 8.62 -7.95 11.89
CA ASP A 26 9.68 -6.98 11.71
C ASP A 26 11.03 -7.59 12.08
N SER A 27 11.29 -8.80 11.59
CA SER A 27 12.53 -9.50 11.87
C SER A 27 13.75 -8.63 11.59
N SER A 28 14.67 -8.59 12.56
CA SER A 28 15.90 -7.79 12.44
C SER A 28 15.62 -6.30 12.57
N GLY A 29 14.61 -5.82 11.85
CA GLY A 29 14.27 -4.42 11.90
C GLY A 29 13.35 -4.01 10.77
N GLU A 30 13.45 -4.72 9.65
CA GLU A 30 12.63 -4.45 8.49
C GLU A 30 11.29 -5.18 8.56
N LEU A 31 10.21 -4.44 8.28
CA LEU A 31 8.87 -5.01 8.31
C LEU A 31 8.70 -6.00 7.16
N MET A 32 7.90 -7.04 7.39
CA MET A 32 7.66 -8.06 6.36
C MET A 32 6.19 -8.42 6.26
N PHE A 33 5.88 -9.44 5.47
CA PHE A 33 4.50 -9.89 5.29
C PHE A 33 4.43 -11.40 5.05
N LEU A 34 3.53 -12.05 5.76
CA LEU A 34 3.36 -13.50 5.64
C LEU A 34 2.14 -13.83 4.78
N MET A 35 2.28 -13.65 3.47
CA MET A 35 1.18 -13.93 2.53
C MET A 35 0.75 -15.38 2.63
N LYS A 36 -0.57 -15.60 2.65
CA LYS A 36 -1.14 -16.95 2.74
C LYS A 36 -1.00 -17.69 1.41
N TRP A 37 -1.03 -16.93 0.31
CA TRP A 37 -0.92 -17.49 -1.03
C TRP A 37 -2.19 -18.21 -1.45
N LYS A 38 -2.65 -17.95 -2.67
CA LYS A 38 -3.86 -18.57 -3.20
C LYS A 38 -3.63 -20.06 -3.46
N ASN A 39 -4.67 -20.85 -3.19
CA ASN A 39 -4.60 -22.30 -3.38
C ASN A 39 -3.27 -22.87 -2.90
N SER A 40 -2.82 -22.38 -1.75
CA SER A 40 -1.56 -22.84 -1.16
C SER A 40 -1.57 -22.66 0.35
N ASP A 41 -1.57 -23.78 1.06
CA ASP A 41 -1.58 -23.76 2.52
C ASP A 41 -0.22 -23.32 3.07
N GLU A 42 0.84 -23.68 2.37
CA GLU A 42 2.19 -23.34 2.79
C GLU A 42 2.36 -21.82 2.87
N ALA A 43 2.59 -21.32 4.08
CA ALA A 43 2.78 -19.89 4.30
C ALA A 43 4.25 -19.52 4.14
N ASP A 44 4.52 -18.36 3.54
CA ASP A 44 5.90 -17.93 3.33
C ASP A 44 6.05 -16.42 3.53
N LEU A 45 7.08 -16.04 4.30
CA LEU A 45 7.37 -14.63 4.57
C LEU A 45 8.01 -13.98 3.36
N VAL A 46 7.70 -12.70 3.15
CA VAL A 46 8.25 -11.95 2.03
C VAL A 46 8.54 -10.51 2.45
N PRO A 47 9.73 -9.99 2.12
CA PRO A 47 10.12 -8.63 2.46
C PRO A 47 9.07 -7.61 2.05
N ALA A 48 8.74 -6.70 2.98
CA ALA A 48 7.74 -5.68 2.73
C ALA A 48 8.03 -4.91 1.46
N LYS A 49 9.28 -4.48 1.30
CA LYS A 49 9.69 -3.72 0.13
C LYS A 49 9.38 -4.48 -1.16
N GLU A 50 9.68 -5.78 -1.16
CA GLU A 50 9.43 -6.61 -2.33
C GLU A 50 7.94 -6.70 -2.63
N ALA A 51 7.14 -6.92 -1.59
CA ALA A 51 5.69 -7.03 -1.73
C ALA A 51 5.08 -5.74 -2.30
N ASN A 52 5.68 -4.60 -1.99
CA ASN A 52 5.17 -3.32 -2.45
C ASN A 52 5.18 -3.23 -3.98
N VAL A 53 6.29 -3.61 -4.59
CA VAL A 53 6.42 -3.57 -6.05
C VAL A 53 5.70 -4.73 -6.73
N LYS A 54 5.86 -5.92 -6.18
CA LYS A 54 5.24 -7.12 -6.73
C LYS A 54 3.72 -7.10 -6.62
N CYS A 55 3.21 -6.53 -5.53
CA CYS A 55 1.77 -6.47 -5.32
C CYS A 55 1.43 -5.48 -4.20
N PRO A 56 1.43 -4.18 -4.52
CA PRO A 56 1.13 -3.13 -3.54
C PRO A 56 -0.30 -3.18 -3.04
N GLN A 57 -1.22 -3.51 -3.94
CA GLN A 57 -2.64 -3.60 -3.57
C GLN A 57 -2.85 -4.55 -2.40
N VAL A 58 -2.13 -5.67 -2.43
CA VAL A 58 -2.25 -6.68 -1.37
C VAL A 58 -1.83 -6.13 -0.01
N VAL A 59 -0.61 -5.61 0.06
CA VAL A 59 -0.11 -5.06 1.31
C VAL A 59 -1.05 -4.00 1.85
N ILE A 60 -1.58 -3.17 0.95
CA ILE A 60 -2.51 -2.11 1.33
C ILE A 60 -3.73 -2.71 2.02
N SER A 61 -4.24 -3.80 1.46
CA SER A 61 -5.40 -4.47 2.01
C SER A 61 -5.11 -4.99 3.42
N PHE A 62 -3.87 -5.41 3.64
CA PHE A 62 -3.46 -5.94 4.93
C PHE A 62 -3.63 -4.91 6.04
N TYR A 63 -3.17 -3.67 5.80
CA TYR A 63 -3.29 -2.61 6.80
C TYR A 63 -4.75 -2.42 7.19
N GLU A 64 -5.63 -2.42 6.20
CA GLU A 64 -7.06 -2.24 6.43
C GLU A 64 -7.57 -3.24 7.46
N GLU A 65 -7.04 -4.46 7.40
CA GLU A 65 -7.44 -5.53 8.32
C GLU A 65 -7.19 -5.14 9.77
N ARG A 66 -6.10 -4.42 10.02
CA ARG A 66 -5.76 -4.01 11.39
C ARG A 66 -5.19 -2.59 11.44
N LEU A 67 -5.94 -1.63 10.93
CA LEU A 67 -5.50 -0.23 10.95
C LEU A 67 -5.47 0.30 12.38
N THR A 68 -5.65 1.61 12.53
CA THR A 68 -5.64 2.25 13.83
C THR A 68 -5.83 3.76 13.72
N TRP A 69 -4.83 4.45 13.17
CA TRP A 69 -4.90 5.90 13.00
C TRP A 69 -5.30 6.60 14.29
N HIS A 70 -4.63 6.24 15.39
CA HIS A 70 -4.91 6.84 16.68
C HIS A 70 -3.82 6.48 17.69
N HIS B 1 -14.04 12.91 -20.54
CA HIS B 1 -13.70 14.33 -20.35
C HIS B 1 -14.89 15.13 -19.84
N MET B 2 -14.66 15.97 -18.84
CA MET B 2 -15.71 16.79 -18.24
C MET B 2 -16.78 15.93 -17.57
N LYS B 3 -17.20 16.34 -16.38
CA LYS B 3 -18.21 15.60 -15.64
C LYS B 3 -18.63 16.37 -14.38
N GLU B 4 -17.63 16.83 -13.61
CA GLU B 4 -17.90 17.57 -12.39
C GLU B 4 -16.73 18.51 -12.07
N GLU B 5 -15.51 17.99 -12.17
CA GLU B 5 -14.31 18.77 -11.89
C GLU B 5 -14.10 19.85 -12.96
N SER B 6 -12.83 20.10 -13.29
CA SER B 6 -12.47 21.11 -14.30
C SER B 6 -12.65 22.52 -13.75
N GLU B 7 -13.83 22.82 -13.22
CA GLU B 7 -14.12 24.14 -12.65
C GLU B 7 -13.38 24.33 -11.33
N LYS B 8 -13.46 23.34 -10.46
CA LYS B 8 -12.79 23.39 -9.15
C LYS B 8 -11.93 22.15 -8.93
N PRO B 9 -10.90 21.95 -9.78
CA PRO B 9 -10.00 20.81 -9.66
C PRO B 9 -9.47 20.61 -8.25
N ARG B 10 -9.34 19.35 -7.85
CA ARG B 10 -8.84 19.01 -6.51
C ARG B 10 -8.14 17.66 -6.52
N GLY B 11 -7.11 17.53 -5.69
CA GLY B 11 -6.37 16.29 -5.62
C GLY B 11 -5.66 15.95 -6.91
N PHE B 12 -5.76 14.70 -7.33
CA PHE B 12 -5.12 14.26 -8.57
C PHE B 12 -5.55 15.13 -9.75
N ALA B 13 -6.78 15.63 -9.69
CA ALA B 13 -7.32 16.47 -10.76
C ALA B 13 -6.39 17.65 -11.03
N ARG B 14 -5.88 18.25 -9.96
CA ARG B 14 -4.96 19.38 -10.06
C ARG B 14 -3.71 18.97 -10.83
N GLY B 15 -3.39 17.68 -10.78
CA GLY B 15 -2.23 17.18 -11.46
C GLY B 15 -0.96 17.30 -10.63
N LEU B 16 -1.14 17.24 -9.31
CA LEU B 16 -0.02 17.34 -8.38
C LEU B 16 0.58 15.98 -8.10
N GLU B 17 1.90 15.89 -8.12
CA GLU B 17 2.58 14.63 -7.86
C GLU B 17 2.59 14.34 -6.36
N PRO B 18 2.16 13.13 -5.95
CA PRO B 18 2.12 12.77 -4.53
C PRO B 18 3.49 12.80 -3.87
N GLU B 19 3.67 13.75 -2.95
CA GLU B 19 4.93 13.90 -2.23
C GLU B 19 4.96 12.98 -1.02
N ARG B 20 3.93 13.10 -0.19
CA ARG B 20 3.80 12.28 1.01
C ARG B 20 2.46 12.56 1.69
N ILE B 21 1.72 11.49 1.96
CA ILE B 21 0.42 11.61 2.60
C ILE B 21 0.54 12.05 4.05
N ILE B 22 -0.35 12.94 4.47
CA ILE B 22 -0.35 13.44 5.84
C ILE B 22 -1.77 13.51 6.39
N GLY B 23 -2.54 12.45 6.13
CA GLY B 23 -3.90 12.38 6.60
C GLY B 23 -4.56 11.06 6.30
N ALA B 24 -5.43 10.61 7.20
CA ALA B 24 -6.13 9.35 7.05
C ALA B 24 -7.57 9.47 7.57
N THR B 25 -8.23 10.52 7.10
CA THR B 25 -9.61 10.80 7.50
C THR B 25 -10.58 9.72 7.01
N ASP B 26 -11.44 9.26 7.90
CA ASP B 26 -12.42 8.24 7.56
C ASP B 26 -13.81 8.88 7.47
N SER B 27 -13.90 10.00 6.76
CA SER B 27 -15.16 10.72 6.61
C SER B 27 -16.26 9.79 6.10
N SER B 28 -17.42 9.86 6.77
CA SER B 28 -18.58 9.04 6.42
C SER B 28 -18.38 7.58 6.81
N GLY B 29 -17.22 7.02 6.46
CA GLY B 29 -16.94 5.64 6.79
C GLY B 29 -15.74 5.12 6.02
N GLU B 30 -15.51 5.68 4.84
CA GLU B 30 -14.40 5.27 3.99
C GLU B 30 -13.13 6.03 4.35
N LEU B 31 -12.03 5.29 4.48
CA LEU B 31 -10.74 5.88 4.80
C LEU B 31 -10.23 6.72 3.63
N MET B 32 -9.51 7.80 3.92
CA MET B 32 -8.98 8.67 2.89
C MET B 32 -7.53 9.04 3.16
N PHE B 33 -6.99 9.96 2.36
CA PHE B 33 -5.61 10.40 2.51
C PHE B 33 -5.46 11.87 2.12
N LEU B 34 -4.76 12.63 2.96
CA LEU B 34 -4.55 14.05 2.71
C LEU B 34 -3.13 14.29 2.18
N MET B 35 -2.90 13.93 0.92
CA MET B 35 -1.59 14.11 0.30
C MET B 35 -1.17 15.58 0.33
N LYS B 36 0.10 15.82 0.68
CA LYS B 36 0.64 17.18 0.75
C LYS B 36 0.90 17.74 -0.64
N TRP B 37 1.21 16.85 -1.58
CA TRP B 37 1.49 17.23 -2.97
C TRP B 37 2.84 17.92 -3.10
N LYS B 38 3.62 17.50 -4.11
CA LYS B 38 4.94 18.07 -4.36
C LYS B 38 4.82 19.51 -4.85
N ASN B 39 5.75 20.36 -4.41
CA ASN B 39 5.77 21.77 -4.80
C ASN B 39 4.37 22.36 -4.78
N SER B 40 3.61 22.02 -3.75
CA SER B 40 2.24 22.53 -3.60
C SER B 40 1.83 22.54 -2.14
N ASP B 41 1.64 23.75 -1.60
CA ASP B 41 1.24 23.90 -0.21
C ASP B 41 -0.21 23.52 -0.01
N GLU B 42 -1.04 23.78 -1.02
CA GLU B 42 -2.45 23.45 -0.95
C GLU B 42 -2.67 21.96 -0.73
N ALA B 43 -3.22 21.61 0.42
CA ALA B 43 -3.50 20.23 0.77
C ALA B 43 -4.87 19.81 0.26
N ASP B 44 -4.99 18.58 -0.24
CA ASP B 44 -6.26 18.10 -0.76
C ASP B 44 -6.50 16.63 -0.43
N LEU B 45 -7.70 16.33 0.07
CA LEU B 45 -8.08 14.97 0.42
C LEU B 45 -8.37 14.14 -0.82
N VAL B 46 -8.03 12.87 -0.77
CA VAL B 46 -8.27 11.96 -1.89
C VAL B 46 -8.69 10.58 -1.39
N PRO B 47 -9.75 10.00 -1.97
CA PRO B 47 -10.25 8.68 -1.58
C PRO B 47 -9.14 7.64 -1.53
N ALA B 48 -9.10 6.88 -0.45
CA ALA B 48 -8.09 5.84 -0.28
C ALA B 48 -8.03 4.90 -1.48
N LYS B 49 -9.19 4.43 -1.91
CA LYS B 49 -9.28 3.52 -3.06
C LYS B 49 -8.60 4.13 -4.28
N GLU B 50 -8.87 5.40 -4.54
CA GLU B 50 -8.29 6.09 -5.69
C GLU B 50 -6.77 6.16 -5.57
N ALA B 51 -6.29 6.52 -4.39
CA ALA B 51 -4.86 6.64 -4.13
C ALA B 51 -4.14 5.31 -4.34
N ASN B 52 -4.82 4.21 -4.07
CA ASN B 52 -4.22 2.88 -4.21
C ASN B 52 -3.81 2.60 -5.64
N VAL B 53 -4.70 2.89 -6.59
CA VAL B 53 -4.43 2.65 -8.00
C VAL B 53 -3.53 3.72 -8.60
N LYS B 54 -3.81 4.97 -8.27
CA LYS B 54 -3.04 6.10 -8.79
C LYS B 54 -1.60 6.12 -8.26
N CYS B 55 -1.43 5.72 -7.00
CA CYS B 55 -0.10 5.71 -6.38
C CYS B 55 -0.11 4.88 -5.09
N PRO B 56 -0.06 3.54 -5.24
CA PRO B 56 -0.05 2.62 -4.09
C PRO B 56 1.19 2.77 -3.22
N GLN B 57 2.33 3.00 -3.85
CA GLN B 57 3.59 3.16 -3.13
C GLN B 57 3.49 4.26 -2.09
N VAL B 58 2.82 5.35 -2.44
CA VAL B 58 2.66 6.49 -1.54
C VAL B 58 1.87 6.12 -0.29
N VAL B 59 0.67 5.58 -0.49
CA VAL B 59 -0.17 5.19 0.63
C VAL B 59 0.57 4.22 1.53
N ILE B 60 1.31 3.29 0.93
CA ILE B 60 2.08 2.32 1.70
C ILE B 60 3.07 3.02 2.61
N SER B 61 3.73 4.03 2.08
CA SER B 61 4.71 4.79 2.85
C SER B 61 4.05 5.48 4.03
N PHE B 62 2.81 5.91 3.85
CA PHE B 62 2.05 6.58 4.90
C PHE B 62 1.89 5.71 6.14
N TYR B 63 1.50 4.44 5.94
CA TYR B 63 1.32 3.52 7.05
C TYR B 63 2.60 3.41 7.86
N GLU B 64 3.73 3.29 7.16
CA GLU B 64 5.04 3.18 7.79
C GLU B 64 5.26 4.31 8.79
N GLU B 65 4.79 5.50 8.43
CA GLU B 65 4.93 6.68 9.27
C GLU B 65 4.28 6.48 10.65
N ARG B 66 3.16 5.77 10.67
CA ARG B 66 2.44 5.54 11.93
C ARG B 66 1.85 4.14 12.01
N LEU B 67 2.70 3.13 11.85
CA LEU B 67 2.25 1.74 11.93
C LEU B 67 1.80 1.39 13.35
N THR B 68 1.91 0.11 13.70
CA THR B 68 1.53 -0.36 15.03
C THR B 68 1.72 -1.86 15.17
N TRP B 69 0.90 -2.63 14.45
CA TRP B 69 0.98 -4.09 14.49
C TRP B 69 0.99 -4.61 15.93
N HIS B 70 0.05 -4.13 16.73
CA HIS B 70 -0.05 -4.55 18.12
C HIS B 70 -1.36 -4.08 18.74
N HIS A 1 -22.46 -3.57 5.14
CA HIS A 1 -23.20 -2.43 4.54
C HIS A 1 -24.71 -2.58 4.77
N MET A 2 -25.08 -2.86 6.01
CA MET A 2 -26.48 -3.03 6.37
C MET A 2 -26.64 -3.17 7.88
N LYS A 3 -25.80 -3.98 8.50
CA LYS A 3 -25.83 -4.21 9.93
C LYS A 3 -24.67 -5.08 10.39
N GLU A 4 -23.49 -4.83 9.82
CA GLU A 4 -22.30 -5.59 10.15
C GLU A 4 -22.51 -7.09 9.97
N GLU A 5 -21.93 -7.89 10.86
CA GLU A 5 -22.07 -9.34 10.79
C GLU A 5 -23.49 -9.78 11.16
N SER A 6 -23.60 -10.83 11.96
CA SER A 6 -24.89 -11.37 12.40
C SER A 6 -25.58 -12.13 11.26
N GLU A 7 -25.63 -11.51 10.08
CA GLU A 7 -26.26 -12.13 8.92
C GLU A 7 -25.42 -13.30 8.42
N LYS A 8 -24.12 -13.05 8.25
CA LYS A 8 -23.19 -14.08 7.78
C LYS A 8 -21.77 -13.54 7.71
N PRO A 9 -20.81 -14.26 8.30
CA PRO A 9 -19.40 -13.85 8.32
C PRO A 9 -18.68 -14.17 7.01
N ARG A 10 -17.83 -13.24 6.57
CA ARG A 10 -17.07 -13.42 5.34
C ARG A 10 -16.05 -12.30 5.17
N GLY A 11 -14.78 -12.67 4.97
CA GLY A 11 -13.73 -11.70 4.80
C GLY A 11 -13.54 -10.81 6.02
N PHE A 12 -12.30 -10.72 6.50
CA PHE A 12 -11.99 -9.90 7.67
C PHE A 12 -12.91 -10.25 8.84
N ALA A 13 -13.08 -11.56 9.07
CA ALA A 13 -13.93 -12.04 10.15
C ALA A 13 -13.74 -13.53 10.37
N ARG A 14 -13.63 -14.27 9.28
CA ARG A 14 -13.43 -15.72 9.33
C ARG A 14 -12.17 -16.06 10.12
N GLY A 15 -11.24 -15.11 10.16
CA GLY A 15 -10.00 -15.31 10.87
C GLY A 15 -8.97 -16.06 10.05
N LEU A 16 -9.17 -16.06 8.73
CA LEU A 16 -8.25 -16.73 7.82
C LEU A 16 -7.02 -15.88 7.57
N GLU A 17 -5.86 -16.51 7.57
CA GLU A 17 -4.61 -15.79 7.32
C GLU A 17 -4.45 -15.49 5.84
N PRO A 18 -4.47 -14.20 5.45
CA PRO A 18 -4.32 -13.78 4.06
C PRO A 18 -2.94 -14.10 3.49
N GLU A 19 -2.91 -14.89 2.43
CA GLU A 19 -1.65 -15.26 1.78
C GLU A 19 -1.20 -14.16 0.81
N ARG A 20 -2.12 -13.74 -0.04
CA ARG A 20 -1.84 -12.70 -1.03
C ARG A 20 -3.12 -12.32 -1.78
N ILE A 21 -3.36 -11.03 -1.93
CA ILE A 21 -4.55 -10.56 -2.62
C ILE A 21 -4.65 -11.13 -4.03
N ILE A 22 -5.85 -11.55 -4.40
CA ILE A 22 -6.09 -12.13 -5.72
C ILE A 22 -7.28 -11.46 -6.42
N GLY A 23 -7.35 -10.14 -6.34
CA GLY A 23 -8.44 -9.43 -6.97
C GLY A 23 -8.59 -8.00 -6.49
N ALA A 24 -9.46 -7.25 -7.15
CA ALA A 24 -9.72 -5.86 -6.80
C ALA A 24 -10.90 -5.33 -7.61
N THR A 25 -11.81 -4.63 -6.94
CA THR A 25 -12.99 -4.09 -7.60
C THR A 25 -13.73 -3.11 -6.71
N ASP A 26 -13.87 -1.87 -7.19
CA ASP A 26 -14.57 -0.84 -6.44
C ASP A 26 -16.09 -0.96 -6.62
N SER A 27 -16.82 -0.95 -5.50
CA SER A 27 -18.27 -1.06 -5.53
C SER A 27 -18.92 0.20 -6.10
N SER A 28 -18.39 1.35 -5.70
CA SER A 28 -18.90 2.63 -6.17
C SER A 28 -17.91 3.74 -5.88
N GLY A 29 -16.68 3.55 -6.35
CA GLY A 29 -15.63 4.54 -6.13
C GLY A 29 -14.57 4.02 -5.18
N GLU A 30 -15.01 3.48 -4.05
CA GLU A 30 -14.09 2.93 -3.05
C GLU A 30 -13.49 1.63 -3.55
N LEU A 31 -12.17 1.60 -3.67
CA LEU A 31 -11.47 0.40 -4.14
C LEU A 31 -11.67 -0.77 -3.17
N MET A 32 -11.32 -1.97 -3.63
CA MET A 32 -11.47 -3.18 -2.82
C MET A 32 -10.37 -4.18 -3.17
N PHE A 33 -10.33 -5.30 -2.45
CA PHE A 33 -9.34 -6.33 -2.70
C PHE A 33 -9.87 -7.72 -2.39
N LEU A 34 -9.69 -8.64 -3.33
CA LEU A 34 -10.11 -10.03 -3.16
C LEU A 34 -9.07 -10.81 -2.37
N MET A 35 -8.95 -10.47 -1.10
CA MET A 35 -7.97 -11.12 -0.22
C MET A 35 -8.08 -12.65 -0.28
N LYS A 36 -6.96 -13.30 -0.58
CA LYS A 36 -6.91 -14.76 -0.63
C LYS A 36 -6.62 -15.32 0.75
N TRP A 37 -7.25 -16.43 1.09
CA TRP A 37 -7.05 -17.04 2.40
C TRP A 37 -6.46 -18.44 2.28
N LYS A 38 -5.43 -18.72 3.08
CA LYS A 38 -4.79 -20.03 3.07
C LYS A 38 -5.82 -21.10 3.44
N ASN A 39 -5.82 -22.21 2.71
CA ASN A 39 -6.77 -23.28 2.95
C ASN A 39 -8.18 -22.73 2.85
N SER A 40 -8.38 -21.83 1.89
CA SER A 40 -9.67 -21.20 1.67
C SER A 40 -9.68 -20.47 0.34
N ASP A 41 -9.49 -21.22 -0.75
CA ASP A 41 -9.46 -20.67 -2.10
C ASP A 41 -10.59 -19.66 -2.30
N GLU A 42 -11.70 -19.88 -1.60
CA GLU A 42 -12.86 -19.00 -1.69
C GLU A 42 -12.56 -17.62 -1.10
N ALA A 43 -11.72 -16.85 -1.79
CA ALA A 43 -11.35 -15.52 -1.34
C ALA A 43 -12.58 -14.63 -1.20
N ASP A 44 -12.44 -13.54 -0.45
CA ASP A 44 -13.54 -12.61 -0.24
C ASP A 44 -13.09 -11.16 -0.35
N LEU A 45 -13.89 -10.35 -1.04
CA LEU A 45 -13.58 -8.93 -1.23
C LEU A 45 -13.59 -8.20 0.11
N VAL A 46 -12.78 -7.15 0.21
CA VAL A 46 -12.70 -6.36 1.43
C VAL A 46 -12.49 -4.88 1.10
N PRO A 47 -13.13 -3.98 1.87
CA PRO A 47 -12.99 -2.54 1.64
C PRO A 47 -11.53 -2.10 1.65
N ALA A 48 -11.12 -1.41 0.59
CA ALA A 48 -9.74 -0.95 0.47
C ALA A 48 -9.27 -0.24 1.74
N LYS A 49 -10.14 0.58 2.31
CA LYS A 49 -9.81 1.32 3.52
C LYS A 49 -9.51 0.36 4.68
N GLU A 50 -10.37 -0.63 4.86
CA GLU A 50 -10.19 -1.60 5.93
C GLU A 50 -8.92 -2.42 5.71
N ALA A 51 -8.69 -2.81 4.46
CA ALA A 51 -7.52 -3.61 4.11
C ALA A 51 -6.21 -2.86 4.37
N ASN A 52 -6.19 -1.56 4.09
CA ASN A 52 -4.99 -0.77 4.27
C ASN A 52 -4.61 -0.66 5.75
N VAL A 53 -5.61 -0.58 6.62
CA VAL A 53 -5.37 -0.46 8.05
C VAL A 53 -5.08 -1.81 8.69
N LYS A 54 -5.96 -2.77 8.44
CA LYS A 54 -5.85 -4.11 8.99
C LYS A 54 -4.68 -4.89 8.40
N CYS A 55 -4.34 -4.61 7.14
CA CYS A 55 -3.25 -5.31 6.47
C CYS A 55 -2.67 -4.49 5.33
N PRO A 56 -1.99 -3.37 5.65
CA PRO A 56 -1.38 -2.49 4.66
C PRO A 56 -0.33 -3.19 3.80
N GLN A 57 0.50 -3.99 4.45
CA GLN A 57 1.56 -4.71 3.74
C GLN A 57 0.99 -5.57 2.62
N VAL A 58 -0.09 -6.29 2.91
CA VAL A 58 -0.73 -7.14 1.93
C VAL A 58 -1.22 -6.33 0.74
N VAL A 59 -1.91 -5.23 1.03
CA VAL A 59 -2.44 -4.35 -0.01
C VAL A 59 -1.31 -3.91 -0.94
N ILE A 60 -0.19 -3.51 -0.36
CA ILE A 60 0.97 -3.08 -1.12
C ILE A 60 1.52 -4.21 -1.96
N SER A 61 1.54 -5.41 -1.40
CA SER A 61 2.03 -6.60 -2.09
C SER A 61 1.22 -6.87 -3.35
N PHE A 62 -0.05 -6.45 -3.34
CA PHE A 62 -0.93 -6.66 -4.47
C PHE A 62 -0.50 -5.85 -5.69
N TYR A 63 -0.17 -4.57 -5.47
CA TYR A 63 0.23 -3.69 -6.57
C TYR A 63 1.49 -4.20 -7.27
N GLU A 64 2.51 -4.54 -6.49
CA GLU A 64 3.78 -5.02 -7.05
C GLU A 64 3.55 -6.21 -7.97
N GLU A 65 2.54 -7.03 -7.67
CA GLU A 65 2.22 -8.20 -8.48
C GLU A 65 2.13 -7.82 -9.96
N ARG A 66 1.65 -6.61 -10.22
CA ARG A 66 1.52 -6.10 -11.57
C ARG A 66 1.60 -4.58 -11.57
N LEU A 67 2.60 -4.07 -10.86
CA LEU A 67 2.82 -2.63 -10.74
C LEU A 67 3.00 -1.98 -12.11
N THR A 68 2.76 -0.67 -12.17
CA THR A 68 2.90 0.08 -13.40
C THR A 68 3.09 1.57 -13.11
N TRP A 69 4.07 2.18 -13.78
CA TRP A 69 4.36 3.60 -13.58
C TRP A 69 4.85 4.24 -14.86
N HIS A 70 4.02 4.17 -15.90
CA HIS A 70 4.37 4.75 -17.20
C HIS A 70 5.61 4.09 -17.78
N HIS B 1 23.05 3.24 1.41
CA HIS B 1 23.66 2.18 0.57
C HIS B 1 25.18 2.31 0.55
N MET B 2 25.78 2.48 1.74
CA MET B 2 27.21 2.63 1.85
C MET B 2 27.64 2.62 3.31
N LYS B 3 26.92 3.36 4.14
CA LYS B 3 27.22 3.44 5.58
C LYS B 3 26.16 4.26 6.31
N GLU B 4 24.90 4.06 5.93
CA GLU B 4 23.78 4.76 6.55
C GLU B 4 23.99 6.28 6.47
N GLU B 5 23.58 6.98 7.53
CA GLU B 5 23.71 8.44 7.58
C GLU B 5 25.18 8.84 7.73
N SER B 6 25.44 9.82 8.61
CA SER B 6 26.79 10.32 8.85
C SER B 6 27.27 11.19 7.69
N GLU B 7 27.12 10.69 6.46
CA GLU B 7 27.54 11.43 5.29
C GLU B 7 26.63 12.64 5.05
N LYS B 8 25.32 12.39 5.09
CA LYS B 8 24.33 13.46 4.89
C LYS B 8 22.91 12.91 5.02
N PRO B 9 22.08 13.57 5.85
CA PRO B 9 20.69 13.14 6.06
C PRO B 9 19.76 13.57 4.93
N ARG B 10 18.82 12.70 4.58
CA ARG B 10 17.86 12.99 3.53
C ARG B 10 16.82 11.87 3.44
N GLY B 11 15.54 12.25 3.49
CA GLY B 11 14.46 11.29 3.42
C GLY B 11 14.48 10.30 4.56
N PHE B 12 13.35 10.14 5.23
CA PHE B 12 13.25 9.21 6.35
C PHE B 12 14.36 9.46 7.37
N ALA B 13 14.58 10.73 7.70
CA ALA B 13 15.61 11.11 8.66
C ALA B 13 15.47 12.58 9.05
N ARG B 14 15.17 13.42 8.07
CA ARG B 14 15.01 14.85 8.30
C ARG B 14 13.91 15.09 9.34
N GLY B 15 12.99 14.14 9.43
CA GLY B 15 11.90 14.26 10.38
C GLY B 15 10.74 15.08 9.82
N LEU B 16 10.71 15.22 8.50
CA LEU B 16 9.66 15.96 7.83
C LEU B 16 8.39 15.12 7.72
N GLU B 17 7.25 15.74 7.98
CA GLU B 17 5.97 15.04 7.90
C GLU B 17 5.54 14.88 6.44
N PRO B 18 5.48 13.63 5.95
CA PRO B 18 5.10 13.35 4.55
C PRO B 18 3.64 13.71 4.28
N GLU B 19 3.42 14.60 3.32
CA GLU B 19 2.07 15.02 2.95
C GLU B 19 1.45 14.03 1.97
N ARG B 20 2.20 13.69 0.93
CA ARG B 20 1.74 12.75 -0.09
C ARG B 20 2.86 12.46 -1.09
N ILE B 21 3.06 11.19 -1.41
CA ILE B 21 4.11 10.80 -2.35
C ILE B 21 3.96 11.51 -3.68
N ILE B 22 5.09 11.98 -4.22
CA ILE B 22 5.09 12.68 -5.49
C ILE B 22 6.13 12.10 -6.46
N GLY B 23 6.20 10.78 -6.51
CA GLY B 23 7.16 10.14 -7.40
C GLY B 23 7.37 8.68 -7.09
N ALA B 24 8.11 8.00 -7.97
CA ALA B 24 8.42 6.59 -7.81
C ALA B 24 9.44 6.15 -8.86
N THR B 25 10.44 5.39 -8.42
CA THR B 25 11.48 4.93 -9.34
C THR B 25 12.35 3.87 -8.69
N ASP B 26 12.41 2.69 -9.32
CA ASP B 26 13.22 1.59 -8.81
C ASP B 26 14.68 1.75 -9.24
N SER B 27 15.58 1.63 -8.27
CA SER B 27 17.01 1.76 -8.54
C SER B 27 17.53 0.57 -9.34
N SER B 28 17.07 -0.63 -8.97
CA SER B 28 17.49 -1.86 -9.64
C SER B 28 16.54 -3.00 -9.30
N GLY B 29 15.25 -2.77 -9.52
CA GLY B 29 14.26 -3.77 -9.21
C GLY B 29 13.39 -3.37 -8.04
N GLU B 30 14.03 -2.94 -6.96
CA GLU B 30 13.31 -2.50 -5.77
C GLU B 30 12.64 -1.16 -6.02
N LEU B 31 11.31 -1.12 -5.90
CA LEU B 31 10.55 0.11 -6.12
C LEU B 31 10.93 1.18 -5.10
N MET B 32 10.52 2.41 -5.36
CA MET B 32 10.81 3.54 -4.49
C MET B 32 9.68 4.56 -4.53
N PHE B 33 9.79 5.60 -3.71
CA PHE B 33 8.76 6.65 -3.68
C PHE B 33 9.36 8.01 -3.33
N LEU B 34 9.01 9.01 -4.14
CA LEU B 34 9.48 10.37 -3.91
C LEU B 34 8.61 11.07 -2.87
N MET B 35 8.71 10.61 -1.63
CA MET B 35 7.90 11.16 -0.54
C MET B 35 8.02 12.68 -0.46
N LYS B 36 6.86 13.35 -0.49
CA LYS B 36 6.82 14.80 -0.40
C LYS B 36 6.77 15.23 1.06
N TRP B 37 7.47 16.32 1.39
CA TRP B 37 7.51 16.79 2.77
C TRP B 37 6.91 18.19 2.90
N LYS B 38 6.05 18.38 3.88
CA LYS B 38 5.43 19.69 4.12
C LYS B 38 6.51 20.71 4.41
N ASN B 39 6.39 21.89 3.79
CA ASN B 39 7.39 22.94 3.98
C ASN B 39 8.75 22.41 3.57
N SER B 40 8.77 21.61 2.51
CA SER B 40 9.99 21.01 2.00
C SER B 40 9.76 20.41 0.61
N ASP B 41 9.39 21.28 -0.33
CA ASP B 41 9.11 20.85 -1.70
C ASP B 41 10.19 19.89 -2.20
N GLU B 42 11.41 20.04 -1.69
CA GLU B 42 12.53 19.18 -2.07
C GLU B 42 12.32 17.75 -1.58
N ALA B 43 11.37 17.06 -2.18
CA ALA B 43 11.07 15.67 -1.81
C ALA B 43 12.30 14.78 -1.97
N ASP B 44 12.28 13.63 -1.32
CA ASP B 44 13.40 12.70 -1.39
C ASP B 44 12.91 11.25 -1.57
N LEU B 45 13.57 10.52 -2.47
CA LEU B 45 13.23 9.14 -2.73
C LEU B 45 13.48 8.27 -1.50
N VAL B 46 12.68 7.21 -1.36
CA VAL B 46 12.81 6.30 -0.22
C VAL B 46 12.53 4.86 -0.65
N PRO B 47 13.28 3.90 -0.10
CA PRO B 47 13.10 2.48 -0.44
C PRO B 47 11.66 2.03 -0.22
N ALA B 48 11.07 1.44 -1.25
CA ALA B 48 9.67 0.99 -1.17
C ALA B 48 9.44 0.16 0.09
N LYS B 49 10.39 -0.72 0.41
CA LYS B 49 10.27 -1.57 1.59
C LYS B 49 10.19 -0.74 2.86
N GLU B 50 11.08 0.24 2.99
CA GLU B 50 11.09 1.11 4.16
C GLU B 50 9.82 1.93 4.25
N ALA B 51 9.36 2.44 3.11
CA ALA B 51 8.16 3.25 3.06
C ALA B 51 6.90 2.47 3.46
N ASN B 52 6.83 1.21 3.06
CA ASN B 52 5.67 0.38 3.38
C ASN B 52 5.56 0.14 4.88
N VAL B 53 6.70 -0.02 5.54
CA VAL B 53 6.72 -0.29 6.98
C VAL B 53 6.56 1.00 7.79
N LYS B 54 7.39 1.97 7.48
CA LYS B 54 7.38 3.26 8.17
C LYS B 54 6.14 4.09 7.86
N CYS B 55 5.58 3.92 6.67
CA CYS B 55 4.39 4.68 6.28
C CYS B 55 3.60 3.96 5.18
N PRO B 56 2.99 2.82 5.51
CA PRO B 56 2.21 2.03 4.55
C PRO B 56 1.03 2.81 3.98
N GLN B 57 0.33 3.54 4.83
CA GLN B 57 -0.83 4.31 4.40
C GLN B 57 -0.46 5.27 3.28
N VAL B 58 0.66 5.97 3.45
CA VAL B 58 1.12 6.92 2.45
C VAL B 58 1.39 6.24 1.12
N VAL B 59 2.11 5.12 1.18
CA VAL B 59 2.43 4.35 -0.01
C VAL B 59 1.16 4.00 -0.77
N ILE B 60 0.15 3.53 -0.04
CA ILE B 60 -1.12 3.16 -0.63
C ILE B 60 -1.80 4.37 -1.24
N SER B 61 -1.71 5.51 -0.56
CA SER B 61 -2.31 6.74 -1.04
C SER B 61 -1.73 7.15 -2.39
N PHE B 62 -0.49 6.74 -2.64
CA PHE B 62 0.18 7.08 -3.89
C PHE B 62 -0.46 6.37 -5.10
N TYR B 63 -0.76 5.08 -4.94
CA TYR B 63 -1.36 4.31 -6.03
C TYR B 63 -2.72 4.87 -6.45
N GLU B 64 -3.58 5.13 -5.46
CA GLU B 64 -4.91 5.65 -5.75
C GLU B 64 -4.85 6.94 -6.57
N GLU B 65 -3.79 7.71 -6.38
CA GLU B 65 -3.61 8.97 -7.11
C GLU B 65 -3.79 8.74 -8.62
N ARG B 66 -3.38 7.56 -9.07
CA ARG B 66 -3.49 7.19 -10.47
C ARG B 66 -3.59 5.67 -10.61
N LEU B 67 -4.44 5.09 -9.78
CA LEU B 67 -4.66 3.64 -9.77
C LEU B 67 -5.08 3.13 -11.14
N THR B 68 -4.87 1.84 -11.36
CA THR B 68 -5.23 1.20 -12.63
C THR B 68 -5.37 -0.31 -12.44
N TRP B 69 -6.46 -0.85 -12.98
CA TRP B 69 -6.72 -2.28 -12.87
C TRP B 69 -7.44 -2.81 -14.11
N HIS B 70 -6.80 -2.63 -15.27
CA HIS B 70 -7.37 -3.08 -16.53
C HIS B 70 -8.70 -2.38 -16.82
N HIS A 1 -8.65 21.23 13.16
CA HIS A 1 -7.99 22.56 13.06
C HIS A 1 -8.87 23.55 12.28
N MET A 2 -9.46 23.07 11.18
CA MET A 2 -10.32 23.90 10.34
C MET A 2 -9.53 25.03 9.69
N LYS A 3 -9.84 25.32 8.44
CA LYS A 3 -9.16 26.37 7.70
C LYS A 3 -9.90 26.72 6.41
N GLU A 4 -11.22 26.87 6.51
CA GLU A 4 -12.04 27.22 5.35
C GLU A 4 -11.63 28.56 4.79
N GLU A 5 -11.40 29.53 5.67
CA GLU A 5 -10.99 30.87 5.25
C GLU A 5 -9.61 30.83 4.61
N SER A 6 -8.71 30.02 5.17
CA SER A 6 -7.36 29.89 4.64
C SER A 6 -7.36 29.58 3.14
N GLU A 7 -8.07 28.53 2.76
CA GLU A 7 -8.16 28.14 1.35
C GLU A 7 -9.07 26.92 1.17
N LYS A 8 -10.08 26.81 2.03
CA LYS A 8 -11.02 25.70 1.96
C LYS A 8 -10.34 24.36 2.18
N PRO A 9 -10.94 23.47 2.99
CA PRO A 9 -10.39 22.14 3.27
C PRO A 9 -10.27 21.30 2.01
N ARG A 10 -9.25 20.45 1.97
CA ARG A 10 -9.00 19.59 0.82
C ARG A 10 -8.47 18.23 1.25
N GLY A 11 -8.94 17.18 0.58
CA GLY A 11 -8.50 15.83 0.90
C GLY A 11 -9.00 15.36 2.26
N PHE A 12 -8.12 14.73 3.03
CA PHE A 12 -8.47 14.24 4.36
C PHE A 12 -9.00 15.37 5.24
N ALA A 13 -8.44 16.56 5.06
CA ALA A 13 -8.86 17.73 5.83
C ALA A 13 -10.36 17.94 5.76
N ARG A 14 -10.96 17.55 4.63
CA ARG A 14 -12.40 17.70 4.43
C ARG A 14 -13.19 16.81 5.39
N GLY A 15 -12.49 16.16 6.32
CA GLY A 15 -13.15 15.29 7.28
C GLY A 15 -13.58 13.97 6.67
N LEU A 16 -13.94 14.00 5.39
CA LEU A 16 -14.38 12.81 4.69
C LEU A 16 -13.37 11.67 4.81
N GLU A 17 -13.88 10.46 5.00
CA GLU A 17 -13.02 9.29 5.11
C GLU A 17 -12.87 8.61 3.75
N PRO A 18 -11.64 8.23 3.36
CA PRO A 18 -11.38 7.58 2.08
C PRO A 18 -12.19 6.30 1.90
N GLU A 19 -13.11 6.32 0.94
CA GLU A 19 -13.95 5.15 0.66
C GLU A 19 -13.21 4.18 -0.24
N ARG A 20 -12.77 4.67 -1.40
CA ARG A 20 -12.04 3.84 -2.35
C ARG A 20 -11.43 4.70 -3.45
N ILE A 21 -10.14 4.50 -3.71
CA ILE A 21 -9.44 5.25 -4.75
C ILE A 21 -9.97 4.90 -6.14
N ILE A 22 -10.14 5.92 -6.96
CA ILE A 22 -10.64 5.74 -8.32
C ILE A 22 -9.79 6.48 -9.33
N GLY A 23 -8.48 6.53 -9.08
CA GLY A 23 -7.58 7.20 -10.00
C GLY A 23 -6.18 7.39 -9.42
N ALA A 24 -5.44 8.35 -9.98
CA ALA A 24 -4.09 8.65 -9.54
C ALA A 24 -3.48 9.74 -10.41
N THR A 25 -2.65 10.60 -9.81
CA THR A 25 -2.02 11.68 -10.54
C THR A 25 -0.64 12.01 -9.95
N ASP A 26 -0.24 13.28 -10.03
CA ASP A 26 1.06 13.71 -9.52
C ASP A 26 1.24 15.21 -9.74
N SER A 27 1.73 15.90 -8.72
CA SER A 27 1.96 17.34 -8.81
C SER A 27 3.27 17.69 -8.11
N SER A 28 3.42 17.24 -6.88
CA SER A 28 4.63 17.50 -6.11
C SER A 28 5.66 16.40 -6.35
N GLY A 29 5.73 15.94 -7.60
CA GLY A 29 6.67 14.89 -7.96
C GLY A 29 6.18 13.52 -7.54
N GLU A 30 5.51 13.45 -6.39
CA GLU A 30 5.00 12.18 -5.88
C GLU A 30 3.64 11.85 -6.48
N LEU A 31 3.46 10.59 -6.87
CA LEU A 31 2.20 10.14 -7.44
C LEU A 31 1.09 10.20 -6.40
N MET A 32 0.08 11.01 -6.66
CA MET A 32 -1.04 11.18 -5.74
C MET A 32 -2.07 10.07 -5.89
N PHE A 33 -3.26 10.29 -5.33
CA PHE A 33 -4.35 9.32 -5.41
C PHE A 33 -5.70 10.01 -5.32
N LEU A 34 -6.59 9.71 -6.26
CA LEU A 34 -7.92 10.30 -6.25
C LEU A 34 -8.88 9.38 -5.50
N MET A 35 -9.68 9.95 -4.60
CA MET A 35 -10.62 9.17 -3.82
C MET A 35 -12.02 9.76 -3.85
N LYS A 36 -13.01 8.87 -3.96
CA LYS A 36 -14.42 9.27 -4.02
C LYS A 36 -14.94 9.76 -2.68
N TRP A 37 -14.41 9.19 -1.59
CA TRP A 37 -14.83 9.53 -0.23
C TRP A 37 -16.17 8.90 0.10
N LYS A 38 -16.26 8.29 1.28
CA LYS A 38 -17.48 7.63 1.72
C LYS A 38 -18.55 8.66 2.08
N ASN A 39 -19.79 8.35 1.71
CA ASN A 39 -20.91 9.25 1.98
C ASN A 39 -20.68 10.62 1.35
N SER A 40 -20.04 10.61 0.18
CA SER A 40 -19.76 11.84 -0.54
C SER A 40 -19.40 11.54 -1.99
N ASP A 41 -20.15 12.14 -2.91
CA ASP A 41 -19.90 11.95 -4.33
C ASP A 41 -18.67 12.72 -4.78
N GLU A 42 -18.51 13.91 -4.24
CA GLU A 42 -17.36 14.76 -4.58
C GLU A 42 -16.05 14.06 -4.30
N ALA A 43 -15.20 13.96 -5.32
CA ALA A 43 -13.90 13.33 -5.20
C ALA A 43 -12.81 14.37 -5.01
N ASP A 44 -11.71 14.00 -4.36
CA ASP A 44 -10.62 14.94 -4.13
C ASP A 44 -9.27 14.23 -4.05
N LEU A 45 -8.29 14.77 -4.77
CA LEU A 45 -6.94 14.22 -4.79
C LEU A 45 -6.26 14.35 -3.43
N VAL A 46 -5.46 13.34 -3.09
CA VAL A 46 -4.75 13.33 -1.82
C VAL A 46 -3.30 12.86 -2.02
N PRO A 47 -2.33 13.60 -1.43
CA PRO A 47 -0.91 13.25 -1.56
C PRO A 47 -0.64 11.80 -1.12
N ALA A 48 0.19 11.12 -1.92
CA ALA A 48 0.53 9.73 -1.63
C ALA A 48 1.01 9.56 -0.20
N LYS A 49 1.91 10.43 0.23
CA LYS A 49 2.46 10.37 1.58
C LYS A 49 1.36 10.44 2.64
N GLU A 50 0.31 11.21 2.36
CA GLU A 50 -0.80 11.35 3.30
C GLU A 50 -1.66 10.09 3.34
N ALA A 51 -1.90 9.51 2.16
CA ALA A 51 -2.73 8.31 2.06
C ALA A 51 -2.02 7.06 2.59
N ASN A 52 -0.76 6.88 2.20
CA ASN A 52 0.01 5.70 2.62
C ASN A 52 0.49 5.80 4.07
N VAL A 53 -0.41 6.18 4.97
CA VAL A 53 -0.08 6.29 6.38
C VAL A 53 -1.34 6.37 7.23
N LYS A 54 -2.29 7.19 6.79
CA LYS A 54 -3.55 7.35 7.49
C LYS A 54 -4.52 6.24 7.10
N CYS A 55 -4.41 5.79 5.85
CA CYS A 55 -5.26 4.72 5.35
C CYS A 55 -4.52 3.89 4.28
N PRO A 56 -3.39 3.28 4.65
CA PRO A 56 -2.60 2.46 3.72
C PRO A 56 -3.41 1.35 3.09
N GLN A 57 -4.24 0.70 3.90
CA GLN A 57 -5.08 -0.39 3.42
C GLN A 57 -5.85 0.01 2.16
N VAL A 58 -6.30 1.27 2.13
CA VAL A 58 -7.06 1.79 1.00
C VAL A 58 -6.21 1.83 -0.27
N VAL A 59 -5.09 2.53 -0.22
CA VAL A 59 -4.21 2.65 -1.37
C VAL A 59 -3.81 1.27 -1.88
N ILE A 60 -3.51 0.36 -0.95
CA ILE A 60 -3.12 -1.00 -1.30
C ILE A 60 -4.25 -1.69 -2.06
N SER A 61 -5.47 -1.51 -1.58
CA SER A 61 -6.64 -2.11 -2.22
C SER A 61 -6.75 -1.64 -3.67
N PHE A 62 -6.44 -0.38 -3.89
CA PHE A 62 -6.52 0.21 -5.22
C PHE A 62 -5.61 -0.53 -6.20
N TYR A 63 -4.36 -0.77 -5.80
CA TYR A 63 -3.41 -1.47 -6.67
C TYR A 63 -3.94 -2.85 -7.05
N GLU A 64 -4.45 -3.59 -6.06
CA GLU A 64 -4.98 -4.92 -6.30
C GLU A 64 -6.06 -4.91 -7.38
N GLU A 65 -6.92 -3.89 -7.34
CA GLU A 65 -8.00 -3.76 -8.33
C GLU A 65 -7.45 -3.77 -9.75
N ARG A 66 -6.24 -3.22 -9.92
CA ARG A 66 -5.61 -3.16 -11.23
C ARG A 66 -4.11 -2.93 -11.10
N LEU A 67 -3.40 -3.97 -10.67
CA LEU A 67 -1.95 -3.90 -10.48
C LEU A 67 -1.24 -3.60 -11.81
N THR A 68 -0.17 -4.35 -12.09
CA THR A 68 0.60 -4.14 -13.32
C THR A 68 1.66 -5.23 -13.49
N TRP A 69 2.92 -4.83 -13.64
CA TRP A 69 4.02 -5.79 -13.83
C TRP A 69 3.94 -6.47 -15.18
N HIS A 70 3.72 -5.68 -16.22
CA HIS A 70 3.63 -6.22 -17.58
C HIS A 70 3.52 -5.08 -18.60
N HIS B 1 5.03 -18.92 17.76
CA HIS B 1 4.40 -20.27 17.70
C HIS B 1 5.41 -21.34 17.30
N MET B 2 6.24 -21.02 16.31
CA MET B 2 7.26 -21.95 15.82
C MET B 2 6.62 -23.17 15.17
N LYS B 3 7.22 -23.64 14.08
CA LYS B 3 6.69 -24.80 13.37
C LYS B 3 7.71 -25.33 12.35
N GLU B 4 8.97 -25.43 12.77
CA GLU B 4 10.03 -25.93 11.90
C GLU B 4 9.73 -27.35 11.45
N GLU B 5 9.29 -28.18 12.39
CA GLU B 5 8.96 -29.58 12.09
C GLU B 5 7.77 -29.65 11.14
N SER B 6 6.79 -28.79 11.36
CA SER B 6 5.58 -28.76 10.53
C SER B 6 5.93 -28.68 9.05
N GLU B 7 6.73 -27.67 8.68
CA GLU B 7 7.14 -27.49 7.29
C GLU B 7 8.08 -26.30 7.15
N LYS B 8 8.88 -26.05 8.19
CA LYS B 8 9.84 -24.94 8.18
C LYS B 8 9.14 -23.59 8.03
N PRO B 9 9.57 -22.59 8.82
CA PRO B 9 8.99 -21.25 8.77
C PRO B 9 9.17 -20.58 7.41
N ARG B 10 8.19 -19.78 7.01
CA ARG B 10 8.25 -19.10 5.72
C ARG B 10 7.65 -17.70 5.82
N GLY B 11 8.27 -16.75 5.12
CA GLY B 11 7.79 -15.38 5.14
C GLY B 11 7.97 -14.71 6.49
N PHE B 12 6.95 -13.99 6.93
CA PHE B 12 7.00 -13.30 8.22
C PHE B 12 7.29 -14.28 9.35
N ALA B 13 6.77 -15.50 9.23
CA ALA B 13 6.98 -16.53 10.24
C ALA B 13 8.46 -16.72 10.54
N ARG B 14 9.30 -16.49 9.54
CA ARG B 14 10.75 -16.64 9.70
C ARG B 14 11.31 -15.61 10.67
N GLY B 15 10.43 -14.84 11.31
CA GLY B 15 10.87 -13.83 12.26
C GLY B 15 11.45 -12.61 11.58
N LEU B 16 12.09 -12.82 10.44
CA LEU B 16 12.70 -11.73 9.69
C LEU B 16 11.71 -10.61 9.41
N GLU B 17 12.18 -9.38 9.52
CA GLU B 17 11.33 -8.22 9.27
C GLU B 17 11.52 -7.75 7.82
N PRO B 18 10.42 -7.45 7.11
CA PRO B 18 10.47 -7.01 5.71
C PRO B 18 11.32 -5.74 5.55
N GLU B 19 12.44 -5.88 4.85
CA GLU B 19 13.34 -4.75 4.60
C GLU B 19 12.84 -3.94 3.41
N ARG B 20 12.66 -4.60 2.27
CA ARG B 20 12.19 -3.94 1.06
C ARG B 20 11.83 -4.96 -0.02
N ILE B 21 10.65 -4.82 -0.59
CA ILE B 21 10.19 -5.73 -1.63
C ILE B 21 11.03 -5.57 -2.90
N ILE B 22 11.37 -6.71 -3.51
CA ILE B 22 12.17 -6.70 -4.72
C ILE B 22 11.56 -7.61 -5.79
N GLY B 23 10.22 -7.64 -5.85
CA GLY B 23 9.54 -8.46 -6.82
C GLY B 23 8.05 -8.59 -6.56
N ALA B 24 7.45 -9.63 -7.14
CA ALA B 24 6.02 -9.88 -6.98
C ALA B 24 5.61 -11.10 -7.80
N THR B 25 4.66 -11.87 -7.27
CA THR B 25 4.19 -13.06 -7.96
C THR B 25 2.70 -13.33 -7.67
N ASP B 26 2.31 -14.60 -7.66
CA ASP B 26 0.92 -14.98 -7.40
C ASP B 26 0.77 -16.49 -7.44
N SER B 27 0.05 -17.03 -6.46
CA SER B 27 -0.19 -18.47 -6.39
C SER B 27 -1.62 -18.75 -5.97
N SER B 28 -2.05 -18.13 -4.87
CA SER B 28 -3.40 -18.28 -4.38
C SER B 28 -4.32 -17.24 -5.01
N GLY B 29 -4.11 -16.98 -6.30
CA GLY B 29 -4.91 -16.01 -7.01
C GLY B 29 -4.51 -14.57 -6.70
N GLU B 30 -4.13 -14.33 -5.45
CA GLU B 30 -3.73 -13.00 -5.02
C GLU B 30 -2.26 -12.73 -5.33
N LEU B 31 -1.98 -11.54 -5.85
CA LEU B 31 -0.61 -11.15 -6.19
C LEU B 31 0.23 -11.04 -4.92
N MET B 32 1.26 -11.87 -4.82
CA MET B 32 2.13 -11.87 -3.65
C MET B 32 3.20 -10.78 -3.73
N PHE B 33 4.22 -10.91 -2.87
CA PHE B 33 5.32 -9.94 -2.84
C PHE B 33 6.59 -10.59 -2.34
N LEU B 34 7.68 -10.41 -3.09
CA LEU B 34 8.97 -10.96 -2.69
C LEU B 34 9.74 -9.93 -1.88
N MET B 35 10.29 -10.35 -0.75
CA MET B 35 11.05 -9.44 0.10
C MET B 35 12.41 -10.00 0.49
N LYS B 36 13.42 -9.13 0.47
CA LYS B 36 14.80 -9.51 0.80
C LYS B 36 14.98 -9.78 2.29
N TRP B 37 14.23 -9.08 3.13
CA TRP B 37 14.32 -9.22 4.58
C TRP B 37 15.56 -8.51 5.11
N LYS B 38 15.37 -7.73 6.17
CA LYS B 38 16.48 -6.99 6.79
C LYS B 38 17.43 -7.94 7.52
N ASN B 39 18.73 -7.67 7.42
CA ASN B 39 19.74 -8.50 8.06
C ASN B 39 19.63 -9.94 7.60
N SER B 40 19.29 -10.13 6.32
CA SER B 40 19.15 -11.46 5.75
C SER B 40 19.13 -11.39 4.22
N ASP B 41 20.07 -12.09 3.59
CA ASP B 41 20.16 -12.11 2.14
C ASP B 41 19.05 -12.96 1.54
N GLU B 42 18.74 -14.06 2.20
CA GLU B 42 17.70 -14.97 1.73
C GLU B 42 16.36 -14.26 1.60
N ALA B 43 15.78 -14.34 0.41
CA ALA B 43 14.49 -13.71 0.14
C ALA B 43 13.37 -14.74 0.22
N ASP B 44 12.16 -14.28 0.54
CA ASP B 44 11.02 -15.20 0.65
C ASP B 44 9.71 -14.51 0.31
N LEU B 45 8.91 -15.17 -0.52
CA LEU B 45 7.61 -14.65 -0.94
C LEU B 45 6.63 -14.59 0.24
N VAL B 46 5.80 -13.56 0.23
CA VAL B 46 4.81 -13.38 1.29
C VAL B 46 3.46 -12.96 0.70
N PRO B 47 2.36 -13.62 1.14
CA PRO B 47 1.02 -13.31 0.65
C PRO B 47 0.68 -11.84 0.78
N ALA B 48 0.07 -11.28 -0.26
CA ALA B 48 -0.31 -9.87 -0.27
C ALA B 48 -1.10 -9.50 0.98
N LYS B 49 -2.08 -10.32 1.31
CA LYS B 49 -2.93 -10.08 2.48
C LYS B 49 -2.10 -9.96 3.75
N GLU B 50 -1.03 -10.74 3.84
CA GLU B 50 -0.16 -10.72 5.03
C GLU B 50 0.68 -9.45 5.07
N ALA B 51 1.20 -9.06 3.91
CA ALA B 51 2.05 -7.87 3.82
C ALA B 51 1.26 -6.57 3.98
N ASN B 52 0.11 -6.47 3.30
CA ASN B 52 -0.71 -5.26 3.35
C ASN B 52 -1.51 -5.15 4.65
N VAL B 53 -0.84 -5.38 5.78
CA VAL B 53 -1.50 -5.29 7.08
C VAL B 53 -0.46 -5.22 8.20
N LYS B 54 0.54 -6.08 8.11
CA LYS B 54 1.61 -6.12 9.09
C LYS B 54 2.66 -5.05 8.78
N CYS B 55 2.85 -4.79 7.49
CA CYS B 55 3.82 -3.79 7.04
C CYS B 55 3.36 -3.15 5.73
N PRO B 56 2.18 -2.50 5.73
CA PRO B 56 1.62 -1.85 4.54
C PRO B 56 2.58 -0.82 3.95
N GLN B 57 3.23 -0.06 4.83
CA GLN B 57 4.17 0.97 4.40
C GLN B 57 5.20 0.40 3.43
N VAL B 58 5.61 -0.84 3.68
CA VAL B 58 6.60 -1.50 2.83
C VAL B 58 6.08 -1.74 1.43
N VAL B 59 4.95 -2.45 1.33
CA VAL B 59 4.36 -2.74 0.03
C VAL B 59 4.11 -1.46 -0.75
N ILE B 60 3.63 -0.44 -0.05
CA ILE B 60 3.35 0.85 -0.68
C ILE B 60 4.63 1.45 -1.26
N SER B 61 5.71 1.36 -0.48
CA SER B 61 7.00 1.88 -0.92
C SER B 61 7.45 1.21 -2.22
N PHE B 62 7.17 -0.09 -2.31
CA PHE B 62 7.54 -0.86 -3.51
C PHE B 62 6.89 -0.29 -4.76
N TYR B 63 5.59 0.00 -4.69
CA TYR B 63 4.87 0.55 -5.84
C TYR B 63 5.50 1.86 -6.30
N GLU B 64 5.78 2.73 -5.34
CA GLU B 64 6.38 4.04 -5.64
C GLU B 64 7.67 3.87 -6.43
N GLU B 65 8.48 2.89 -6.05
CA GLU B 65 9.75 2.64 -6.72
C GLU B 65 9.54 2.43 -8.23
N ARG B 66 8.41 1.85 -8.58
CA ARG B 66 8.10 1.58 -9.98
C ARG B 66 6.59 1.35 -10.16
N LEU B 67 5.82 2.43 -10.08
CA LEU B 67 4.37 2.36 -10.21
C LEU B 67 3.98 1.86 -11.60
N THR B 68 3.01 2.53 -12.23
CA THR B 68 2.55 2.13 -13.55
C THR B 68 1.57 3.17 -14.13
N TRP B 69 0.37 2.73 -14.51
CA TRP B 69 -0.64 3.63 -15.08
C TRP B 69 -0.24 4.12 -16.46
N HIS B 70 0.19 3.19 -17.30
CA HIS B 70 0.62 3.51 -18.66
C HIS B 70 0.94 2.25 -19.44
N HIS A 1 -8.82 -20.67 16.13
CA HIS A 1 -9.92 -21.43 15.47
C HIS A 1 -9.82 -21.33 13.95
N MET A 2 -9.98 -22.47 13.28
CA MET A 2 -9.90 -22.52 11.82
C MET A 2 -11.00 -21.65 11.19
N LYS A 3 -12.21 -21.75 11.73
CA LYS A 3 -13.34 -20.98 11.24
C LYS A 3 -13.69 -21.40 9.80
N GLU A 4 -15.00 -21.56 9.55
CA GLU A 4 -15.47 -21.96 8.24
C GLU A 4 -16.98 -21.77 8.13
N GLU A 5 -17.49 -20.72 8.76
CA GLU A 5 -18.92 -20.42 8.74
C GLU A 5 -19.38 -20.12 7.32
N SER A 6 -18.59 -19.33 6.61
CA SER A 6 -18.92 -18.97 5.23
C SER A 6 -18.91 -20.19 4.33
N GLU A 7 -17.83 -20.97 4.41
CA GLU A 7 -17.70 -22.18 3.59
C GLU A 7 -16.39 -22.90 3.88
N LYS A 8 -15.31 -22.14 4.06
CA LYS A 8 -14.00 -22.70 4.32
C LYS A 8 -12.96 -21.60 4.55
N PRO A 9 -12.08 -21.78 5.55
CA PRO A 9 -11.04 -20.80 5.87
C PRO A 9 -10.01 -20.66 4.75
N ARG A 10 -9.54 -19.44 4.53
CA ARG A 10 -8.54 -19.17 3.51
C ARG A 10 -7.98 -17.75 3.65
N GLY A 11 -6.66 -17.65 3.60
CA GLY A 11 -6.00 -16.36 3.73
C GLY A 11 -6.28 -15.69 5.07
N PHE A 12 -5.21 -15.48 5.85
CA PHE A 12 -5.32 -14.84 7.16
C PHE A 12 -5.99 -15.76 8.19
N ALA A 13 -6.99 -16.52 7.76
CA ALA A 13 -7.69 -17.44 8.66
C ALA A 13 -6.73 -18.38 9.34
N ARG A 14 -5.79 -18.92 8.58
CA ARG A 14 -4.79 -19.84 9.12
C ARG A 14 -3.97 -19.16 10.21
N GLY A 15 -3.80 -17.85 10.08
CA GLY A 15 -3.04 -17.08 11.05
C GLY A 15 -1.55 -17.19 10.82
N LEU A 16 -1.16 -17.42 9.57
CA LEU A 16 0.24 -17.54 9.20
C LEU A 16 0.87 -16.15 9.00
N GLU A 17 2.09 -15.98 9.52
CA GLU A 17 2.79 -14.72 9.40
C GLU A 17 3.15 -14.42 7.94
N PRO A 18 2.74 -13.25 7.42
CA PRO A 18 3.02 -12.86 6.04
C PRO A 18 4.50 -12.55 5.80
N GLU A 19 5.11 -13.27 4.87
CA GLU A 19 6.52 -13.06 4.54
C GLU A 19 6.67 -12.06 3.39
N ARG A 20 5.98 -12.34 2.29
CA ARG A 20 6.03 -11.48 1.12
C ARG A 20 5.10 -12.01 0.02
N ILE A 21 4.35 -11.11 -0.60
CA ILE A 21 3.42 -11.49 -1.66
C ILE A 21 4.15 -12.15 -2.83
N ILE A 22 3.56 -13.21 -3.37
CA ILE A 22 4.15 -13.93 -4.50
C ILE A 22 3.11 -14.24 -5.57
N GLY A 23 2.22 -13.28 -5.82
CA GLY A 23 1.20 -13.48 -6.83
C GLY A 23 0.12 -12.41 -6.78
N ALA A 24 -0.91 -12.58 -7.61
CA ALA A 24 -2.01 -11.62 -7.66
C ALA A 24 -3.08 -12.09 -8.65
N THR A 25 -4.34 -11.85 -8.31
CA THR A 25 -5.45 -12.25 -9.16
C THR A 25 -6.70 -11.43 -8.87
N ASP A 26 -7.24 -10.81 -9.91
CA ASP A 26 -8.43 -9.97 -9.78
C ASP A 26 -9.69 -10.83 -9.87
N SER A 27 -9.73 -11.93 -9.12
CA SER A 27 -10.88 -12.83 -9.12
C SER A 27 -12.15 -12.07 -8.77
N SER A 28 -13.20 -12.30 -9.54
CA SER A 28 -14.49 -11.64 -9.31
C SER A 28 -14.32 -10.13 -9.33
N GLY A 29 -13.48 -9.65 -10.23
CA GLY A 29 -13.23 -8.22 -10.35
C GLY A 29 -12.29 -7.70 -9.28
N GLU A 30 -12.51 -8.11 -8.04
CA GLU A 30 -11.67 -7.69 -6.92
C GLU A 30 -10.28 -8.31 -7.02
N LEU A 31 -9.26 -7.47 -6.91
CA LEU A 31 -7.88 -7.94 -6.97
C LEU A 31 -7.54 -8.77 -5.74
N MET A 32 -6.46 -9.53 -5.82
CA MET A 32 -6.02 -10.36 -4.70
C MET A 32 -4.49 -10.44 -4.65
N PHE A 33 -3.96 -11.25 -3.73
CA PHE A 33 -2.52 -11.39 -3.60
C PHE A 33 -2.15 -12.76 -3.05
N LEU A 34 -1.19 -13.41 -3.69
CA LEU A 34 -0.72 -14.72 -3.27
C LEU A 34 0.27 -14.57 -2.12
N MET A 35 -0.22 -14.08 -0.99
CA MET A 35 0.62 -13.85 0.18
C MET A 35 1.34 -15.11 0.63
N LYS A 36 2.67 -15.03 0.72
CA LYS A 36 3.49 -16.15 1.16
C LYS A 36 3.44 -16.26 2.68
N TRP A 37 3.33 -17.48 3.19
CA TRP A 37 3.25 -17.69 4.63
C TRP A 37 4.56 -18.23 5.22
N LYS A 38 4.99 -17.62 6.32
CA LYS A 38 6.21 -18.05 7.00
C LYS A 38 5.96 -19.36 7.72
N ASN A 39 6.94 -20.27 7.65
CA ASN A 39 6.81 -21.57 8.29
C ASN A 39 5.58 -22.29 7.75
N SER A 40 5.40 -22.23 6.43
CA SER A 40 4.27 -22.85 5.77
C SER A 40 4.61 -23.18 4.32
N ASP A 41 5.47 -22.36 3.72
CA ASP A 41 5.90 -22.54 2.33
C ASP A 41 4.76 -22.27 1.36
N GLU A 42 3.76 -23.15 1.35
CA GLU A 42 2.62 -23.00 0.47
C GLU A 42 1.84 -21.74 0.82
N ALA A 43 1.77 -20.81 -0.11
CA ALA A 43 1.05 -19.56 0.11
C ALA A 43 -0.45 -19.75 -0.02
N ASP A 44 -1.15 -18.66 -0.30
CA ASP A 44 -2.61 -18.69 -0.45
C ASP A 44 -3.14 -17.32 -0.80
N LEU A 45 -4.00 -17.26 -1.81
CA LEU A 45 -4.59 -15.99 -2.24
C LEU A 45 -5.32 -15.31 -1.09
N VAL A 46 -5.19 -13.99 -1.03
CA VAL A 46 -5.84 -13.21 0.02
C VAL A 46 -6.50 -11.96 -0.56
N PRO A 47 -7.73 -11.66 -0.13
CA PRO A 47 -8.47 -10.49 -0.63
C PRO A 47 -7.64 -9.22 -0.55
N ALA A 48 -7.57 -8.50 -1.66
CA ALA A 48 -6.79 -7.26 -1.73
C ALA A 48 -7.23 -6.30 -0.64
N LYS A 49 -8.54 -6.18 -0.43
CA LYS A 49 -9.08 -5.29 0.58
C LYS A 49 -8.60 -5.67 1.97
N GLU A 50 -8.64 -6.97 2.28
CA GLU A 50 -8.20 -7.46 3.58
C GLU A 50 -6.70 -7.30 3.77
N ALA A 51 -5.95 -7.54 2.70
CA ALA A 51 -4.49 -7.44 2.75
C ALA A 51 -4.01 -6.02 3.08
N ASN A 52 -4.66 -5.02 2.48
CA ASN A 52 -4.26 -3.63 2.70
C ASN A 52 -4.51 -3.19 4.14
N VAL A 53 -5.60 -3.64 4.74
CA VAL A 53 -5.94 -3.26 6.11
C VAL A 53 -5.15 -4.07 7.13
N LYS A 54 -5.07 -5.37 6.90
CA LYS A 54 -4.35 -6.27 7.82
C LYS A 54 -2.84 -6.09 7.73
N CYS A 55 -2.33 -5.84 6.53
CA CYS A 55 -0.90 -5.66 6.33
C CYS A 55 -0.61 -4.84 5.08
N PRO A 56 -0.87 -3.52 5.14
CA PRO A 56 -0.66 -2.60 4.01
C PRO A 56 0.79 -2.56 3.55
N GLN A 57 1.72 -2.57 4.50
CA GLN A 57 3.15 -2.52 4.18
C GLN A 57 3.52 -3.63 3.20
N VAL A 58 2.92 -4.80 3.39
CA VAL A 58 3.19 -5.95 2.53
C VAL A 58 2.73 -5.72 1.10
N VAL A 59 1.46 -5.37 0.93
CA VAL A 59 0.91 -5.11 -0.39
C VAL A 59 1.71 -4.04 -1.10
N ILE A 60 2.08 -2.99 -0.36
CA ILE A 60 2.86 -1.90 -0.93
C ILE A 60 4.17 -2.43 -1.49
N SER A 61 4.79 -3.35 -0.76
CA SER A 61 6.05 -3.94 -1.20
C SER A 61 5.88 -4.68 -2.51
N PHE A 62 4.75 -5.37 -2.66
CA PHE A 62 4.47 -6.14 -3.87
C PHE A 62 4.48 -5.25 -5.11
N TYR A 63 3.79 -4.11 -5.07
CA TYR A 63 3.75 -3.21 -6.21
C TYR A 63 5.16 -2.85 -6.65
N GLU A 64 6.04 -2.62 -5.68
CA GLU A 64 7.43 -2.27 -5.95
C GLU A 64 8.10 -3.31 -6.83
N GLU A 65 7.80 -4.59 -6.58
CA GLU A 65 8.37 -5.68 -7.35
C GLU A 65 8.19 -5.46 -8.85
N ARG A 66 7.04 -4.89 -9.22
CA ARG A 66 6.73 -4.62 -10.61
C ARG A 66 6.04 -3.27 -10.75
N LEU A 67 6.58 -2.27 -10.06
CA LEU A 67 6.03 -0.92 -10.09
C LEU A 67 6.06 -0.34 -11.50
N THR A 68 5.13 0.57 -11.78
CA THR A 68 5.05 1.19 -13.09
C THR A 68 4.11 2.39 -13.08
N TRP A 69 4.51 3.44 -13.79
CA TRP A 69 3.70 4.65 -13.87
C TRP A 69 3.87 5.32 -15.24
N HIS A 70 2.75 5.62 -15.88
CA HIS A 70 2.77 6.25 -17.20
C HIS A 70 3.48 5.38 -18.22
N HIS B 1 5.03 22.89 14.70
CA HIS B 1 6.27 23.57 14.22
C HIS B 1 6.54 23.26 12.75
N MET B 2 6.87 24.29 11.98
CA MET B 2 7.15 24.12 10.56
C MET B 2 8.35 23.21 10.34
N LYS B 3 9.39 23.40 11.14
CA LYS B 3 10.60 22.58 11.04
C LYS B 3 11.30 22.81 9.70
N GLU B 4 12.63 22.95 9.74
CA GLU B 4 13.42 23.16 8.53
C GLU B 4 14.90 22.99 8.84
N GLU B 5 15.22 22.05 9.70
CA GLU B 5 16.59 21.78 10.08
C GLU B 5 17.39 21.28 8.87
N SER B 6 16.78 20.39 8.10
CA SER B 6 17.43 19.84 6.92
C SER B 6 17.65 20.93 5.87
N GLU B 7 16.61 21.69 5.57
CA GLU B 7 16.69 22.77 4.59
C GLU B 7 15.36 23.51 4.45
N LYS B 8 14.26 22.74 4.46
CA LYS B 8 12.93 23.32 4.33
C LYS B 8 11.85 22.25 4.45
N PRO B 9 10.75 22.56 5.16
CA PRO B 9 9.65 21.61 5.36
C PRO B 9 8.90 21.30 4.06
N ARG B 10 8.50 20.05 3.91
CA ARG B 10 7.78 19.62 2.72
C ARG B 10 7.17 18.23 2.92
N GLY B 11 5.90 18.10 2.57
CA GLY B 11 5.21 16.83 2.73
C GLY B 11 5.14 16.36 4.17
N PHE B 12 3.91 16.24 4.69
CA PHE B 12 3.69 15.79 6.06
C PHE B 12 4.11 16.86 7.08
N ALA B 13 5.20 17.58 6.80
CA ALA B 13 5.69 18.61 7.70
C ALA B 13 4.59 19.63 8.00
N ARG B 14 3.88 20.04 6.97
CA ARG B 14 2.80 21.01 7.11
C ARG B 14 1.72 20.48 8.06
N GLY B 15 1.58 19.16 8.07
CA GLY B 15 0.58 18.53 8.93
C GLY B 15 -0.81 18.57 8.33
N LEU B 16 -0.87 18.61 7.01
CA LEU B 16 -2.15 18.65 6.30
C LEU B 16 -2.74 17.25 6.16
N GLU B 17 -4.05 17.13 6.38
CA GLU B 17 -4.72 15.84 6.27
C GLU B 17 -4.73 15.34 4.83
N PRO B 18 -4.22 14.11 4.59
CA PRO B 18 -4.17 13.53 3.24
C PRO B 18 -5.55 13.16 2.71
N GLU B 19 -5.90 13.73 1.57
CA GLU B 19 -7.19 13.45 0.94
C GLU B 19 -7.08 12.30 -0.06
N ARG B 20 -6.14 12.43 -0.99
CA ARG B 20 -5.92 11.41 -2.01
C ARG B 20 -4.74 11.80 -2.91
N ILE B 21 -3.88 10.83 -3.20
CA ILE B 21 -2.72 11.08 -4.04
C ILE B 21 -3.13 11.55 -5.43
N ILE B 22 -2.41 12.53 -5.97
CA ILE B 22 -2.70 13.08 -7.28
C ILE B 22 -1.42 13.26 -8.11
N GLY B 23 -0.53 12.29 -8.01
CA GLY B 23 0.72 12.36 -8.75
C GLY B 23 1.73 11.32 -8.29
N ALA B 24 2.93 11.39 -8.87
CA ALA B 24 4.01 10.46 -8.51
C ALA B 24 5.28 10.80 -9.27
N THR B 25 6.42 10.64 -8.60
CA THR B 25 7.71 10.93 -9.21
C THR B 25 8.84 10.17 -8.51
N ASP B 26 9.60 9.41 -9.30
CA ASP B 26 10.72 8.65 -8.76
C ASP B 26 11.98 9.50 -8.67
N SER B 27 11.85 10.69 -8.09
CA SER B 27 12.98 11.60 -7.94
C SER B 27 14.11 10.92 -7.18
N SER B 28 15.33 11.06 -7.71
CA SER B 28 16.50 10.46 -7.08
C SER B 28 16.32 8.96 -6.93
N GLY B 29 15.72 8.33 -7.93
CA GLY B 29 15.48 6.91 -7.90
C GLY B 29 14.30 6.52 -7.03
N GLU B 30 14.22 7.12 -5.85
CA GLU B 30 13.13 6.84 -4.92
C GLU B 30 11.81 7.41 -5.43
N LEU B 31 10.78 6.58 -5.46
CA LEU B 31 9.47 7.01 -5.91
C LEU B 31 8.86 8.00 -4.93
N MET B 32 7.83 8.73 -5.37
CA MET B 32 7.15 9.70 -4.53
C MET B 32 5.67 9.75 -4.86
N PHE B 33 4.94 10.67 -4.22
CA PHE B 33 3.51 10.81 -4.45
C PHE B 33 3.04 12.24 -4.21
N LEU B 34 2.28 12.77 -5.16
CA LEU B 34 1.74 14.12 -5.05
C LEU B 34 0.50 14.12 -4.16
N MET B 35 0.69 13.79 -2.89
CA MET B 35 -0.41 13.71 -1.93
C MET B 35 -1.19 15.02 -1.85
N LYS B 36 -2.50 14.93 -2.07
CA LYS B 36 -3.38 16.09 -2.00
C LYS B 36 -3.70 16.41 -0.54
N TRP B 37 -3.69 17.70 -0.20
CA TRP B 37 -3.96 18.11 1.17
C TRP B 37 -5.35 18.70 1.34
N LYS B 38 -6.06 18.25 2.38
CA LYS B 38 -7.39 18.75 2.67
C LYS B 38 -7.31 20.16 3.23
N ASN B 39 -8.23 21.03 2.81
CA ASN B 39 -8.23 22.41 3.27
C ASN B 39 -6.89 23.06 2.95
N SER B 40 -6.40 22.82 1.73
CA SER B 40 -5.13 23.36 1.28
C SER B 40 -5.11 23.48 -0.24
N ASP B 41 -5.81 22.56 -0.89
CA ASP B 41 -5.89 22.54 -2.36
C ASP B 41 -4.56 22.16 -2.99
N GLU B 42 -3.57 23.05 -2.87
CA GLU B 42 -2.25 22.79 -3.43
C GLU B 42 -1.61 21.60 -2.72
N ALA B 43 -1.33 20.54 -3.47
CA ALA B 43 -0.71 19.35 -2.91
C ALA B 43 0.79 19.56 -2.70
N ASP B 44 1.53 18.45 -2.64
CA ASP B 44 2.97 18.49 -2.45
C ASP B 44 3.55 17.08 -2.46
N LEU B 45 4.63 16.90 -3.21
CA LEU B 45 5.28 15.59 -3.30
C LEU B 45 5.69 15.09 -1.93
N VAL B 46 5.53 13.80 -1.70
CA VAL B 46 5.89 13.18 -0.43
C VAL B 46 6.65 11.88 -0.66
N PRO B 47 7.74 11.66 0.10
CA PRO B 47 8.55 10.44 -0.04
C PRO B 47 7.71 9.18 0.02
N ALA B 48 7.89 8.31 -0.97
CA ALA B 48 7.13 7.06 -1.04
C ALA B 48 7.28 6.27 0.25
N LYS B 49 8.50 6.21 0.78
CA LYS B 49 8.76 5.48 2.00
C LYS B 49 7.97 6.04 3.17
N GLU B 50 7.95 7.36 3.28
CA GLU B 50 7.22 8.04 4.36
C GLU B 50 5.72 7.88 4.21
N ALA B 51 5.24 7.95 2.97
CA ALA B 51 3.82 7.84 2.68
C ALA B 51 3.25 6.46 3.07
N ASN B 52 4.01 5.40 2.79
CA ASN B 52 3.54 4.05 3.10
C ASN B 52 3.44 3.81 4.61
N VAL B 53 4.35 4.37 5.38
CA VAL B 53 4.33 4.19 6.83
C VAL B 53 3.34 5.12 7.51
N LYS B 54 3.33 6.38 7.09
CA LYS B 54 2.44 7.39 7.66
C LYS B 54 0.99 7.18 7.25
N CYS B 55 0.78 6.73 6.01
CA CYS B 55 -0.57 6.51 5.49
C CYS B 55 -0.55 5.52 4.34
N PRO B 56 -0.34 4.22 4.65
CA PRO B 56 -0.29 3.15 3.65
C PRO B 56 -1.58 3.02 2.86
N GLN B 57 -2.72 3.15 3.55
CA GLN B 57 -4.02 3.03 2.90
C GLN B 57 -4.13 3.99 1.71
N VAL B 58 -3.57 5.19 1.87
CA VAL B 58 -3.61 6.19 0.82
C VAL B 58 -2.82 5.76 -0.41
N VAL B 59 -1.55 5.43 -0.20
CA VAL B 59 -0.70 5.00 -1.32
C VAL B 59 -1.32 3.82 -2.05
N ILE B 60 -1.87 2.87 -1.28
CA ILE B 60 -2.52 1.71 -1.84
C ILE B 60 -3.64 2.12 -2.78
N SER B 61 -4.41 3.12 -2.36
CA SER B 61 -5.52 3.63 -3.16
C SER B 61 -5.02 4.18 -4.49
N PHE B 62 -3.87 4.86 -4.46
CA PHE B 62 -3.30 5.45 -5.66
C PHE B 62 -3.02 4.40 -6.74
N TYR B 63 -2.39 3.29 -6.36
CA TYR B 63 -2.09 2.23 -7.33
C TYR B 63 -3.36 1.79 -8.03
N GLU B 64 -4.45 1.68 -7.27
CA GLU B 64 -5.74 1.27 -7.83
C GLU B 64 -6.16 2.18 -8.98
N GLU B 65 -5.89 3.47 -8.85
CA GLU B 65 -6.25 4.44 -9.87
C GLU B 65 -5.71 4.01 -11.24
N ARG B 66 -4.53 3.42 -11.24
CA ARG B 66 -3.90 2.95 -12.46
C ARG B 66 -3.22 1.62 -12.23
N LEU B 67 -3.92 0.71 -11.57
CA LEU B 67 -3.40 -0.61 -11.27
C LEU B 67 -3.10 -1.39 -12.55
N THR B 68 -2.14 -2.30 -12.46
CA THR B 68 -1.75 -3.10 -13.62
C THR B 68 -0.87 -4.28 -13.22
N TRP B 69 -1.10 -5.43 -13.84
CA TRP B 69 -0.32 -6.63 -13.55
C TRP B 69 -0.18 -7.48 -14.81
N HIS B 70 1.06 -7.85 -15.13
CA HIS B 70 1.35 -8.66 -16.29
C HIS B 70 0.92 -7.95 -17.58
N HIS A 1 -6.94 -32.58 13.39
CA HIS A 1 -7.77 -31.79 14.33
C HIS A 1 -7.20 -30.38 14.53
N MET A 2 -8.08 -29.39 14.52
CA MET A 2 -7.66 -28.00 14.69
C MET A 2 -8.88 -27.08 14.80
N LYS A 3 -8.82 -26.14 15.73
CA LYS A 3 -9.91 -25.19 15.93
C LYS A 3 -10.06 -24.26 14.73
N GLU A 4 -10.16 -22.94 14.99
CA GLU A 4 -10.31 -21.96 13.93
C GLU A 4 -11.59 -22.21 13.14
N GLU A 5 -11.45 -22.55 11.85
CA GLU A 5 -12.61 -22.80 10.99
C GLU A 5 -13.51 -21.57 10.90
N SER A 6 -14.81 -21.74 11.13
CA SER A 6 -15.77 -20.65 11.07
C SER A 6 -16.06 -20.24 9.63
N GLU A 7 -15.04 -20.31 8.77
CA GLU A 7 -15.21 -19.94 7.37
C GLU A 7 -14.06 -20.49 6.52
N LYS A 8 -13.66 -21.73 6.81
CA LYS A 8 -12.58 -22.39 6.08
C LYS A 8 -11.25 -21.67 6.28
N PRO A 9 -10.16 -22.43 6.52
CA PRO A 9 -8.83 -21.86 6.73
C PRO A 9 -8.27 -21.24 5.46
N ARG A 10 -7.04 -21.63 5.11
CA ARG A 10 -6.34 -21.13 3.92
C ARG A 10 -6.15 -19.61 3.98
N GLY A 11 -4.96 -19.17 3.56
CA GLY A 11 -4.66 -17.74 3.58
C GLY A 11 -4.44 -17.21 4.98
N PHE A 12 -4.94 -16.01 5.24
CA PHE A 12 -4.79 -15.39 6.56
C PHE A 12 -5.40 -16.26 7.65
N ALA A 13 -6.45 -17.00 7.30
CA ALA A 13 -7.12 -17.88 8.26
C ALA A 13 -6.12 -18.84 8.92
N ARG A 14 -5.24 -19.42 8.11
CA ARG A 14 -4.24 -20.35 8.61
C ARG A 14 -3.36 -19.67 9.67
N GLY A 15 -3.17 -18.37 9.51
CA GLY A 15 -2.35 -17.61 10.44
C GLY A 15 -0.87 -17.71 10.12
N LEU A 16 -0.57 -17.89 8.84
CA LEU A 16 0.81 -17.98 8.38
C LEU A 16 1.44 -16.61 8.24
N GLU A 17 2.68 -16.47 8.69
CA GLU A 17 3.38 -15.20 8.61
C GLU A 17 3.74 -14.89 7.16
N PRO A 18 3.28 -13.73 6.64
CA PRO A 18 3.56 -13.33 5.26
C PRO A 18 5.05 -13.10 5.02
N GLU A 19 5.63 -13.88 4.11
CA GLU A 19 7.04 -13.75 3.78
C GLU A 19 7.27 -12.63 2.77
N ARG A 20 6.56 -12.72 1.64
CA ARG A 20 6.68 -11.73 0.57
C ARG A 20 5.71 -12.05 -0.56
N ILE A 21 5.04 -11.02 -1.07
CA ILE A 21 4.10 -11.22 -2.17
C ILE A 21 4.83 -11.57 -3.45
N ILE A 22 4.53 -12.75 -3.99
CA ILE A 22 5.16 -13.22 -5.21
C ILE A 22 4.49 -12.64 -6.46
N GLY A 23 3.19 -12.41 -6.37
CA GLY A 23 2.45 -11.86 -7.50
C GLY A 23 1.06 -11.40 -7.12
N ALA A 24 0.09 -11.66 -7.99
CA ALA A 24 -1.29 -11.27 -7.73
C ALA A 24 -2.23 -11.81 -8.81
N THR A 25 -3.39 -11.17 -8.93
CA THR A 25 -4.39 -11.56 -9.92
C THR A 25 -5.64 -10.68 -9.78
N ASP A 26 -6.82 -11.23 -10.02
CA ASP A 26 -8.06 -10.47 -9.93
C ASP A 26 -9.26 -11.34 -10.31
N SER A 27 -10.28 -11.33 -9.46
CA SER A 27 -11.50 -12.09 -9.69
C SER A 27 -12.72 -11.20 -9.51
N SER A 28 -13.56 -11.17 -10.54
CA SER A 28 -14.77 -10.35 -10.51
C SER A 28 -14.42 -8.88 -10.28
N GLY A 29 -13.31 -8.45 -10.86
CA GLY A 29 -12.89 -7.06 -10.71
C GLY A 29 -12.07 -6.80 -9.46
N GLU A 30 -12.30 -7.59 -8.41
CA GLU A 30 -11.58 -7.43 -7.16
C GLU A 30 -10.15 -7.94 -7.27
N LEU A 31 -9.19 -7.07 -6.96
CA LEU A 31 -7.78 -7.43 -7.02
C LEU A 31 -7.47 -8.51 -5.98
N MET A 32 -6.51 -9.37 -6.30
CA MET A 32 -6.13 -10.46 -5.41
C MET A 32 -4.62 -10.62 -5.35
N PHE A 33 -4.10 -10.91 -4.16
CA PHE A 33 -2.66 -11.09 -3.98
C PHE A 33 -2.33 -12.52 -3.59
N LEU A 34 -1.38 -13.12 -4.31
CA LEU A 34 -0.95 -14.48 -4.02
C LEU A 34 0.11 -14.47 -2.93
N MET A 35 -0.30 -14.07 -1.72
CA MET A 35 0.61 -13.98 -0.59
C MET A 35 1.42 -15.27 -0.41
N LYS A 36 2.74 -15.14 -0.39
CA LYS A 36 3.62 -16.28 -0.19
C LYS A 36 4.06 -16.33 1.27
N TRP A 37 3.72 -17.40 1.96
CA TRP A 37 4.05 -17.55 3.37
C TRP A 37 5.43 -18.18 3.55
N LYS A 38 5.97 -18.02 4.76
CA LYS A 38 7.30 -18.55 5.09
C LYS A 38 7.39 -20.06 4.86
N ASN A 39 7.64 -20.82 5.93
CA ASN A 39 7.78 -22.28 5.84
C ASN A 39 6.44 -22.96 5.54
N SER A 40 5.54 -22.26 4.87
CA SER A 40 4.24 -22.81 4.52
C SER A 40 4.35 -23.76 3.34
N ASP A 41 5.05 -23.31 2.30
CA ASP A 41 5.22 -24.10 1.09
C ASP A 41 3.85 -24.47 0.53
N GLU A 42 2.96 -23.50 0.54
CA GLU A 42 1.59 -23.68 0.04
C GLU A 42 0.86 -22.34 0.02
N ALA A 43 1.39 -21.41 -0.75
CA ALA A 43 0.82 -20.07 -0.86
C ALA A 43 -0.68 -20.13 -1.13
N ASP A 44 -1.35 -18.98 -0.97
CA ASP A 44 -2.78 -18.90 -1.19
C ASP A 44 -3.23 -17.46 -1.42
N LEU A 45 -4.14 -17.27 -2.36
CA LEU A 45 -4.65 -15.94 -2.68
C LEU A 45 -5.35 -15.31 -1.48
N VAL A 46 -5.17 -14.00 -1.32
CA VAL A 46 -5.77 -13.26 -0.23
C VAL A 46 -6.43 -11.99 -0.75
N PRO A 47 -7.67 -11.70 -0.31
CA PRO A 47 -8.41 -10.51 -0.74
C PRO A 47 -7.58 -9.24 -0.60
N ALA A 48 -7.60 -8.42 -1.64
CA ALA A 48 -6.84 -7.18 -1.66
C ALA A 48 -7.18 -6.30 -0.45
N LYS A 49 -8.48 -6.18 -0.15
CA LYS A 49 -8.93 -5.37 0.96
C LYS A 49 -8.36 -5.86 2.29
N GLU A 50 -8.40 -7.17 2.50
CA GLU A 50 -7.89 -7.76 3.74
C GLU A 50 -6.38 -7.60 3.84
N ALA A 51 -5.69 -7.84 2.73
CA ALA A 51 -4.24 -7.76 2.68
C ALA A 51 -3.73 -6.34 2.95
N ASN A 52 -4.46 -5.34 2.48
CA ASN A 52 -4.03 -3.95 2.67
C ASN A 52 -4.10 -3.53 4.14
N VAL A 53 -5.12 -4.00 4.83
CA VAL A 53 -5.33 -3.65 6.24
C VAL A 53 -4.33 -4.37 7.15
N LYS A 54 -4.34 -5.68 7.10
CA LYS A 54 -3.47 -6.51 7.93
C LYS A 54 -2.02 -6.49 7.44
N CYS A 55 -1.83 -6.29 6.15
CA CYS A 55 -0.48 -6.27 5.57
C CYS A 55 -0.29 -5.08 4.64
N PRO A 56 -0.48 -3.85 5.14
CA PRO A 56 -0.31 -2.63 4.34
C PRO A 56 1.10 -2.50 3.78
N GLN A 57 2.09 -2.84 4.59
CA GLN A 57 3.49 -2.75 4.17
C GLN A 57 3.81 -3.82 3.13
N VAL A 58 3.33 -5.03 3.36
CA VAL A 58 3.58 -6.14 2.44
C VAL A 58 3.03 -5.85 1.05
N VAL A 59 1.75 -5.47 1.00
CA VAL A 59 1.11 -5.17 -0.28
C VAL A 59 1.88 -4.08 -1.02
N ILE A 60 2.31 -3.06 -0.29
CA ILE A 60 3.07 -1.97 -0.87
C ILE A 60 4.42 -2.47 -1.40
N SER A 61 4.99 -3.44 -0.70
CA SER A 61 6.27 -4.01 -1.10
C SER A 61 6.17 -4.58 -2.52
N PHE A 62 5.06 -5.26 -2.80
CA PHE A 62 4.84 -5.85 -4.10
C PHE A 62 4.74 -4.78 -5.18
N TYR A 63 3.95 -3.74 -4.93
CA TYR A 63 3.80 -2.66 -5.88
C TYR A 63 5.16 -2.06 -6.23
N GLU A 64 5.99 -1.88 -5.22
CA GLU A 64 7.32 -1.31 -5.40
C GLU A 64 8.18 -2.16 -6.34
N GLU A 65 8.15 -3.48 -6.13
CA GLU A 65 8.93 -4.40 -6.97
C GLU A 65 8.54 -4.28 -8.43
N ARG A 66 7.38 -4.84 -8.78
CA ARG A 66 6.89 -4.80 -10.16
C ARG A 66 6.10 -3.51 -10.40
N LEU A 67 6.69 -2.39 -9.99
CA LEU A 67 6.05 -1.08 -10.14
C LEU A 67 6.01 -0.64 -11.60
N THR A 68 4.90 -0.04 -12.00
CA THR A 68 4.72 0.43 -13.37
C THR A 68 5.07 1.92 -13.51
N TRP A 69 4.10 2.73 -13.96
CA TRP A 69 4.30 4.16 -14.16
C TRP A 69 5.14 4.43 -15.41
N HIS A 70 4.80 3.74 -16.49
CA HIS A 70 5.52 3.90 -17.75
C HIS A 70 4.85 3.10 -18.86
N HIS B 1 3.94 34.11 10.50
CA HIS B 1 4.51 33.45 11.71
C HIS B 1 3.88 32.07 11.93
N MET B 2 4.73 31.10 12.26
CA MET B 2 4.26 29.73 12.50
C MET B 2 5.40 28.85 13.01
N LYS B 3 5.10 28.03 14.01
CA LYS B 3 6.10 27.14 14.60
C LYS B 3 6.51 26.06 13.59
N GLU B 4 6.54 24.80 14.03
CA GLU B 4 6.92 23.69 13.17
C GLU B 4 8.37 23.86 12.69
N GLU B 5 8.55 24.03 11.38
CA GLU B 5 9.88 24.20 10.81
C GLU B 5 10.75 22.97 11.09
N SER B 6 11.96 23.20 11.61
CA SER B 6 12.89 22.12 11.92
C SER B 6 13.52 21.54 10.67
N GLU B 7 12.75 21.48 9.58
CA GLU B 7 13.25 20.94 8.32
C GLU B 7 12.35 21.37 7.15
N LYS B 8 11.92 22.62 7.18
CA LYS B 8 11.05 23.17 6.13
C LYS B 8 9.71 22.46 6.09
N PRO B 9 8.60 23.23 5.96
CA PRO B 9 7.25 22.67 5.90
C PRO B 9 7.00 21.88 4.62
N ARG B 10 5.91 22.22 3.93
CA ARG B 10 5.51 21.55 2.68
C ARG B 10 5.29 20.05 2.88
N GLY B 11 4.24 19.54 2.24
CA GLY B 11 3.92 18.13 2.36
C GLY B 11 3.35 17.77 3.72
N PHE B 12 3.76 16.62 4.25
CA PHE B 12 3.28 16.17 5.55
C PHE B 12 3.61 17.17 6.65
N ALA B 13 4.72 17.88 6.48
CA ALA B 13 5.15 18.89 7.45
C ALA B 13 4.04 19.90 7.71
N ARG B 14 3.39 20.36 6.65
CA ARG B 14 2.31 21.33 6.77
C ARG B 14 1.19 20.78 7.65
N GLY B 15 1.02 19.46 7.62
CA GLY B 15 -0.01 18.82 8.42
C GLY B 15 -1.36 18.85 7.72
N LEU B 16 -1.34 18.86 6.40
CA LEU B 16 -2.56 18.87 5.60
C LEU B 16 -3.15 17.48 5.49
N GLU B 17 -4.46 17.38 5.65
CA GLU B 17 -5.14 16.10 5.54
C GLU B 17 -5.14 15.60 4.11
N PRO B 18 -4.60 14.40 3.86
CA PRO B 18 -4.53 13.83 2.50
C PRO B 18 -5.91 13.54 1.94
N GLU B 19 -6.25 14.19 0.83
CA GLU B 19 -7.53 14.01 0.18
C GLU B 19 -7.53 12.76 -0.71
N ARG B 20 -6.56 12.72 -1.63
CA ARG B 20 -6.43 11.60 -2.56
C ARG B 20 -5.21 11.79 -3.45
N ILE B 21 -4.45 10.72 -3.64
CA ILE B 21 -3.27 10.78 -4.49
C ILE B 21 -3.66 10.97 -5.95
N ILE B 22 -3.21 12.08 -6.54
CA ILE B 22 -3.52 12.38 -7.94
C ILE B 22 -2.58 11.66 -8.89
N GLY B 23 -1.33 11.46 -8.46
CA GLY B 23 -0.35 10.80 -9.29
C GLY B 23 0.90 10.41 -8.53
N ALA B 24 2.06 10.57 -9.17
CA ALA B 24 3.32 10.23 -8.53
C ALA B 24 4.51 10.65 -9.40
N THR B 25 5.66 10.02 -9.15
CA THR B 25 6.88 10.30 -9.90
C THR B 25 8.04 9.45 -9.36
N ASP B 26 9.25 10.00 -9.37
CA ASP B 26 10.42 9.28 -8.88
C ASP B 26 11.68 10.12 -9.06
N SER B 27 12.46 10.21 -7.99
CA SER B 27 13.71 10.96 -8.01
C SER B 27 14.84 10.13 -7.43
N SER B 28 15.91 9.98 -8.21
CA SER B 28 17.06 9.19 -7.78
C SER B 28 16.64 7.75 -7.46
N GLY B 29 15.69 7.23 -8.24
CA GLY B 29 15.23 5.87 -8.03
C GLY B 29 14.13 5.75 -6.98
N GLU B 30 14.10 6.68 -6.03
CA GLU B 30 13.09 6.66 -4.97
C GLU B 30 11.73 7.12 -5.50
N LEU B 31 10.72 6.29 -5.32
CA LEU B 31 9.38 6.61 -5.77
C LEU B 31 8.85 7.82 -4.98
N MET B 32 8.01 8.61 -5.64
CA MET B 32 7.44 9.79 -5.00
C MET B 32 5.96 9.94 -5.34
N PHE B 33 5.17 10.37 -4.36
CA PHE B 33 3.73 10.55 -4.56
C PHE B 33 3.33 12.02 -4.44
N LEU B 34 2.60 12.50 -5.44
CA LEU B 34 2.14 13.88 -5.44
C LEU B 34 0.83 13.99 -4.65
N MET B 35 0.93 13.76 -3.34
CA MET B 35 -0.23 13.80 -2.46
C MET B 35 -1.04 15.08 -2.65
N LYS B 36 -2.33 14.93 -2.95
CA LYS B 36 -3.21 16.07 -3.10
C LYS B 36 -4.00 16.29 -1.82
N TRP B 37 -3.81 17.45 -1.21
CA TRP B 37 -4.47 17.77 0.05
C TRP B 37 -5.85 18.39 -0.19
N LYS B 38 -6.68 18.38 0.85
CA LYS B 38 -8.03 18.93 0.78
C LYS B 38 -8.05 20.40 0.35
N ASN B 39 -8.54 21.27 1.22
CA ASN B 39 -8.63 22.70 0.92
C ASN B 39 -7.25 23.37 0.88
N SER B 40 -6.22 22.60 0.54
CA SER B 40 -4.87 23.12 0.46
C SER B 40 -4.67 23.92 -0.82
N ASP B 41 -5.10 23.34 -1.94
CA ASP B 41 -4.96 23.96 -3.24
C ASP B 41 -3.48 24.28 -3.50
N GLU B 42 -2.63 23.32 -3.14
CA GLU B 42 -1.19 23.48 -3.31
C GLU B 42 -0.49 22.16 -2.98
N ALA B 43 -0.84 21.12 -3.74
CA ALA B 43 -0.26 19.79 -3.54
C ALA B 43 1.25 19.84 -3.44
N ASP B 44 1.84 18.72 -2.98
CA ASP B 44 3.28 18.64 -2.82
C ASP B 44 3.75 17.19 -2.76
N LEU B 45 4.86 16.90 -3.41
CA LEU B 45 5.42 15.54 -3.43
C LEU B 45 5.78 15.09 -2.02
N VAL B 46 5.55 13.81 -1.76
CA VAL B 46 5.86 13.22 -0.47
C VAL B 46 6.60 11.90 -0.65
N PRO B 47 7.70 11.69 0.11
CA PRO B 47 8.50 10.47 0.03
C PRO B 47 7.63 9.22 0.12
N ALA B 48 7.89 8.27 -0.77
CA ALA B 48 7.14 7.01 -0.81
C ALA B 48 7.17 6.30 0.54
N LYS B 49 8.35 6.25 1.15
CA LYS B 49 8.51 5.59 2.44
C LYS B 49 7.63 6.23 3.51
N GLU B 50 7.65 7.55 3.57
CA GLU B 50 6.86 8.29 4.55
C GLU B 50 5.37 8.12 4.30
N ALA B 51 4.97 8.21 3.04
CA ALA B 51 3.57 8.09 2.64
C ALA B 51 2.99 6.72 2.96
N ASN B 52 3.80 5.68 2.82
CA ASN B 52 3.32 4.31 3.07
C ASN B 52 3.04 4.07 4.55
N VAL B 53 3.85 4.68 5.41
CA VAL B 53 3.69 4.49 6.85
C VAL B 53 2.51 5.29 7.40
N LYS B 54 2.56 6.59 7.17
CA LYS B 54 1.52 7.50 7.66
C LYS B 54 0.25 7.40 6.83
N CYS B 55 0.37 7.03 5.57
CA CYS B 55 -0.80 6.93 4.69
C CYS B 55 -0.78 5.62 3.89
N PRO B 56 -0.74 4.47 4.57
CA PRO B 56 -0.72 3.16 3.92
C PRO B 56 -1.95 2.93 3.05
N GLN B 57 -3.11 3.35 3.55
CA GLN B 57 -4.36 3.20 2.81
C GLN B 57 -4.40 4.11 1.59
N VAL B 58 -3.97 5.36 1.77
CA VAL B 58 -3.97 6.33 0.69
C VAL B 58 -3.09 5.88 -0.47
N VAL B 59 -1.85 5.53 -0.17
CA VAL B 59 -0.92 5.08 -1.19
C VAL B 59 -1.50 3.90 -1.96
N ILE B 60 -2.11 2.97 -1.24
CA ILE B 60 -2.73 1.80 -1.85
C ILE B 60 -3.89 2.20 -2.74
N SER B 61 -4.61 3.25 -2.33
CA SER B 61 -5.74 3.74 -3.11
C SER B 61 -5.29 4.14 -4.51
N PHE B 62 -4.13 4.79 -4.58
CA PHE B 62 -3.59 5.22 -5.87
C PHE B 62 -3.25 4.02 -6.75
N TYR B 63 -2.56 3.03 -6.17
CA TYR B 63 -2.19 1.84 -6.92
C TYR B 63 -3.44 1.18 -7.52
N GLU B 64 -4.50 1.11 -6.72
CA GLU B 64 -5.75 0.51 -7.16
C GLU B 64 -6.33 1.23 -8.38
N GLU B 65 -6.34 2.55 -8.34
CA GLU B 65 -6.88 3.35 -9.44
C GLU B 65 -6.13 3.06 -10.74
N ARG B 66 -4.92 3.58 -10.85
CA ARG B 66 -4.11 3.38 -12.05
C ARG B 66 -3.31 2.09 -11.94
N LEU B 67 -3.99 1.01 -11.54
CA LEU B 67 -3.35 -0.28 -11.37
C LEU B 67 -2.97 -0.91 -12.71
N THR B 68 -1.80 -1.53 -12.74
CA THR B 68 -1.29 -2.17 -13.96
C THR B 68 -1.63 -3.67 -14.00
N TRP B 69 -0.58 -4.51 -14.09
CA TRP B 69 -0.76 -5.97 -14.15
C TRP B 69 -1.27 -6.40 -15.52
N HIS B 70 -0.67 -5.84 -16.57
CA HIS B 70 -1.06 -6.17 -17.93
C HIS B 70 -0.12 -5.52 -18.94
N HIS A 1 -21.11 -13.21 6.33
CA HIS A 1 -20.96 -14.68 6.15
C HIS A 1 -19.71 -15.01 5.33
N MET A 2 -18.95 -16.00 5.78
CA MET A 2 -17.73 -16.42 5.11
C MET A 2 -17.16 -17.68 5.73
N LYS A 3 -17.18 -17.73 7.06
CA LYS A 3 -16.66 -18.88 7.80
C LYS A 3 -15.18 -19.08 7.50
N GLU A 4 -14.82 -20.25 6.97
CA GLU A 4 -13.43 -20.56 6.66
C GLU A 4 -12.55 -20.46 7.91
N GLU A 5 -13.07 -20.95 9.02
CA GLU A 5 -12.35 -20.93 10.29
C GLU A 5 -12.75 -22.10 11.17
N SER A 6 -12.99 -23.25 10.53
CA SER A 6 -13.39 -24.46 11.23
C SER A 6 -13.26 -25.67 10.32
N GLU A 7 -13.84 -25.56 9.12
CA GLU A 7 -13.79 -26.64 8.15
C GLU A 7 -12.39 -26.77 7.55
N LYS A 8 -11.77 -25.63 7.24
CA LYS A 8 -10.43 -25.62 6.67
C LYS A 8 -9.86 -24.21 6.65
N PRO A 9 -8.63 -24.03 7.18
CA PRO A 9 -7.96 -22.74 7.23
C PRO A 9 -7.42 -22.30 5.86
N ARG A 10 -7.43 -21.00 5.61
CA ARG A 10 -6.93 -20.45 4.36
C ARG A 10 -6.55 -18.99 4.51
N GLY A 11 -5.45 -18.59 3.87
CA GLY A 11 -4.99 -17.21 3.96
C GLY A 11 -4.65 -16.81 5.39
N PHE A 12 -5.10 -15.64 5.80
CA PHE A 12 -4.84 -15.14 7.15
C PHE A 12 -5.44 -16.07 8.20
N ALA A 13 -6.48 -16.80 7.83
CA ALA A 13 -7.13 -17.72 8.75
C ALA A 13 -6.11 -18.68 9.37
N ARG A 14 -5.21 -19.17 8.53
CA ARG A 14 -4.17 -20.10 8.99
C ARG A 14 -3.34 -19.45 10.09
N GLY A 15 -3.25 -18.13 10.04
CA GLY A 15 -2.47 -17.39 11.03
C GLY A 15 -1.01 -17.33 10.67
N LEU A 16 -0.71 -17.35 9.39
CA LEU A 16 0.66 -17.29 8.90
C LEU A 16 1.11 -15.84 8.75
N GLU A 17 2.33 -15.56 9.19
CA GLU A 17 2.87 -14.21 9.09
C GLU A 17 3.28 -13.91 7.65
N PRO A 18 2.69 -12.87 7.03
CA PRO A 18 3.00 -12.50 5.65
C PRO A 18 4.39 -11.91 5.51
N GLU A 19 5.24 -12.61 4.75
CA GLU A 19 6.61 -12.15 4.53
C GLU A 19 6.70 -11.28 3.28
N ARG A 20 6.07 -11.76 2.20
CA ARG A 20 6.07 -11.04 0.94
C ARG A 20 5.07 -11.66 -0.03
N ILE A 21 4.26 -10.83 -0.65
CA ILE A 21 3.24 -11.29 -1.59
C ILE A 21 3.86 -11.79 -2.90
N ILE A 22 3.33 -12.90 -3.41
CA ILE A 22 3.82 -13.49 -4.64
C ILE A 22 2.70 -13.72 -5.64
N GLY A 23 1.80 -12.75 -5.75
CA GLY A 23 0.69 -12.89 -6.69
C GLY A 23 -0.40 -11.85 -6.49
N ALA A 24 -1.28 -11.73 -7.48
CA ALA A 24 -2.37 -10.78 -7.42
C ALA A 24 -3.45 -11.14 -8.43
N THR A 25 -4.71 -11.02 -8.01
CA THR A 25 -5.84 -11.35 -8.87
C THR A 25 -7.12 -10.68 -8.34
N ASP A 26 -8.23 -11.42 -8.34
CA ASP A 26 -9.49 -10.88 -7.86
C ASP A 26 -10.56 -11.96 -7.81
N SER A 27 -10.82 -12.60 -8.94
CA SER A 27 -11.80 -13.68 -9.02
C SER A 27 -13.16 -13.25 -8.44
N SER A 28 -13.42 -11.95 -8.43
CA SER A 28 -14.67 -11.42 -7.91
C SER A 28 -14.66 -9.89 -7.89
N GLY A 29 -13.99 -9.30 -8.88
CA GLY A 29 -13.91 -7.85 -8.97
C GLY A 29 -12.94 -7.27 -7.96
N GLU A 30 -13.01 -7.73 -6.72
CA GLU A 30 -12.13 -7.25 -5.67
C GLU A 30 -10.74 -7.84 -5.83
N LEU A 31 -9.73 -6.99 -5.89
CA LEU A 31 -8.34 -7.44 -6.06
C LEU A 31 -7.98 -8.49 -5.02
N MET A 32 -6.89 -9.20 -5.28
CA MET A 32 -6.41 -10.24 -4.37
C MET A 32 -4.89 -10.25 -4.32
N PHE A 33 -4.33 -11.08 -3.44
CA PHE A 33 -2.89 -11.19 -3.29
C PHE A 33 -2.47 -12.59 -2.85
N LEU A 34 -1.60 -13.21 -3.64
CA LEU A 34 -1.11 -14.55 -3.32
C LEU A 34 0.02 -14.47 -2.29
N MET A 35 -0.35 -14.27 -1.03
CA MET A 35 0.63 -14.16 0.05
C MET A 35 1.53 -15.40 0.10
N LYS A 36 2.84 -15.17 0.12
CA LYS A 36 3.81 -16.27 0.17
C LYS A 36 3.98 -16.80 1.59
N TRP A 37 3.82 -15.92 2.58
CA TRP A 37 3.97 -16.29 3.98
C TRP A 37 5.44 -16.56 4.31
N LYS A 38 5.81 -16.33 5.56
CA LYS A 38 7.20 -16.53 6.00
C LYS A 38 7.63 -18.00 5.85
N ASN A 39 8.02 -18.62 6.97
CA ASN A 39 8.47 -20.00 6.96
C ASN A 39 7.57 -20.89 6.13
N SER A 40 6.27 -20.59 6.15
CA SER A 40 5.30 -21.37 5.38
C SER A 40 5.63 -21.32 3.90
N ASP A 41 5.83 -22.49 3.30
CA ASP A 41 6.14 -22.58 1.88
C ASP A 41 4.89 -22.44 1.02
N GLU A 42 3.82 -23.12 1.43
CA GLU A 42 2.56 -23.08 0.70
C GLU A 42 1.99 -21.67 0.66
N ALA A 43 1.74 -21.19 -0.56
CA ALA A 43 1.17 -19.85 -0.75
C ALA A 43 -0.36 -19.91 -0.75
N ASP A 44 -0.99 -18.84 -0.29
CA ASP A 44 -2.44 -18.78 -0.23
C ASP A 44 -2.97 -17.39 -0.56
N LEU A 45 -4.03 -17.34 -1.36
CA LEU A 45 -4.64 -16.09 -1.76
C LEU A 45 -5.29 -15.39 -0.58
N VAL A 46 -5.30 -14.06 -0.62
CA VAL A 46 -5.88 -13.25 0.45
C VAL A 46 -6.53 -11.99 -0.11
N PRO A 47 -7.76 -11.67 0.35
CA PRO A 47 -8.49 -10.49 -0.11
C PRO A 47 -7.64 -9.23 -0.03
N ALA A 48 -7.64 -8.46 -1.12
CA ALA A 48 -6.87 -7.23 -1.18
C ALA A 48 -7.19 -6.32 0.00
N LYS A 49 -8.45 -6.34 0.42
CA LYS A 49 -8.89 -5.50 1.52
C LYS A 49 -8.27 -5.95 2.85
N GLU A 50 -8.34 -7.26 3.13
CA GLU A 50 -7.80 -7.80 4.37
C GLU A 50 -6.29 -7.57 4.45
N ALA A 51 -5.60 -7.75 3.32
CA ALA A 51 -4.16 -7.58 3.27
C ALA A 51 -3.73 -6.14 3.52
N ASN A 52 -4.44 -5.18 2.93
CA ASN A 52 -4.10 -3.78 3.08
C ASN A 52 -4.30 -3.29 4.51
N VAL A 53 -5.33 -3.79 5.18
CA VAL A 53 -5.63 -3.38 6.55
C VAL A 53 -4.77 -4.12 7.56
N LYS A 54 -4.81 -5.43 7.49
CA LYS A 54 -4.06 -6.28 8.41
C LYS A 54 -2.54 -6.16 8.21
N CYS A 55 -2.12 -5.91 6.98
CA CYS A 55 -0.69 -5.79 6.68
C CYS A 55 -0.44 -4.88 5.48
N PRO A 56 -0.73 -3.57 5.64
CA PRO A 56 -0.55 -2.59 4.58
C PRO A 56 0.90 -2.53 4.07
N GLN A 57 1.85 -2.65 4.98
CA GLN A 57 3.26 -2.62 4.62
C GLN A 57 3.60 -3.69 3.60
N VAL A 58 3.04 -4.88 3.80
CA VAL A 58 3.29 -6.00 2.90
C VAL A 58 2.80 -5.73 1.49
N VAL A 59 1.52 -5.37 1.37
CA VAL A 59 0.94 -5.08 0.06
C VAL A 59 1.73 -3.99 -0.65
N ILE A 60 2.12 -2.96 0.10
CA ILE A 60 2.91 -1.87 -0.44
C ILE A 60 4.23 -2.40 -0.99
N SER A 61 4.83 -3.32 -0.24
CA SER A 61 6.09 -3.93 -0.65
C SER A 61 5.92 -4.73 -1.93
N PHE A 62 4.69 -5.18 -2.19
CA PHE A 62 4.41 -5.97 -3.37
C PHE A 62 4.39 -5.11 -4.64
N TYR A 63 3.73 -3.95 -4.56
CA TYR A 63 3.65 -3.06 -5.72
C TYR A 63 5.03 -2.66 -6.24
N GLU A 64 5.91 -2.26 -5.32
CA GLU A 64 7.26 -1.85 -5.69
C GLU A 64 7.96 -2.93 -6.50
N GLU A 65 7.69 -4.19 -6.17
CA GLU A 65 8.31 -5.31 -6.87
C GLU A 65 8.10 -5.18 -8.38
N ARG A 66 6.92 -4.68 -8.74
CA ARG A 66 6.57 -4.47 -10.15
C ARG A 66 5.89 -3.12 -10.32
N LEU A 67 6.44 -2.12 -9.65
CA LEU A 67 5.91 -0.76 -9.69
C LEU A 67 5.93 -0.20 -11.10
N THR A 68 5.06 0.77 -11.37
CA THR A 68 4.97 1.40 -12.67
C THR A 68 4.09 2.64 -12.64
N TRP A 69 4.55 3.71 -13.29
CA TRP A 69 3.80 4.96 -13.34
C TRP A 69 4.04 5.68 -14.66
N HIS A 70 3.99 4.93 -15.76
CA HIS A 70 4.20 5.50 -17.09
C HIS A 70 3.92 4.46 -18.17
N HIS B 1 19.20 14.35 9.27
CA HIS B 1 19.12 15.77 8.84
C HIS B 1 18.10 15.95 7.71
N MET B 2 17.29 16.99 7.83
CA MET B 2 16.27 17.29 6.82
C MET B 2 15.59 18.61 7.11
N LYS B 3 15.29 18.85 8.39
CA LYS B 3 14.63 20.09 8.80
C LYS B 3 13.26 20.22 8.13
N GLU B 4 13.06 21.30 7.37
CA GLU B 4 11.79 21.53 6.69
C GLU B 4 10.64 21.60 7.68
N GLU B 5 10.88 22.25 8.81
CA GLU B 5 9.87 22.39 9.86
C GLU B 5 10.08 23.69 10.63
N SER B 6 10.49 24.73 9.91
CA SER B 6 10.72 26.04 10.51
C SER B 6 10.84 27.11 9.43
N GLU B 7 11.69 26.84 8.44
CA GLU B 7 11.89 27.77 7.33
C GLU B 7 10.68 27.78 6.42
N LYS B 8 10.14 26.61 6.13
CA LYS B 8 8.97 26.49 5.27
C LYS B 8 8.38 25.08 5.30
N PRO B 9 7.07 24.96 5.53
CA PRO B 9 6.39 23.66 5.60
C PRO B 9 6.18 23.04 4.23
N ARG B 10 6.21 21.71 4.19
CA ARG B 10 6.03 20.98 2.93
C ARG B 10 5.61 19.55 3.20
N GLY B 11 4.68 19.04 2.38
CA GLY B 11 4.19 17.69 2.56
C GLY B 11 3.51 17.50 3.89
N PHE B 12 3.83 16.39 4.56
CA PHE B 12 3.25 16.08 5.86
C PHE B 12 3.58 17.15 6.89
N ALA B 13 4.70 17.85 6.68
CA ALA B 13 5.13 18.91 7.59
C ALA B 13 4.01 19.93 7.80
N ARG B 14 3.34 20.28 6.71
CA ARG B 14 2.24 21.24 6.77
C ARG B 14 1.15 20.75 7.71
N GLY B 15 1.05 19.42 7.84
CA GLY B 15 0.05 18.83 8.71
C GLY B 15 -1.30 18.70 8.02
N LEU B 16 -1.27 18.52 6.70
CA LEU B 16 -2.48 18.37 5.92
C LEU B 16 -2.91 16.90 5.87
N GLU B 17 -4.20 16.66 6.04
CA GLU B 17 -4.73 15.31 6.00
C GLU B 17 -4.78 14.80 4.57
N PRO B 18 -4.07 13.69 4.27
CA PRO B 18 -4.04 13.12 2.92
C PRO B 18 -5.38 12.50 2.54
N GLU B 19 -6.00 13.05 1.50
CA GLU B 19 -7.29 12.56 1.03
C GLU B 19 -7.09 11.52 -0.08
N ARG B 20 -6.22 11.85 -1.02
CA ARG B 20 -5.92 10.95 -2.14
C ARG B 20 -4.71 11.44 -2.92
N ILE B 21 -3.78 10.54 -3.20
CA ILE B 21 -2.56 10.89 -3.92
C ILE B 21 -2.84 11.19 -5.39
N ILE B 22 -2.19 12.22 -5.92
CA ILE B 22 -2.36 12.62 -7.31
C ILE B 22 -1.02 12.73 -8.03
N GLY B 23 -0.13 11.78 -7.78
CA GLY B 23 1.17 11.80 -8.42
C GLY B 23 2.15 10.81 -7.82
N ALA B 24 3.24 10.57 -8.54
CA ALA B 24 4.28 9.64 -8.08
C ALA B 24 5.58 9.88 -8.85
N THR B 25 6.68 9.85 -8.12
CA THR B 25 7.99 10.07 -8.73
C THR B 25 9.11 9.51 -7.83
N ASP B 26 10.19 10.26 -7.66
CA ASP B 26 11.29 9.81 -6.82
C ASP B 26 12.34 10.91 -6.66
N SER B 27 12.87 11.39 -7.78
CA SER B 27 13.86 12.46 -7.77
C SER B 27 15.02 12.14 -6.83
N SER B 28 15.25 10.86 -6.57
CA SER B 28 16.35 10.43 -5.69
C SER B 28 16.31 8.92 -5.47
N GLY B 29 15.88 8.18 -6.48
CA GLY B 29 15.79 6.74 -6.38
C GLY B 29 14.59 6.28 -5.57
N GLU B 30 14.38 6.92 -4.42
CA GLU B 30 13.26 6.58 -3.55
C GLU B 30 11.96 7.12 -4.14
N LEU B 31 10.98 6.24 -4.32
CA LEU B 31 9.69 6.63 -4.87
C LEU B 31 9.10 7.82 -4.11
N MET B 32 8.11 8.47 -4.73
CA MET B 32 7.45 9.63 -4.12
C MET B 32 5.96 9.62 -4.44
N PHE B 33 5.22 10.55 -3.83
CA PHE B 33 3.79 10.66 -4.06
C PHE B 33 3.31 12.10 -3.94
N LEU B 34 2.65 12.59 -4.99
CA LEU B 34 2.13 13.95 -5.00
C LEU B 34 0.79 14.00 -4.27
N MET B 35 0.84 13.99 -2.94
CA MET B 35 -0.37 14.01 -2.13
C MET B 35 -1.23 15.23 -2.47
N LYS B 36 -2.52 14.98 -2.73
CA LYS B 36 -3.45 16.05 -3.07
C LYS B 36 -3.95 16.78 -1.83
N TRP B 37 -4.05 16.05 -0.72
CA TRP B 37 -4.52 16.62 0.54
C TRP B 37 -6.03 16.92 0.46
N LYS B 38 -6.70 16.85 1.61
CA LYS B 38 -8.15 17.09 1.68
C LYS B 38 -8.50 18.51 1.22
N ASN B 39 -9.13 19.27 2.11
CA ASN B 39 -9.55 20.64 1.79
C ASN B 39 -8.45 21.42 1.09
N SER B 40 -7.20 21.15 1.45
CA SER B 40 -6.06 21.81 0.84
C SER B 40 -6.02 21.55 -0.66
N ASP B 41 -6.05 22.62 -1.44
CA ASP B 41 -6.02 22.51 -2.89
C ASP B 41 -4.59 22.27 -3.40
N GLU B 42 -3.65 23.02 -2.85
CA GLU B 42 -2.25 22.90 -3.24
C GLU B 42 -1.71 21.51 -2.95
N ALA B 43 -1.17 20.86 -3.98
CA ALA B 43 -0.60 19.52 -3.84
C ALA B 43 0.87 19.61 -3.47
N ASP B 44 1.36 18.62 -2.73
CA ASP B 44 2.76 18.60 -2.31
C ASP B 44 3.32 17.19 -2.31
N LEU B 45 4.54 17.04 -2.83
CA LEU B 45 5.21 15.75 -2.87
C LEU B 45 5.53 15.24 -1.47
N VAL B 46 5.54 13.92 -1.32
CA VAL B 46 5.84 13.30 -0.04
C VAL B 46 6.58 11.98 -0.25
N PRO B 47 7.65 11.74 0.54
CA PRO B 47 8.45 10.52 0.43
C PRO B 47 7.59 9.26 0.48
N ALA B 48 7.83 8.36 -0.45
CA ALA B 48 7.07 7.11 -0.51
C ALA B 48 7.09 6.38 0.82
N LYS B 49 8.21 6.48 1.53
CA LYS B 49 8.36 5.83 2.82
C LYS B 49 7.44 6.46 3.87
N GLU B 50 7.47 7.78 3.97
CA GLU B 50 6.64 8.49 4.96
C GLU B 50 5.16 8.23 4.70
N ALA B 51 4.77 8.25 3.43
CA ALA B 51 3.38 8.04 3.06
C ALA B 51 2.88 6.64 3.41
N ASN B 52 3.70 5.63 3.13
CA ASN B 52 3.30 4.24 3.40
C ASN B 52 3.14 3.98 4.90
N VAL B 53 4.00 4.58 5.71
CA VAL B 53 3.96 4.38 7.15
C VAL B 53 2.88 5.23 7.81
N LYS B 54 2.96 6.53 7.57
CA LYS B 54 2.02 7.49 8.15
C LYS B 54 0.60 7.31 7.62
N CYS B 55 0.47 6.89 6.36
CA CYS B 55 -0.84 6.70 5.76
C CYS B 55 -0.80 5.62 4.68
N PRO B 56 -0.58 4.36 5.09
CA PRO B 56 -0.52 3.22 4.16
C PRO B 56 -1.80 3.08 3.33
N GLN B 57 -2.94 3.31 3.96
CA GLN B 57 -4.22 3.19 3.28
C GLN B 57 -4.29 4.11 2.06
N VAL B 58 -3.77 5.32 2.21
CA VAL B 58 -3.78 6.30 1.14
C VAL B 58 -2.96 5.83 -0.06
N VAL B 59 -1.70 5.49 0.18
CA VAL B 59 -0.84 5.02 -0.89
C VAL B 59 -1.46 3.82 -1.61
N ILE B 60 -2.03 2.91 -0.83
CA ILE B 60 -2.68 1.74 -1.39
C ILE B 60 -3.83 2.15 -2.30
N SER B 61 -4.57 3.17 -1.87
CA SER B 61 -5.69 3.69 -2.64
C SER B 61 -5.20 4.30 -3.95
N PHE B 62 -3.94 4.73 -3.97
CA PHE B 62 -3.36 5.35 -5.15
C PHE B 62 -3.05 4.31 -6.24
N TYR B 63 -2.46 3.18 -5.84
CA TYR B 63 -2.11 2.14 -6.81
C TYR B 63 -3.33 1.65 -7.57
N GLU B 64 -4.42 1.37 -6.85
CA GLU B 64 -5.64 0.89 -7.47
C GLU B 64 -6.12 1.83 -8.58
N GLU B 65 -5.91 3.13 -8.37
CA GLU B 65 -6.32 4.14 -9.35
C GLU B 65 -5.76 3.78 -10.72
N ARG B 66 -4.53 3.26 -10.73
CA ARG B 66 -3.86 2.87 -11.96
C ARG B 66 -3.19 1.52 -11.77
N LEU B 67 -3.90 0.61 -11.12
CA LEU B 67 -3.39 -0.73 -10.84
C LEU B 67 -3.09 -1.49 -12.12
N THR B 68 -2.20 -2.47 -12.01
CA THR B 68 -1.80 -3.27 -13.17
C THR B 68 -0.97 -4.49 -12.74
N TRP B 69 -1.28 -5.64 -13.33
CA TRP B 69 -0.57 -6.87 -13.02
C TRP B 69 -0.50 -7.79 -14.24
N HIS B 70 -0.16 -7.20 -15.39
CA HIS B 70 -0.06 -7.95 -16.63
C HIS B 70 0.49 -7.08 -17.75
N HIS A 1 -9.88 24.35 -22.48
CA HIS A 1 -8.78 24.24 -21.47
C HIS A 1 -8.27 22.81 -21.35
N MET A 2 -9.16 21.84 -21.59
CA MET A 2 -8.81 20.43 -21.50
C MET A 2 -8.45 20.03 -20.08
N LYS A 3 -8.93 18.85 -19.66
CA LYS A 3 -8.66 18.34 -18.32
C LYS A 3 -9.33 19.21 -17.25
N GLU A 4 -9.97 18.56 -16.28
CA GLU A 4 -10.65 19.27 -15.21
C GLU A 4 -9.69 20.16 -14.43
N GLU A 5 -8.51 19.62 -14.11
CA GLU A 5 -7.50 20.35 -13.37
C GLU A 5 -6.92 21.50 -14.22
N SER A 6 -5.62 21.75 -14.08
CA SER A 6 -4.93 22.81 -14.81
C SER A 6 -5.29 24.18 -14.26
N GLU A 7 -6.58 24.43 -14.08
CA GLU A 7 -7.06 25.70 -13.55
C GLU A 7 -6.66 25.87 -12.08
N LYS A 8 -6.74 24.78 -11.33
CA LYS A 8 -6.40 24.78 -9.91
C LYS A 8 -5.79 23.45 -9.48
N PRO A 9 -4.65 23.06 -10.08
CA PRO A 9 -3.98 21.80 -9.75
C PRO A 9 -3.67 21.68 -8.27
N ARG A 10 -3.57 20.45 -7.79
CA ARG A 10 -3.28 20.19 -6.39
C ARG A 10 -2.82 18.75 -6.18
N GLY A 11 -1.86 18.56 -5.28
CA GLY A 11 -1.35 17.23 -5.00
C GLY A 11 -0.47 16.70 -6.13
N PHE A 12 -0.70 15.45 -6.50
CA PHE A 12 0.08 14.82 -7.57
C PHE A 12 -0.02 15.62 -8.86
N ALA A 13 -1.15 16.28 -9.07
CA ALA A 13 -1.37 17.08 -10.27
C ALA A 13 -0.22 18.07 -10.47
N ARG A 14 0.27 18.63 -9.37
CA ARG A 14 1.37 19.59 -9.42
C ARG A 14 2.58 19.00 -10.13
N GLY A 15 2.79 17.69 -9.96
CA GLY A 15 3.90 17.02 -10.58
C GLY A 15 4.92 16.55 -9.56
N LEU A 16 4.93 17.21 -8.41
CA LEU A 16 5.86 16.87 -7.33
C LEU A 16 5.82 15.38 -7.01
N GLU A 17 7.00 14.80 -6.86
CA GLU A 17 7.11 13.37 -6.54
C GLU A 17 7.10 13.18 -5.03
N PRO A 18 6.26 12.26 -4.53
CA PRO A 18 6.16 11.99 -3.09
C PRO A 18 7.44 11.37 -2.52
N GLU A 19 8.11 12.12 -1.65
CA GLU A 19 9.33 11.63 -1.02
C GLU A 19 9.00 10.71 0.15
N ARG A 20 8.08 11.15 0.99
CA ARG A 20 7.65 10.38 2.15
C ARG A 20 6.45 11.04 2.82
N ILE A 21 5.42 10.28 3.11
CA ILE A 21 4.24 10.82 3.76
C ILE A 21 4.53 11.14 5.22
N ILE A 22 4.41 12.41 5.57
CA ILE A 22 4.66 12.86 6.93
C ILE A 22 3.54 12.47 7.90
N GLY A 23 2.31 12.48 7.41
CA GLY A 23 1.19 12.12 8.27
C GLY A 23 -0.10 11.90 7.51
N ALA A 24 -1.20 12.42 8.05
CA ALA A 24 -2.50 12.28 7.42
C ALA A 24 -3.50 13.30 7.96
N THR A 25 -4.78 12.94 7.95
CA THR A 25 -5.81 13.85 8.46
C THR A 25 -7.20 13.21 8.36
N ASP A 26 -7.50 12.60 7.22
CA ASP A 26 -8.80 11.96 6.99
C ASP A 26 -9.92 12.98 7.02
N SER A 27 -10.65 13.08 5.91
CA SER A 27 -11.77 14.01 5.79
C SER A 27 -12.97 13.50 6.58
N SER A 28 -14.15 13.56 5.96
CA SER A 28 -15.38 13.10 6.60
C SER A 28 -15.26 11.64 7.03
N GLY A 29 -14.51 10.86 6.26
CA GLY A 29 -14.32 9.46 6.55
C GLY A 29 -13.19 8.84 5.76
N GLU A 30 -12.88 9.43 4.61
CA GLU A 30 -11.82 8.94 3.75
C GLU A 30 -10.46 9.41 4.25
N LEU A 31 -9.55 8.47 4.48
CA LEU A 31 -8.22 8.79 4.95
C LEU A 31 -7.50 9.67 3.94
N MET A 32 -6.86 10.72 4.44
CA MET A 32 -6.13 11.65 3.58
C MET A 32 -4.66 11.72 3.99
N PHE A 33 -3.76 11.69 3.02
CA PHE A 33 -2.33 11.74 3.29
C PHE A 33 -1.75 13.10 2.97
N LEU A 34 -1.00 13.66 3.91
CA LEU A 34 -0.37 14.95 3.72
C LEU A 34 1.03 14.76 3.12
N MET A 35 1.06 14.41 1.84
CA MET A 35 2.32 14.17 1.13
C MET A 35 3.28 15.33 1.35
N LYS A 36 4.53 15.00 1.68
CA LYS A 36 5.56 16.01 1.92
C LYS A 36 6.15 16.56 0.63
N TRP A 37 6.25 15.71 -0.39
CA TRP A 37 6.80 16.09 -1.68
C TRP A 37 8.32 16.31 -1.59
N LYS A 38 9.05 15.79 -2.57
CA LYS A 38 10.50 15.91 -2.60
C LYS A 38 10.93 17.30 -3.07
N ASN A 39 11.91 17.88 -2.38
CA ASN A 39 12.43 19.20 -2.72
C ASN A 39 11.33 20.18 -3.08
N SER A 40 10.20 20.08 -2.39
CA SER A 40 9.06 20.97 -2.64
C SER A 40 8.76 21.83 -1.42
N ASP A 41 8.71 21.21 -0.24
CA ASP A 41 8.42 21.91 1.00
C ASP A 41 6.93 22.28 1.09
N GLU A 42 6.36 22.70 -0.03
CA GLU A 42 4.95 23.07 -0.09
C GLU A 42 4.06 21.83 0.00
N ALA A 43 3.97 21.26 1.19
CA ALA A 43 3.17 20.08 1.44
C ALA A 43 1.72 20.30 0.99
N ASP A 44 1.05 19.21 0.64
CA ASP A 44 -0.33 19.28 0.19
C ASP A 44 -1.03 17.93 0.32
N LEU A 45 -2.26 17.95 0.82
CA LEU A 45 -3.04 16.73 1.00
C LEU A 45 -3.35 16.04 -0.32
N VAL A 46 -3.42 14.72 -0.26
CA VAL A 46 -3.71 13.92 -1.44
C VAL A 46 -4.63 12.75 -1.07
N PRO A 47 -5.69 12.51 -1.85
CA PRO A 47 -6.63 11.42 -1.60
C PRO A 47 -5.93 10.08 -1.45
N ALA A 48 -6.31 9.33 -0.43
CA ALA A 48 -5.71 8.02 -0.17
C ALA A 48 -5.68 7.16 -1.43
N LYS A 49 -6.81 7.11 -2.13
CA LYS A 49 -6.92 6.32 -3.35
C LYS A 49 -5.84 6.69 -4.36
N GLU A 50 -5.64 7.99 -4.53
CA GLU A 50 -4.64 8.49 -5.49
C GLU A 50 -3.23 8.06 -5.07
N ALA A 51 -2.94 8.18 -3.77
CA ALA A 51 -1.62 7.83 -3.25
C ALA A 51 -1.34 6.33 -3.37
N ASN A 52 -2.36 5.51 -3.11
CA ASN A 52 -2.20 4.05 -3.17
C ASN A 52 -1.87 3.57 -4.58
N VAL A 53 -2.60 4.08 -5.57
CA VAL A 53 -2.40 3.67 -6.95
C VAL A 53 -1.16 4.29 -7.59
N LYS A 54 -1.01 5.60 -7.45
CA LYS A 54 0.11 6.33 -8.05
C LYS A 54 1.42 6.06 -7.32
N CYS A 55 1.37 5.87 -6.00
CA CYS A 55 2.58 5.63 -5.22
C CYS A 55 2.33 4.64 -4.08
N PRO A 56 1.99 3.38 -4.42
CA PRO A 56 1.74 2.34 -3.41
C PRO A 56 2.94 2.09 -2.51
N GLN A 57 4.09 1.86 -3.13
CA GLN A 57 5.33 1.60 -2.38
C GLN A 57 5.55 2.66 -1.31
N VAL A 58 5.24 3.91 -1.65
CA VAL A 58 5.41 5.02 -0.72
C VAL A 58 4.47 4.91 0.47
N VAL A 59 3.17 4.83 0.17
CA VAL A 59 2.17 4.73 1.23
C VAL A 59 2.47 3.54 2.14
N ILE A 60 2.93 2.44 1.53
CA ILE A 60 3.26 1.24 2.29
C ILE A 60 4.31 1.58 3.34
N SER A 61 5.34 2.31 2.93
CA SER A 61 6.42 2.70 3.83
C SER A 61 5.87 3.52 4.99
N PHE A 62 4.88 4.37 4.68
CA PHE A 62 4.26 5.22 5.68
C PHE A 62 3.65 4.39 6.81
N TYR A 63 2.84 3.40 6.45
CA TYR A 63 2.21 2.55 7.46
C TYR A 63 3.26 1.85 8.31
N GLU A 64 4.36 1.44 7.67
CA GLU A 64 5.44 0.74 8.37
C GLU A 64 5.82 1.47 9.66
N GLU A 65 5.95 2.79 9.57
CA GLU A 65 6.30 3.58 10.75
C GLU A 65 5.21 3.53 11.80
N ARG A 66 3.98 3.76 11.38
CA ARG A 66 2.84 3.73 12.29
C ARG A 66 2.15 2.37 12.30
N LEU A 67 2.94 1.31 12.29
CA LEU A 67 2.39 -0.05 12.31
C LEU A 67 1.87 -0.42 13.69
N THR A 68 0.81 -1.21 13.72
CA THR A 68 0.19 -1.65 14.96
C THR A 68 -0.42 -3.03 14.80
N TRP A 69 -0.12 -3.93 15.72
CA TRP A 69 -0.65 -5.29 15.64
C TRP A 69 -1.04 -5.79 17.03
N HIS A 70 -2.32 -6.12 17.19
CA HIS A 70 -2.84 -6.61 18.45
C HIS A 70 -2.18 -7.94 18.83
N HIS B 1 14.36 -27.26 -15.69
CA HIS B 1 13.07 -27.02 -14.99
C HIS B 1 12.57 -25.60 -15.21
N MET B 2 13.50 -24.66 -15.38
CA MET B 2 13.17 -23.26 -15.59
C MET B 2 12.49 -22.65 -14.36
N LYS B 3 12.87 -21.43 -14.03
CA LYS B 3 12.32 -20.72 -12.88
C LYS B 3 12.72 -21.41 -11.57
N GLU B 4 13.12 -20.61 -10.58
CA GLU B 4 13.52 -21.14 -9.29
C GLU B 4 12.39 -21.92 -8.63
N GLU B 5 11.18 -21.35 -8.67
CA GLU B 5 10.01 -21.99 -8.08
C GLU B 5 9.63 -23.26 -8.86
N SER B 6 8.33 -23.50 -8.98
CA SER B 6 7.80 -24.67 -9.69
C SER B 6 8.01 -25.95 -8.88
N GLU B 7 9.21 -26.14 -8.36
CA GLU B 7 9.53 -27.31 -7.56
C GLU B 7 8.81 -27.26 -6.21
N LYS B 8 8.74 -26.07 -5.63
CA LYS B 8 8.08 -25.87 -4.35
C LYS B 8 7.41 -24.50 -4.27
N PRO B 9 6.45 -24.22 -5.17
CA PRO B 9 5.73 -22.94 -5.20
C PRO B 9 5.09 -22.61 -3.86
N ARG B 10 4.91 -21.31 -3.61
CA ARG B 10 4.31 -20.85 -2.36
C ARG B 10 3.85 -19.41 -2.48
N GLY B 11 2.70 -19.11 -1.87
CA GLY B 11 2.16 -17.76 -1.92
C GLY B 11 1.58 -17.42 -3.27
N PHE B 12 1.91 -16.23 -3.78
CA PHE B 12 1.41 -15.78 -5.07
C PHE B 12 1.78 -16.77 -6.18
N ALA B 13 2.92 -17.43 -6.02
CA ALA B 13 3.39 -18.40 -7.00
C ALA B 13 2.30 -19.43 -7.31
N ARG B 14 1.56 -19.83 -6.29
CA ARG B 14 0.49 -20.79 -6.44
C ARG B 14 -0.51 -20.34 -7.50
N GLY B 15 -0.72 -19.02 -7.57
CA GLY B 15 -1.67 -18.48 -8.53
C GLY B 15 -2.88 -17.88 -7.85
N LEU B 16 -3.17 -18.36 -6.64
CA LEU B 16 -4.30 -17.88 -5.87
C LEU B 16 -4.32 -16.35 -5.78
N GLU B 17 -5.50 -15.78 -5.99
CA GLU B 17 -5.66 -14.33 -5.92
C GLU B 17 -5.98 -13.90 -4.49
N PRO B 18 -5.26 -12.90 -3.96
CA PRO B 18 -5.50 -12.42 -2.59
C PRO B 18 -6.86 -11.74 -2.43
N GLU B 19 -7.73 -12.37 -1.63
CA GLU B 19 -9.06 -11.82 -1.38
C GLU B 19 -8.98 -10.72 -0.33
N ARG B 20 -8.28 -11.01 0.77
CA ARG B 20 -8.12 -10.07 1.86
C ARG B 20 -7.12 -10.61 2.88
N ILE B 21 -6.17 -9.79 3.28
CA ILE B 21 -5.18 -10.21 4.25
C ILE B 21 -5.80 -10.30 5.64
N ILE B 22 -5.78 -11.51 6.20
CA ILE B 22 -6.35 -11.76 7.52
C ILE B 22 -5.49 -11.21 8.65
N GLY B 23 -4.17 -11.26 8.47
CA GLY B 23 -3.28 -10.77 9.50
C GLY B 23 -1.84 -10.64 9.02
N ALA B 24 -0.90 -11.05 9.87
CA ALA B 24 0.51 -10.97 9.54
C ALA B 24 1.34 -11.89 10.45
N THR B 25 2.59 -11.52 10.69
CA THR B 25 3.47 -12.32 11.54
C THR B 25 4.86 -11.69 11.68
N ASP B 26 5.42 -11.24 10.55
CA ASP B 26 6.74 -10.62 10.54
C ASP B 26 7.82 -11.61 10.97
N SER B 27 8.78 -11.86 10.09
CA SER B 27 9.87 -12.77 10.38
C SER B 27 10.88 -12.14 11.34
N SER B 28 12.16 -12.26 11.02
CA SER B 28 13.21 -11.68 11.85
C SER B 28 13.03 -10.18 12.01
N GLY B 29 12.48 -9.55 10.97
CA GLY B 29 12.26 -8.12 11.01
C GLY B 29 11.36 -7.65 9.90
N GLU B 30 11.31 -8.41 8.80
CA GLU B 30 10.49 -8.06 7.66
C GLU B 30 9.03 -8.48 7.90
N LEU B 31 8.12 -7.53 7.77
CA LEU B 31 6.70 -7.80 7.97
C LEU B 31 6.22 -8.84 6.96
N MET B 32 5.47 -9.81 7.45
CA MET B 32 4.94 -10.87 6.60
C MET B 32 3.42 -10.90 6.66
N PHE B 33 2.77 -11.03 5.51
CA PHE B 33 1.31 -11.06 5.46
C PHE B 33 0.79 -12.47 5.22
N LEU B 34 -0.17 -12.89 6.04
CA LEU B 34 -0.77 -14.22 5.90
C LEU B 34 -1.97 -14.15 4.97
N MET B 35 -1.71 -13.98 3.68
CA MET B 35 -2.76 -13.88 2.68
C MET B 35 -3.77 -15.02 2.83
N LYS B 36 -5.06 -14.66 2.82
CA LYS B 36 -6.14 -15.63 2.97
C LYS B 36 -6.41 -16.39 1.67
N TRP B 37 -6.27 -15.69 0.54
CA TRP B 37 -6.52 -16.29 -0.77
C TRP B 37 -8.01 -16.50 -0.99
N LYS B 38 -8.49 -16.15 -2.19
CA LYS B 38 -9.90 -16.31 -2.53
C LYS B 38 -10.23 -17.75 -2.88
N ASN B 39 -11.35 -18.24 -2.36
CA ASN B 39 -11.81 -19.61 -2.60
C ASN B 39 -10.66 -20.61 -2.54
N SER B 40 -9.72 -20.39 -1.63
CA SER B 40 -8.59 -21.28 -1.49
C SER B 40 -8.58 -21.96 -0.11
N ASP B 41 -8.79 -21.16 0.93
CA ASP B 41 -8.80 -21.66 2.31
C ASP B 41 -7.38 -21.98 2.79
N GLU B 42 -6.58 -22.56 1.90
CA GLU B 42 -5.20 -22.92 2.23
C GLU B 42 -4.32 -21.66 2.35
N ALA B 43 -4.53 -20.91 3.42
CA ALA B 43 -3.77 -19.69 3.66
C ALA B 43 -2.26 -19.95 3.59
N ASP B 44 -1.51 -18.91 3.24
CA ASP B 44 -0.05 -19.03 3.14
C ASP B 44 0.61 -17.66 3.22
N LEU B 45 1.70 -17.59 4.00
CA LEU B 45 2.44 -16.33 4.17
C LEU B 45 3.04 -15.85 2.86
N VAL B 46 3.13 -14.53 2.73
CA VAL B 46 3.71 -13.90 1.56
C VAL B 46 4.52 -12.68 1.95
N PRO B 47 5.74 -12.55 1.40
CA PRO B 47 6.62 -11.41 1.70
C PRO B 47 5.93 -10.08 1.47
N ALA B 48 6.07 -9.17 2.44
CA ALA B 48 5.45 -7.86 2.35
C ALA B 48 5.73 -7.19 1.01
N LYS B 49 6.99 -7.23 0.58
CA LYS B 49 7.40 -6.63 -0.69
C LYS B 49 6.56 -7.18 -1.84
N GLU B 50 6.38 -8.49 -1.87
CA GLU B 50 5.62 -9.14 -2.93
C GLU B 50 4.16 -8.68 -2.93
N ALA B 51 3.58 -8.61 -1.73
CA ALA B 51 2.18 -8.19 -1.58
C ALA B 51 1.96 -6.73 -1.98
N ASN B 52 2.91 -5.87 -1.63
CA ASN B 52 2.80 -4.45 -1.94
C ASN B 52 2.82 -4.17 -3.44
N VAL B 53 3.73 -4.83 -4.15
CA VAL B 53 3.86 -4.62 -5.59
C VAL B 53 2.80 -5.36 -6.40
N LYS B 54 2.60 -6.63 -6.10
CA LYS B 54 1.64 -7.46 -6.81
C LYS B 54 0.19 -7.11 -6.45
N CYS B 55 -0.05 -6.72 -5.21
CA CYS B 55 -1.41 -6.39 -4.77
C CYS B 55 -1.41 -5.24 -3.77
N PRO B 56 -0.99 -4.04 -4.19
CA PRO B 56 -0.95 -2.85 -3.33
C PRO B 56 -2.32 -2.49 -2.78
N GLN B 57 -3.29 -2.38 -3.67
CA GLN B 57 -4.66 -2.03 -3.27
C GLN B 57 -5.14 -2.92 -2.13
N VAL B 58 -4.80 -4.20 -2.20
CA VAL B 58 -5.19 -5.16 -1.18
C VAL B 58 -4.54 -4.86 0.15
N VAL B 59 -3.21 -4.81 0.16
CA VAL B 59 -2.48 -4.53 1.38
C VAL B 59 -2.96 -3.22 2.02
N ILE B 60 -3.24 -2.24 1.17
CA ILE B 60 -3.73 -0.95 1.64
C ILE B 60 -4.99 -1.13 2.45
N SER B 61 -5.91 -1.94 1.92
CA SER B 61 -7.17 -2.21 2.61
C SER B 61 -6.91 -2.84 3.97
N PHE B 62 -5.90 -3.70 4.03
CA PHE B 62 -5.55 -4.39 5.26
C PHE B 62 -5.19 -3.40 6.37
N TYR B 63 -4.31 -2.44 6.06
CA TYR B 63 -3.91 -1.44 7.04
C TYR B 63 -5.12 -0.63 7.52
N GLU B 64 -6.04 -0.35 6.59
CA GLU B 64 -7.23 0.42 6.90
C GLU B 64 -7.92 -0.11 8.17
N GLU B 65 -8.04 -1.42 8.26
CA GLU B 65 -8.67 -2.05 9.42
C GLU B 65 -7.85 -1.81 10.67
N ARG B 66 -6.55 -2.08 10.59
CA ARG B 66 -5.65 -1.90 11.73
C ARG B 66 -4.96 -0.54 11.69
N LEU B 67 -5.72 0.51 11.34
CA LEU B 67 -5.16 1.86 11.28
C LEU B 67 -4.96 2.43 12.68
N THR B 68 -3.92 3.23 12.83
CA THR B 68 -3.60 3.87 14.10
C THR B 68 -2.94 5.21 13.86
N TRP B 69 -3.43 6.24 14.56
CA TRP B 69 -2.87 7.58 14.40
C TRP B 69 -2.81 8.29 15.75
N HIS B 70 -1.59 8.67 16.14
CA HIS B 70 -1.38 9.35 17.41
C HIS B 70 -2.06 10.71 17.42
N HIS A 1 14.37 -27.55 5.03
CA HIS A 1 12.90 -27.36 5.22
C HIS A 1 12.34 -26.35 4.23
N MET A 2 13.05 -25.23 4.06
CA MET A 2 12.62 -24.19 3.14
C MET A 2 12.53 -24.73 1.71
N LYS A 3 11.46 -24.37 1.02
CA LYS A 3 11.25 -24.81 -0.36
C LYS A 3 10.03 -24.14 -0.96
N GLU A 4 8.98 -24.00 -0.17
CA GLU A 4 7.74 -23.36 -0.61
C GLU A 4 7.05 -24.19 -1.70
N GLU A 5 5.74 -24.34 -1.57
CA GLU A 5 4.94 -25.10 -2.53
C GLU A 5 5.45 -26.55 -2.60
N SER A 6 5.67 -27.05 -3.82
CA SER A 6 6.15 -28.42 -4.04
C SER A 6 5.06 -29.45 -3.75
N GLU A 7 4.52 -29.41 -2.53
CA GLU A 7 3.48 -30.33 -2.13
C GLU A 7 2.18 -30.04 -2.86
N LYS A 8 1.86 -28.76 -3.00
CA LYS A 8 0.64 -28.33 -3.68
C LYS A 8 0.60 -26.81 -3.83
N PRO A 9 0.12 -26.32 -4.99
CA PRO A 9 0.04 -24.88 -5.27
C PRO A 9 -0.85 -24.16 -4.25
N ARG A 10 -0.49 -22.91 -3.97
CA ARG A 10 -1.25 -22.09 -3.02
C ARG A 10 -0.96 -20.61 -3.22
N GLY A 11 -2.00 -19.79 -3.06
CA GLY A 11 -1.85 -18.36 -3.23
C GLY A 11 -1.66 -17.97 -4.68
N PHE A 12 -0.69 -17.07 -4.93
CA PHE A 12 -0.40 -16.61 -6.28
C PHE A 12 -0.19 -17.79 -7.23
N ALA A 13 0.41 -18.86 -6.70
CA ALA A 13 0.67 -20.05 -7.50
C ALA A 13 -0.61 -20.58 -8.13
N ARG A 14 -1.69 -20.58 -7.34
CA ARG A 14 -2.99 -21.04 -7.81
C ARG A 14 -3.47 -20.21 -9.00
N GLY A 15 -3.04 -18.95 -9.05
CA GLY A 15 -3.45 -18.08 -10.14
C GLY A 15 -4.60 -17.18 -9.74
N LEU A 16 -5.28 -17.55 -8.65
CA LEU A 16 -6.42 -16.77 -8.16
C LEU A 16 -6.06 -15.29 -8.03
N GLU A 17 -6.99 -14.44 -8.44
CA GLU A 17 -6.78 -12.99 -8.37
C GLU A 17 -7.14 -12.47 -6.98
N PRO A 18 -6.26 -11.64 -6.39
CA PRO A 18 -6.50 -11.07 -5.05
C PRO A 18 -7.79 -10.26 -4.99
N GLU A 19 -8.76 -10.77 -4.22
CA GLU A 19 -10.05 -10.09 -4.08
C GLU A 19 -9.97 -8.99 -3.02
N ARG A 20 -9.57 -9.37 -1.81
CA ARG A 20 -9.47 -8.43 -0.71
C ARG A 20 -8.77 -9.06 0.49
N ILE A 21 -7.82 -8.35 1.07
CA ILE A 21 -7.10 -8.87 2.23
C ILE A 21 -7.97 -8.82 3.47
N ILE A 22 -8.15 -9.98 4.10
CA ILE A 22 -8.96 -10.08 5.30
C ILE A 22 -8.14 -9.79 6.56
N GLY A 23 -6.87 -10.19 6.54
CA GLY A 23 -6.01 -9.95 7.69
C GLY A 23 -4.63 -10.52 7.50
N ALA A 24 -3.61 -9.76 7.90
CA ALA A 24 -2.22 -10.20 7.77
C ALA A 24 -1.94 -11.40 8.67
N THR A 25 -0.71 -11.47 9.19
CA THR A 25 -0.32 -12.58 10.06
C THR A 25 1.10 -12.39 10.58
N ASP A 26 2.00 -11.98 9.68
CA ASP A 26 3.40 -11.75 10.04
C ASP A 26 4.02 -13.02 10.62
N SER A 27 3.72 -14.16 9.99
CA SER A 27 4.23 -15.45 10.44
C SER A 27 5.71 -15.61 10.09
N SER A 28 6.47 -16.19 11.01
CA SER A 28 7.90 -16.42 10.80
C SER A 28 8.63 -15.12 10.50
N GLY A 29 8.26 -14.05 11.21
CA GLY A 29 8.89 -12.77 11.00
C GLY A 29 8.38 -12.05 9.77
N GLU A 30 8.24 -12.79 8.68
CA GLU A 30 7.74 -12.21 7.43
C GLU A 30 6.35 -11.65 7.64
N LEU A 31 6.18 -10.37 7.31
CA LEU A 31 4.89 -9.72 7.48
C LEU A 31 3.77 -10.52 6.83
N MET A 32 4.07 -11.12 5.69
CA MET A 32 3.10 -11.93 4.96
C MET A 32 1.82 -11.12 4.70
N PHE A 33 0.74 -11.85 4.44
CA PHE A 33 -0.57 -11.24 4.17
C PHE A 33 -1.65 -12.32 4.13
N LEU A 34 -2.70 -12.08 3.35
CA LEU A 34 -3.80 -13.02 3.23
C LEU A 34 -4.90 -12.43 2.34
N MET A 35 -5.58 -13.27 1.59
CA MET A 35 -6.65 -12.80 0.71
C MET A 35 -7.71 -13.87 0.45
N LYS A 36 -8.96 -13.42 0.34
CA LYS A 36 -10.10 -14.30 0.11
C LYS A 36 -10.04 -14.93 -1.28
N TRP A 37 -9.47 -14.19 -2.24
CA TRP A 37 -9.34 -14.65 -3.63
C TRP A 37 -10.69 -14.60 -4.35
N LYS A 38 -10.68 -14.06 -5.56
CA LYS A 38 -11.89 -13.96 -6.36
C LYS A 38 -12.33 -15.35 -6.83
N ASN A 39 -13.63 -15.62 -6.72
CA ASN A 39 -14.16 -16.91 -7.11
C ASN A 39 -13.51 -18.04 -6.32
N SER A 40 -13.28 -17.78 -5.04
CA SER A 40 -12.66 -18.76 -4.16
C SER A 40 -12.94 -18.41 -2.69
N ASP A 41 -13.47 -19.38 -1.95
CA ASP A 41 -13.79 -19.18 -0.54
C ASP A 41 -12.54 -19.35 0.32
N GLU A 42 -11.76 -20.39 0.03
CA GLU A 42 -10.55 -20.67 0.80
C GLU A 42 -9.53 -19.54 0.66
N ALA A 43 -9.14 -18.97 1.80
CA ALA A 43 -8.15 -17.90 1.82
C ALA A 43 -6.74 -18.48 1.90
N ASP A 44 -5.79 -17.84 1.21
CA ASP A 44 -4.42 -18.35 1.22
C ASP A 44 -3.40 -17.27 1.58
N LEU A 45 -2.43 -17.63 2.40
CA LEU A 45 -1.39 -16.72 2.83
C LEU A 45 -0.50 -16.33 1.65
N VAL A 46 -0.03 -15.08 1.66
CA VAL A 46 0.83 -14.58 0.61
C VAL A 46 1.87 -13.60 1.17
N PRO A 47 3.14 -13.77 0.79
CA PRO A 47 4.23 -12.90 1.27
C PRO A 47 3.93 -11.44 0.98
N ALA A 48 4.08 -10.61 2.00
CA ALA A 48 3.82 -9.18 1.87
C ALA A 48 4.62 -8.59 0.70
N LYS A 49 5.85 -9.03 0.56
CA LYS A 49 6.72 -8.55 -0.51
C LYS A 49 6.18 -8.91 -1.89
N GLU A 50 5.57 -10.08 -2.00
CA GLU A 50 5.01 -10.53 -3.27
C GLU A 50 3.72 -9.79 -3.61
N ALA A 51 2.88 -9.61 -2.60
CA ALA A 51 1.58 -8.95 -2.79
C ALA A 51 1.73 -7.45 -3.09
N ASN A 52 2.60 -6.76 -2.35
CA ASN A 52 2.80 -5.32 -2.55
C ASN A 52 3.61 -5.01 -3.80
N VAL A 53 3.37 -5.78 -4.87
CA VAL A 53 4.07 -5.59 -6.14
C VAL A 53 3.16 -5.97 -7.29
N LYS A 54 2.71 -7.22 -7.26
CA LYS A 54 1.82 -7.74 -8.29
C LYS A 54 0.41 -7.21 -8.08
N CYS A 55 0.06 -6.99 -6.82
CA CYS A 55 -1.26 -6.50 -6.45
C CYS A 55 -1.16 -5.44 -5.35
N PRO A 56 -0.48 -4.31 -5.63
CA PRO A 56 -0.31 -3.23 -4.66
C PRO A 56 -1.62 -2.52 -4.34
N GLN A 57 -2.50 -2.44 -5.33
CA GLN A 57 -3.79 -1.79 -5.16
C GLN A 57 -4.61 -2.43 -4.04
N VAL A 58 -4.68 -3.75 -4.03
CA VAL A 58 -5.45 -4.47 -3.03
C VAL A 58 -4.86 -4.31 -1.62
N VAL A 59 -3.54 -4.47 -1.51
CA VAL A 59 -2.88 -4.35 -0.22
C VAL A 59 -3.12 -2.98 0.41
N ILE A 60 -3.05 -1.93 -0.42
CA ILE A 60 -3.28 -0.57 0.05
C ILE A 60 -4.65 -0.44 0.68
N SER A 61 -5.64 -1.06 0.05
CA SER A 61 -7.00 -1.04 0.55
C SER A 61 -7.07 -1.66 1.95
N PHE A 62 -6.21 -2.63 2.19
CA PHE A 62 -6.17 -3.32 3.48
C PHE A 62 -5.76 -2.37 4.62
N TYR A 63 -4.74 -1.55 4.38
CA TYR A 63 -4.26 -0.62 5.41
C TYR A 63 -5.33 0.40 5.78
N GLU A 64 -5.90 1.06 4.78
CA GLU A 64 -6.92 2.08 5.02
C GLU A 64 -8.08 1.54 5.85
N GLU A 65 -8.31 0.23 5.78
CA GLU A 65 -9.39 -0.40 6.53
C GLU A 65 -9.34 -0.02 8.01
N ARG A 66 -8.15 0.24 8.54
CA ARG A 66 -8.02 0.61 9.94
C ARG A 66 -6.87 1.59 10.16
N LEU A 67 -5.70 1.30 9.59
CA LEU A 67 -4.53 2.16 9.74
C LEU A 67 -4.20 2.37 11.22
N THR A 68 -3.66 3.54 11.54
CA THR A 68 -3.30 3.87 12.92
C THR A 68 -2.68 5.25 13.01
N TRP A 69 -1.57 5.44 12.31
CA TRP A 69 -0.87 6.72 12.30
C TRP A 69 -0.64 7.24 13.72
N HIS A 70 -1.45 8.22 14.13
CA HIS A 70 -1.31 8.79 15.46
C HIS A 70 -1.51 7.73 16.55
N HIS B 1 -14.63 27.74 -2.66
CA HIS B 1 -13.25 27.61 -2.11
C HIS B 1 -12.50 26.46 -2.79
N MET B 2 -13.17 25.33 -2.94
CA MET B 2 -12.57 24.15 -3.57
C MET B 2 -12.16 24.47 -5.00
N LYS B 3 -10.97 24.03 -5.39
CA LYS B 3 -10.45 24.25 -6.73
C LYS B 3 -9.14 23.50 -6.94
N GLU B 4 -8.29 23.52 -5.92
CA GLU B 4 -6.99 22.84 -5.97
C GLU B 4 -6.07 23.50 -6.99
N GLU B 5 -4.82 23.68 -6.61
CA GLU B 5 -3.82 24.30 -7.48
C GLU B 5 -4.27 25.71 -7.89
N SER B 6 -4.21 26.01 -9.19
CA SER B 6 -4.60 27.31 -9.72
C SER B 6 -3.59 28.39 -9.35
N GLU B 7 -3.33 28.56 -8.06
CA GLU B 7 -2.38 29.56 -7.59
C GLU B 7 -0.95 29.17 -7.97
N LYS B 8 -0.64 27.88 -7.82
CA LYS B 8 0.68 27.38 -8.15
C LYS B 8 0.73 25.86 -8.05
N PRO B 9 1.45 25.19 -8.97
CA PRO B 9 1.57 23.73 -8.99
C PRO B 9 2.20 23.19 -7.72
N ARG B 10 1.77 22.00 -7.31
CA ARG B 10 2.28 21.37 -6.11
C ARG B 10 2.01 19.86 -6.13
N GLY B 11 2.97 19.10 -5.62
CA GLY B 11 2.85 17.65 -5.59
C GLY B 11 2.96 17.03 -6.96
N PHE B 12 2.06 16.09 -7.27
CA PHE B 12 2.07 15.42 -8.57
C PHE B 12 2.08 16.43 -9.72
N ALA B 13 1.40 17.56 -9.51
CA ALA B 13 1.35 18.61 -10.53
C ALA B 13 2.76 19.04 -10.92
N ARG B 14 3.63 19.19 -9.94
CA ARG B 14 5.01 19.59 -10.18
C ARG B 14 5.72 18.61 -11.08
N GLY B 15 5.30 17.35 -11.03
CA GLY B 15 5.92 16.32 -11.85
C GLY B 15 6.94 15.51 -11.07
N LEU B 16 7.36 16.05 -9.93
CA LEU B 16 8.35 15.39 -9.07
C LEU B 16 7.96 13.94 -8.81
N GLU B 17 8.93 13.05 -8.86
CA GLU B 17 8.69 11.63 -8.61
C GLU B 17 8.72 11.34 -7.11
N PRO B 18 7.72 10.59 -6.61
CA PRO B 18 7.65 10.25 -5.18
C PRO B 18 8.88 9.48 -4.70
N GLU B 19 9.67 10.12 -3.83
CA GLU B 19 10.88 9.50 -3.30
C GLU B 19 10.55 8.58 -2.13
N ARG B 20 9.90 9.13 -1.11
CA ARG B 20 9.54 8.37 0.08
C ARG B 20 8.61 9.19 0.97
N ILE B 21 7.54 8.55 1.44
CA ILE B 21 6.58 9.24 2.31
C ILE B 21 7.16 9.40 3.72
N ILE B 22 7.22 10.64 4.16
CA ILE B 22 7.76 10.95 5.50
C ILE B 22 6.67 10.84 6.56
N GLY B 23 5.44 11.21 6.21
CA GLY B 23 4.35 11.15 7.16
C GLY B 23 3.04 11.66 6.58
N ALA B 24 1.95 10.95 6.86
CA ALA B 24 0.64 11.33 6.36
C ALA B 24 0.18 12.66 6.97
N THR B 25 -1.13 12.79 7.20
CA THR B 25 -1.68 14.00 7.78
C THR B 25 -3.19 13.88 7.99
N ASP B 26 -3.87 13.32 6.99
CA ASP B 26 -5.31 13.13 7.06
C ASP B 26 -6.02 14.47 7.28
N SER B 27 -5.57 15.49 6.57
CA SER B 27 -6.15 16.82 6.69
C SER B 27 -7.51 16.91 6.00
N SER B 28 -8.45 17.61 6.62
CA SER B 28 -9.79 17.77 6.07
C SER B 28 -10.47 16.43 5.83
N GLY B 29 -10.26 15.50 6.76
CA GLY B 29 -10.87 14.18 6.63
C GLY B 29 -10.12 13.29 5.66
N GLU B 30 -9.71 13.85 4.53
CA GLU B 30 -8.98 13.09 3.53
C GLU B 30 -7.66 12.60 4.12
N LEU B 31 -7.45 11.29 4.04
CA LEU B 31 -6.24 10.68 4.59
C LEU B 31 -5.00 11.40 4.09
N MET B 32 -5.03 11.80 2.82
CA MET B 32 -3.90 12.50 2.21
C MET B 32 -2.61 11.70 2.36
N PHE B 33 -1.48 12.38 2.24
CA PHE B 33 -0.17 11.77 2.37
C PHE B 33 0.92 12.84 2.40
N LEU B 34 2.11 12.50 1.92
CA LEU B 34 3.23 13.43 1.90
C LEU B 34 4.48 12.71 1.39
N MET B 35 5.34 13.44 0.68
CA MET B 35 6.55 12.85 0.15
C MET B 35 7.67 13.87 -0.07
N LYS B 36 8.90 13.45 0.19
CA LYS B 36 10.08 14.30 0.06
C LYS B 36 10.33 14.71 -1.38
N TRP B 37 9.98 13.82 -2.31
CA TRP B 37 10.17 14.06 -3.75
C TRP B 37 11.64 13.92 -4.13
N LYS B 38 11.88 13.20 -5.22
CA LYS B 38 13.24 12.99 -5.71
C LYS B 38 13.80 14.30 -6.27
N ASN B 39 15.05 14.60 -5.93
CA ASN B 39 15.68 15.83 -6.40
C ASN B 39 14.89 17.05 -5.95
N SER B 40 14.38 16.99 -4.72
CA SER B 40 13.60 18.10 -4.16
C SER B 40 13.52 17.99 -2.64
N ASP B 41 13.91 19.06 -1.96
CA ASP B 41 13.90 19.09 -0.51
C ASP B 41 12.50 19.38 0.03
N GLU B 42 11.83 20.34 -0.59
CA GLU B 42 10.48 20.72 -0.17
C GLU B 42 9.50 19.58 -0.34
N ALA B 43 8.85 19.19 0.75
CA ALA B 43 7.86 18.12 0.74
C ALA B 43 6.48 18.68 0.42
N ASP B 44 5.70 17.94 -0.36
CA ASP B 44 4.36 18.40 -0.74
C ASP B 44 3.28 17.36 -0.45
N LEU B 45 2.15 17.84 0.08
CA LEU B 45 1.02 16.98 0.40
C LEU B 45 0.41 16.39 -0.87
N VAL B 46 -0.07 15.16 -0.76
CA VAL B 46 -0.69 14.48 -1.90
C VAL B 46 -1.83 13.58 -1.44
N PRO B 47 -3.00 13.68 -2.10
CA PRO B 47 -4.17 12.87 -1.74
C PRO B 47 -3.85 11.38 -1.73
N ALA B 48 -4.23 10.72 -0.64
CA ALA B 48 -3.99 9.29 -0.48
C ALA B 48 -4.51 8.50 -1.69
N LYS B 49 -5.68 8.91 -2.18
CA LYS B 49 -6.30 8.25 -3.32
C LYS B 49 -5.45 8.40 -4.58
N GLU B 50 -4.81 9.54 -4.75
CA GLU B 50 -3.97 9.80 -5.91
C GLU B 50 -2.66 9.04 -5.84
N ALA B 51 -2.05 9.03 -4.65
CA ALA B 51 -0.77 8.36 -4.44
C ALA B 51 -0.88 6.84 -4.53
N ASN B 52 -1.91 6.26 -3.90
CA ASN B 52 -2.07 4.81 -3.90
C ASN B 52 -2.60 4.29 -5.25
N VAL B 53 -2.12 4.88 -6.34
CA VAL B 53 -2.51 4.47 -7.68
C VAL B 53 -1.38 4.70 -8.66
N LYS B 54 -0.92 5.93 -8.73
CA LYS B 54 0.19 6.30 -9.60
C LYS B 54 1.50 5.85 -9.00
N CYS B 55 1.56 5.83 -7.68
CA CYS B 55 2.76 5.42 -6.95
C CYS B 55 2.40 4.55 -5.75
N PRO B 56 1.78 3.38 -5.99
CA PRO B 56 1.39 2.46 -4.92
C PRO B 56 2.59 1.84 -4.21
N GLN B 57 3.66 1.62 -4.96
CA GLN B 57 4.86 1.02 -4.41
C GLN B 57 5.43 1.84 -3.26
N VAL B 58 5.52 3.15 -3.45
CA VAL B 58 6.05 4.03 -2.42
C VAL B 58 5.17 4.10 -1.17
N VAL B 59 3.86 4.23 -1.38
CA VAL B 59 2.93 4.31 -0.26
C VAL B 59 3.00 3.06 0.60
N ILE B 60 3.10 1.90 -0.05
CA ILE B 60 3.19 0.63 0.67
C ILE B 60 4.38 0.63 1.61
N SER B 61 5.50 1.15 1.12
CA SER B 61 6.72 1.24 1.92
C SER B 61 6.50 2.06 3.17
N PHE B 62 5.62 3.06 3.06
CA PHE B 62 5.31 3.94 4.19
C PHE B 62 4.65 3.17 5.35
N TYR B 63 3.69 2.30 5.02
CA TYR B 63 2.98 1.55 6.04
C TYR B 63 3.92 0.61 6.81
N GLU B 64 4.68 -0.19 6.07
CA GLU B 64 5.61 -1.15 6.68
C GLU B 64 6.56 -0.45 7.66
N GLU B 65 6.82 0.83 7.43
CA GLU B 65 7.72 1.59 8.29
C GLU B 65 7.35 1.44 9.77
N ARG B 66 6.06 1.25 10.06
CA ARG B 66 5.61 1.11 11.43
C ARG B 66 4.43 0.15 11.54
N LEU B 67 3.42 0.33 10.69
CA LEU B 67 2.23 -0.51 10.71
C LEU B 67 1.58 -0.50 12.10
N THR B 68 0.96 -1.62 12.48
CA THR B 68 0.31 -1.73 13.78
C THR B 68 -0.35 -3.09 13.95
N TRP B 69 -1.29 -3.41 13.06
CA TRP B 69 -1.98 -4.68 13.09
C TRP B 69 -2.53 -4.98 14.49
N HIS B 70 -1.85 -5.85 15.22
CA HIS B 70 -2.27 -6.23 16.56
C HIS B 70 -2.30 -5.00 17.47
N HIS A 1 10.67 14.95 17.52
CA HIS A 1 11.64 15.46 16.53
C HIS A 1 12.51 16.56 17.12
N MET A 2 13.82 16.50 16.85
CA MET A 2 14.75 17.49 17.36
C MET A 2 14.40 18.89 16.84
N LYS A 3 14.06 18.96 15.56
CA LYS A 3 13.70 20.23 14.93
C LYS A 3 14.85 21.23 15.04
N GLU A 4 14.51 22.49 15.32
CA GLU A 4 15.52 23.55 15.45
C GLU A 4 16.24 23.79 14.13
N GLU A 5 16.37 25.06 13.76
CA GLU A 5 17.05 25.43 12.52
C GLU A 5 18.51 25.00 12.54
N SER A 6 18.97 24.43 11.43
CA SER A 6 20.33 23.95 11.30
C SER A 6 20.59 23.46 9.89
N GLU A 7 19.56 22.90 9.29
CA GLU A 7 19.64 22.37 7.92
C GLU A 7 18.26 22.05 7.38
N LYS A 8 17.24 22.29 8.21
CA LYS A 8 15.85 22.05 7.83
C LYS A 8 15.60 20.56 7.58
N PRO A 9 14.44 20.04 8.02
CA PRO A 9 14.09 18.62 7.85
C PRO A 9 13.92 18.24 6.38
N ARG A 10 13.12 17.21 6.13
CA ARG A 10 12.88 16.74 4.77
C ARG A 10 11.84 15.62 4.75
N GLY A 11 11.02 15.61 3.71
CA GLY A 11 9.99 14.59 3.57
C GLY A 11 8.98 14.60 4.70
N PHE A 12 8.65 13.42 5.20
CA PHE A 12 7.68 13.27 6.28
C PHE A 12 8.13 14.05 7.53
N ALA A 13 9.41 14.35 7.61
CA ALA A 13 9.95 15.08 8.76
C ALA A 13 9.16 16.36 9.02
N ARG A 14 8.81 17.06 7.94
CA ARG A 14 8.04 18.30 8.05
C ARG A 14 6.71 18.04 8.77
N GLY A 15 6.21 16.83 8.61
CA GLY A 15 4.95 16.45 9.22
C GLY A 15 3.77 16.79 8.33
N LEU A 16 4.02 16.82 7.02
CA LEU A 16 2.99 17.12 6.05
C LEU A 16 2.14 15.89 5.75
N GLU A 17 0.83 16.07 5.69
CA GLU A 17 -0.08 14.98 5.40
C GLU A 17 -0.11 14.70 3.90
N PRO A 18 0.14 13.44 3.49
CA PRO A 18 0.13 13.07 2.06
C PRO A 18 -1.25 13.16 1.44
N GLU A 19 -1.42 14.12 0.53
CA GLU A 19 -2.69 14.30 -0.16
C GLU A 19 -2.78 13.39 -1.38
N ARG A 20 -1.74 13.42 -2.19
CA ARG A 20 -1.67 12.60 -3.40
C ARG A 20 -0.26 12.60 -3.98
N ILE A 21 0.26 11.41 -4.26
CA ILE A 21 1.61 11.28 -4.80
C ILE A 21 1.66 11.76 -6.25
N ILE A 22 2.76 12.44 -6.59
CA ILE A 22 2.94 12.97 -7.94
C ILE A 22 4.32 12.62 -8.51
N GLY A 23 4.74 11.37 -8.32
CA GLY A 23 6.04 10.96 -8.83
C GLY A 23 6.50 9.62 -8.27
N ALA A 24 7.42 8.99 -8.98
CA ALA A 24 7.98 7.71 -8.57
C ALA A 24 9.32 7.47 -9.25
N THR A 25 10.30 7.00 -8.47
CA THR A 25 11.63 6.75 -9.00
C THR A 25 12.41 5.79 -8.11
N ASP A 26 12.88 4.69 -8.70
CA ASP A 26 13.63 3.69 -7.96
C ASP A 26 15.03 4.22 -7.62
N SER A 27 15.33 4.31 -6.33
CA SER A 27 16.63 4.79 -5.88
C SER A 27 17.62 3.62 -5.78
N SER A 28 18.35 3.55 -4.67
CA SER A 28 19.32 2.47 -4.47
C SER A 28 18.63 1.12 -4.44
N GLY A 29 17.47 1.07 -3.78
CA GLY A 29 16.72 -0.16 -3.69
C GLY A 29 15.36 0.05 -3.05
N GLU A 30 14.74 1.19 -3.35
CA GLU A 30 13.42 1.53 -2.82
C GLU A 30 12.70 2.48 -3.77
N LEU A 31 11.45 2.17 -4.08
CA LEU A 31 10.65 3.00 -4.97
C LEU A 31 10.33 4.34 -4.32
N MET A 32 11.04 5.39 -4.73
CA MET A 32 10.83 6.72 -4.20
C MET A 32 9.48 7.28 -4.63
N PHE A 33 8.83 8.00 -3.72
CA PHE A 33 7.53 8.60 -4.01
C PHE A 33 7.58 10.11 -3.87
N LEU A 34 7.19 10.81 -4.93
CA LEU A 34 7.18 12.27 -4.94
C LEU A 34 5.92 12.80 -4.27
N MET A 35 5.81 12.59 -2.95
CA MET A 35 4.65 13.06 -2.19
C MET A 35 4.45 14.56 -2.38
N LYS A 36 3.24 14.94 -2.80
CA LYS A 36 2.92 16.35 -3.02
C LYS A 36 2.64 17.09 -1.72
N TRP A 37 2.06 16.39 -0.75
CA TRP A 37 1.71 17.00 0.55
C TRP A 37 0.52 17.95 0.38
N LYS A 38 -0.45 17.85 1.28
CA LYS A 38 -1.63 18.71 1.19
C LYS A 38 -1.32 20.12 1.68
N ASN A 39 -0.70 20.23 2.84
CA ASN A 39 -0.34 21.52 3.40
C ASN A 39 0.96 22.03 2.81
N SER A 40 1.20 21.70 1.55
CA SER A 40 2.41 22.12 0.85
C SER A 40 2.31 21.85 -0.65
N ASP A 41 2.48 22.89 -1.45
CA ASP A 41 2.42 22.75 -2.90
C ASP A 41 3.64 22.00 -3.40
N GLU A 42 4.79 22.29 -2.82
CA GLU A 42 6.04 21.63 -3.20
C GLU A 42 6.05 20.19 -2.71
N ALA A 43 6.32 19.26 -3.63
CA ALA A 43 6.37 17.85 -3.29
C ALA A 43 7.73 17.47 -2.73
N ASP A 44 8.01 16.17 -2.68
CA ASP A 44 9.29 15.67 -2.17
C ASP A 44 9.34 14.15 -2.21
N LEU A 45 10.44 13.62 -2.75
CA LEU A 45 10.62 12.18 -2.85
C LEU A 45 10.78 11.55 -1.46
N VAL A 46 10.27 10.34 -1.29
CA VAL A 46 10.37 9.64 -0.02
C VAL A 46 10.59 8.15 -0.23
N PRO A 47 11.46 7.52 0.57
CA PRO A 47 11.75 6.09 0.46
C PRO A 47 10.49 5.25 0.49
N ALA A 48 10.40 4.30 -0.44
CA ALA A 48 9.23 3.43 -0.54
C ALA A 48 8.85 2.84 0.81
N LYS A 49 9.82 2.23 1.48
CA LYS A 49 9.58 1.60 2.78
C LYS A 49 8.95 2.57 3.78
N GLU A 50 9.50 3.78 3.85
CA GLU A 50 9.00 4.80 4.78
C GLU A 50 7.56 5.19 4.42
N ALA A 51 7.31 5.37 3.13
CA ALA A 51 5.99 5.75 2.65
C ALA A 51 4.93 4.69 2.94
N ASN A 52 5.34 3.42 2.90
CA ASN A 52 4.43 2.32 3.14
C ASN A 52 3.81 2.37 4.54
N VAL A 53 4.63 2.61 5.56
CA VAL A 53 4.16 2.66 6.93
C VAL A 53 3.51 4.00 7.27
N LYS A 54 4.17 5.09 6.90
CA LYS A 54 3.69 6.43 7.19
C LYS A 54 2.45 6.79 6.36
N CYS A 55 2.35 6.23 5.16
CA CYS A 55 1.21 6.53 4.29
C CYS A 55 0.92 5.36 3.35
N PRO A 56 0.46 4.23 3.88
CA PRO A 56 0.14 3.04 3.09
C PRO A 56 -1.01 3.29 2.11
N GLN A 57 -2.11 3.85 2.62
CA GLN A 57 -3.26 4.14 1.78
C GLN A 57 -2.91 5.06 0.62
N VAL A 58 -2.08 6.05 0.90
CA VAL A 58 -1.66 7.02 -0.11
C VAL A 58 -0.90 6.35 -1.25
N VAL A 59 0.18 5.65 -0.90
CA VAL A 59 0.98 4.96 -1.91
C VAL A 59 0.13 4.00 -2.72
N ILE A 60 -0.76 3.28 -2.03
CA ILE A 60 -1.66 2.34 -2.68
C ILE A 60 -2.53 3.06 -3.70
N SER A 61 -3.02 4.24 -3.32
CA SER A 61 -3.86 5.03 -4.21
C SER A 61 -3.09 5.44 -5.46
N PHE A 62 -1.80 5.75 -5.28
CA PHE A 62 -0.94 6.17 -6.38
C PHE A 62 -0.88 5.10 -7.46
N TYR A 63 -0.70 3.84 -7.04
CA TYR A 63 -0.62 2.74 -8.00
C TYR A 63 -1.90 2.64 -8.82
N GLU A 64 -3.03 2.84 -8.16
CA GLU A 64 -4.34 2.76 -8.82
C GLU A 64 -4.40 3.64 -10.06
N GLU A 65 -4.00 4.90 -9.92
CA GLU A 65 -4.02 5.83 -11.04
C GLU A 65 -2.84 5.60 -11.99
N ARG A 66 -2.21 4.44 -11.86
CA ARG A 66 -1.07 4.08 -12.71
C ARG A 66 -0.84 2.57 -12.70
N LEU A 67 -1.92 1.80 -12.66
CA LEU A 67 -1.81 0.34 -12.65
C LEU A 67 -1.36 -0.18 -14.00
N THR A 68 -1.71 -1.44 -14.30
CA THR A 68 -1.34 -2.07 -15.57
C THR A 68 -1.85 -3.50 -15.64
N TRP A 69 -1.46 -4.32 -14.66
CA TRP A 69 -1.87 -5.70 -14.60
C TRP A 69 -1.74 -6.39 -15.97
N HIS A 70 -0.61 -6.16 -16.62
CA HIS A 70 -0.36 -6.75 -17.93
C HIS A 70 1.06 -6.45 -18.39
N HIS B 1 -14.67 -12.32 16.66
CA HIS B 1 -15.40 -13.00 15.55
C HIS B 1 -16.40 -14.01 16.08
N MET B 2 -17.60 -14.00 15.53
CA MET B 2 -18.64 -14.94 15.95
C MET B 2 -18.22 -16.38 15.74
N LYS B 3 -17.58 -16.65 14.59
CA LYS B 3 -17.12 -17.99 14.27
C LYS B 3 -18.28 -18.98 14.26
N GLU B 4 -18.04 -20.18 14.79
CA GLU B 4 -19.06 -21.23 14.84
C GLU B 4 -19.47 -21.67 13.45
N GLU B 5 -19.53 -22.99 13.24
CA GLU B 5 -19.92 -23.55 11.96
C GLU B 5 -21.34 -23.15 11.58
N SER B 6 -21.51 -22.75 10.32
CA SER B 6 -22.80 -22.34 9.82
C SER B 6 -22.72 -22.07 8.31
N GLU B 7 -21.56 -21.58 7.89
CA GLU B 7 -21.33 -21.26 6.49
C GLU B 7 -19.84 -21.01 6.24
N LYS B 8 -19.04 -21.11 7.29
CA LYS B 8 -17.61 -20.89 7.21
C LYS B 8 -17.29 -19.45 6.81
N PRO B 9 -16.25 -18.85 7.42
CA PRO B 9 -15.85 -17.47 7.12
C PRO B 9 -15.33 -17.31 5.69
N ARG B 10 -14.48 -16.31 5.48
CA ARG B 10 -13.92 -16.06 4.16
C ARG B 10 -12.89 -14.93 4.20
N GLY B 11 -11.85 -15.06 3.39
CA GLY B 11 -10.80 -14.06 3.34
C GLY B 11 -10.07 -13.88 4.66
N PHE B 12 -9.85 -12.63 5.04
CA PHE B 12 -9.16 -12.31 6.28
C PHE B 12 -9.88 -12.89 7.49
N ALA B 13 -11.16 -13.20 7.32
CA ALA B 13 -11.96 -13.76 8.41
C ALA B 13 -11.27 -14.97 9.04
N ARG B 14 -10.70 -15.83 8.19
CA ARG B 14 -10.00 -17.01 8.66
C ARG B 14 -8.86 -16.63 9.61
N GLY B 15 -8.32 -15.44 9.39
CA GLY B 15 -7.22 -14.95 10.21
C GLY B 15 -5.88 -15.40 9.67
N LEU B 16 -5.82 -15.63 8.37
CA LEU B 16 -4.59 -16.06 7.71
C LEU B 16 -3.68 -14.88 7.43
N GLU B 17 -2.39 -15.05 7.70
CA GLU B 17 -1.42 -13.99 7.46
C GLU B 17 -1.04 -13.95 5.98
N PRO B 18 -1.17 -12.77 5.35
CA PRO B 18 -0.84 -12.61 3.93
C PRO B 18 0.65 -12.77 3.66
N GLU B 19 1.01 -13.84 2.96
CA GLU B 19 2.41 -14.11 2.62
C GLU B 19 2.79 -13.39 1.33
N ARG B 20 1.95 -13.56 0.31
CA ARG B 20 2.18 -12.93 -0.99
C ARG B 20 0.94 -13.05 -1.86
N ILE B 21 0.52 -11.92 -2.44
CA ILE B 21 -0.66 -11.90 -3.29
C ILE B 21 -0.39 -12.59 -4.62
N ILE B 22 -1.39 -13.34 -5.11
CA ILE B 22 -1.26 -14.06 -6.36
C ILE B 22 -2.47 -13.83 -7.27
N GLY B 23 -2.90 -12.58 -7.38
CA GLY B 23 -4.04 -12.27 -8.23
C GLY B 23 -4.60 -10.87 -7.99
N ALA B 24 -5.33 -10.37 -8.98
CA ALA B 24 -5.94 -9.06 -8.91
C ALA B 24 -7.08 -8.94 -9.91
N THR B 25 -8.20 -8.39 -9.46
CA THR B 25 -9.38 -8.23 -10.31
C THR B 25 -10.32 -7.16 -9.78
N ASP B 26 -10.62 -6.17 -10.62
CA ASP B 26 -11.51 -5.09 -10.22
C ASP B 26 -12.96 -5.58 -10.15
N SER B 27 -13.54 -5.47 -8.95
CA SER B 27 -14.92 -5.90 -8.74
C SER B 27 -15.89 -4.76 -9.05
N SER B 28 -16.85 -4.53 -8.17
CA SER B 28 -17.82 -3.46 -8.37
C SER B 28 -17.13 -2.10 -8.38
N GLY B 29 -16.16 -1.94 -7.48
CA GLY B 29 -15.42 -0.69 -7.40
C GLY B 29 -14.24 -0.78 -6.46
N GLU B 30 -13.60 -1.94 -6.43
CA GLU B 30 -12.45 -2.18 -5.57
C GLU B 30 -11.54 -3.25 -6.17
N LEU B 31 -10.24 -2.96 -6.22
CA LEU B 31 -9.27 -3.90 -6.78
C LEU B 31 -9.14 -5.12 -5.87
N MET B 32 -9.75 -6.22 -6.28
CA MET B 32 -9.70 -7.46 -5.51
C MET B 32 -8.30 -8.06 -5.52
N PHE B 33 -7.87 -8.62 -4.39
CA PHE B 33 -6.56 -9.23 -4.29
C PHE B 33 -6.67 -10.71 -3.94
N LEU B 34 -6.06 -11.55 -4.76
CA LEU B 34 -6.07 -13.00 -4.54
C LEU B 34 -5.01 -13.40 -3.53
N MET B 35 -5.21 -13.00 -2.27
CA MET B 35 -4.25 -13.31 -1.21
C MET B 35 -4.04 -14.83 -1.11
N LYS B 36 -2.78 -15.24 -1.18
CA LYS B 36 -2.43 -16.66 -1.11
C LYS B 36 -2.47 -17.20 0.32
N TRP B 37 -2.12 -16.35 1.28
CA TRP B 37 -2.09 -16.74 2.69
C TRP B 37 -0.91 -17.68 2.95
N LYS B 38 -0.16 -17.44 4.03
CA LYS B 38 0.99 -18.28 4.34
C LYS B 38 0.55 -19.61 4.94
N ASN B 39 -0.33 -19.55 5.94
CA ASN B 39 -0.83 -20.75 6.59
C ASN B 39 -1.97 -21.38 5.80
N SER B 40 -1.91 -21.24 4.48
CA SER B 40 -2.93 -21.79 3.60
C SER B 40 -2.49 -21.74 2.14
N ASP B 41 -2.48 -22.89 1.48
CA ASP B 41 -2.09 -22.97 0.08
C ASP B 41 -3.15 -22.31 -0.80
N GLU B 42 -4.40 -22.53 -0.45
CA GLU B 42 -5.53 -21.96 -1.20
C GLU B 42 -5.62 -20.47 -0.96
N ALA B 43 -5.65 -19.70 -2.04
CA ALA B 43 -5.75 -18.25 -1.93
C ALA B 43 -7.20 -17.82 -1.77
N ASP B 44 -7.47 -16.53 -1.98
CA ASP B 44 -8.81 -15.98 -1.86
C ASP B 44 -8.82 -14.49 -2.14
N LEU B 45 -9.76 -14.06 -2.99
CA LEU B 45 -9.89 -12.65 -3.34
C LEU B 45 -10.36 -11.83 -2.14
N VAL B 46 -9.88 -10.60 -2.04
CA VAL B 46 -10.25 -9.71 -0.94
C VAL B 46 -10.40 -8.27 -1.43
N PRO B 47 -11.42 -7.55 -0.95
CA PRO B 47 -11.65 -6.16 -1.34
C PRO B 47 -10.42 -5.30 -1.15
N ALA B 48 -10.09 -4.50 -2.16
CA ALA B 48 -8.91 -3.63 -2.12
C ALA B 48 -8.85 -2.84 -0.82
N LYS B 49 -9.93 -2.14 -0.50
CA LYS B 49 -9.99 -1.33 0.72
C LYS B 49 -9.63 -2.13 1.96
N GLU B 50 -10.20 -3.33 2.10
CA GLU B 50 -9.94 -4.17 3.25
C GLU B 50 -8.47 -4.59 3.30
N ALA B 51 -7.93 -4.96 2.14
CA ALA B 51 -6.54 -5.39 2.04
C ALA B 51 -5.56 -4.27 2.40
N ASN B 52 -5.93 -3.03 2.08
CA ASN B 52 -5.08 -1.89 2.36
C ASN B 52 -4.79 -1.73 3.85
N VAL B 53 -5.83 -1.82 4.67
CA VAL B 53 -5.69 -1.66 6.11
C VAL B 53 -5.16 -2.92 6.79
N LYS B 54 -5.74 -4.06 6.44
CA LYS B 54 -5.35 -5.33 7.04
C LYS B 54 -3.96 -5.80 6.58
N CYS B 55 -3.58 -5.42 5.36
CA CYS B 55 -2.27 -5.83 4.83
C CYS B 55 -1.76 -4.81 3.81
N PRO B 56 -1.41 -3.60 4.26
CA PRO B 56 -0.89 -2.54 3.40
C PRO B 56 0.44 -2.91 2.75
N GLN B 57 1.38 -3.37 3.57
CA GLN B 57 2.70 -3.76 3.09
C GLN B 57 2.60 -4.85 2.03
N VAL B 58 1.70 -5.81 2.25
CA VAL B 58 1.52 -6.92 1.32
C VAL B 58 1.05 -6.44 -0.04
N VAL B 59 -0.06 -5.72 -0.05
CA VAL B 59 -0.61 -5.20 -1.32
C VAL B 59 0.43 -4.37 -2.04
N ILE B 60 1.15 -3.54 -1.28
CA ILE B 60 2.18 -2.69 -1.85
C ILE B 60 3.26 -3.53 -2.52
N SER B 61 3.62 -4.64 -1.87
CA SER B 61 4.63 -5.54 -2.41
C SER B 61 4.16 -6.14 -3.72
N PHE B 62 2.86 -6.45 -3.79
CA PHE B 62 2.27 -7.04 -4.98
C PHE B 62 2.47 -6.14 -6.20
N TYR B 63 2.23 -4.84 -6.04
CA TYR B 63 2.39 -3.89 -7.13
C TYR B 63 3.83 -3.90 -7.64
N GLU B 64 4.78 -3.98 -6.72
CA GLU B 64 6.20 -3.97 -7.06
C GLU B 64 6.53 -5.03 -8.11
N GLU B 65 6.08 -6.27 -7.88
CA GLU B 65 6.34 -7.36 -8.81
C GLU B 65 5.43 -7.28 -10.03
N ARG B 66 4.80 -6.13 -10.23
CA ARG B 66 3.89 -5.92 -11.36
C ARG B 66 3.68 -4.43 -11.63
N LEU B 67 4.74 -3.65 -11.47
CA LEU B 67 4.67 -2.21 -11.70
C LEU B 67 4.54 -1.89 -13.18
N THR B 68 4.97 -0.70 -13.58
CA THR B 68 4.91 -0.28 -14.98
C THR B 68 5.45 1.14 -15.14
N TRP B 69 4.86 2.08 -14.41
CA TRP B 69 5.27 3.47 -14.47
C TRP B 69 5.47 3.94 -15.91
N HIS B 70 4.52 3.60 -16.77
CA HIS B 70 4.58 3.98 -18.18
C HIS B 70 3.30 3.58 -18.91
N HIS A 1 -10.24 28.75 -9.66
CA HIS A 1 -9.52 29.83 -8.92
C HIS A 1 -8.12 29.38 -8.54
N MET A 2 -8.00 28.15 -8.03
CA MET A 2 -6.71 27.61 -7.63
C MET A 2 -6.83 26.14 -7.26
N LYS A 3 -5.96 25.31 -7.82
CA LYS A 3 -5.96 23.88 -7.55
C LYS A 3 -4.82 23.19 -8.29
N GLU A 4 -4.13 22.29 -7.58
CA GLU A 4 -3.01 21.56 -8.17
C GLU A 4 -1.92 22.51 -8.66
N GLU A 5 -1.38 22.25 -9.85
CA GLU A 5 -0.34 23.10 -10.42
C GLU A 5 -0.81 24.54 -10.56
N SER A 6 -1.77 24.76 -11.46
CA SER A 6 -2.32 26.10 -11.71
C SER A 6 -1.30 27.00 -12.42
N GLU A 7 -0.02 26.82 -12.10
CA GLU A 7 1.04 27.62 -12.70
C GLU A 7 2.41 27.04 -12.38
N LYS A 8 2.50 26.32 -11.26
CA LYS A 8 3.76 25.71 -10.85
C LYS A 8 3.53 24.30 -10.30
N PRO A 9 4.37 23.34 -10.73
CA PRO A 9 4.27 21.95 -10.29
C PRO A 9 4.59 21.77 -8.81
N ARG A 10 3.90 20.82 -8.17
CA ARG A 10 4.11 20.54 -6.75
C ARG A 10 3.92 19.06 -6.47
N GLY A 11 4.80 18.49 -5.65
CA GLY A 11 4.70 17.08 -5.32
C GLY A 11 4.93 16.19 -6.52
N PHE A 12 4.03 15.24 -6.75
CA PHE A 12 4.14 14.33 -7.88
C PHE A 12 4.32 15.10 -9.18
N ALA A 13 3.57 16.19 -9.31
CA ALA A 13 3.65 17.04 -10.50
C ALA A 13 5.03 17.65 -10.64
N ARG A 14 5.62 18.02 -9.51
CA ARG A 14 6.96 18.62 -9.49
C ARG A 14 7.97 17.69 -10.16
N GLY A 15 7.64 16.40 -10.18
CA GLY A 15 8.51 15.42 -10.80
C GLY A 15 9.69 15.02 -9.93
N LEU A 16 9.47 15.03 -8.61
CA LEU A 16 10.51 14.65 -7.67
C LEU A 16 10.48 13.16 -7.39
N GLU A 17 11.65 12.53 -7.35
CA GLU A 17 11.73 11.10 -7.07
C GLU A 17 11.34 10.85 -5.61
N PRO A 18 10.32 10.02 -5.37
CA PRO A 18 9.85 9.71 -4.01
C PRO A 18 10.94 9.11 -3.13
N GLU A 19 11.28 9.80 -2.06
CA GLU A 19 12.30 9.33 -1.13
C GLU A 19 11.70 8.36 -0.11
N ARG A 20 10.94 8.89 0.83
CA ARG A 20 10.31 8.07 1.86
C ARG A 20 9.32 8.88 2.68
N ILE A 21 8.14 8.33 2.92
CA ILE A 21 7.13 9.02 3.70
C ILE A 21 7.55 9.11 5.17
N ILE A 22 7.67 10.34 5.66
CA ILE A 22 8.08 10.57 7.03
C ILE A 22 6.90 10.47 8.01
N GLY A 23 5.71 10.85 7.55
CA GLY A 23 4.54 10.77 8.40
C GLY A 23 3.28 11.31 7.74
N ALA A 24 2.15 10.69 8.05
CA ALA A 24 0.86 11.10 7.48
C ALA A 24 0.50 12.52 7.93
N THR A 25 -0.80 12.82 7.98
CA THR A 25 -1.25 14.14 8.40
C THR A 25 -2.77 14.27 8.39
N ASP A 26 -3.39 13.82 7.29
CA ASP A 26 -4.85 13.89 7.14
C ASP A 26 -5.32 15.34 7.09
N SER A 27 -6.07 15.69 6.05
CA SER A 27 -6.57 17.05 5.89
C SER A 27 -7.77 17.32 6.80
N SER A 28 -8.79 16.49 6.70
CA SER A 28 -10.00 16.63 7.51
C SER A 28 -10.95 15.46 7.25
N GLY A 29 -10.37 14.32 6.93
CA GLY A 29 -11.15 13.13 6.65
C GLY A 29 -10.33 12.14 5.85
N GLU A 30 -9.64 12.65 4.84
CA GLU A 30 -8.79 11.82 4.00
C GLU A 30 -7.34 11.97 4.42
N LEU A 31 -6.71 10.86 4.77
CA LEU A 31 -5.31 10.87 5.21
C LEU A 31 -4.38 11.21 4.05
N MET A 32 -3.36 12.02 4.35
CA MET A 32 -2.38 12.42 3.34
C MET A 32 -0.98 11.99 3.76
N PHE A 33 -0.18 11.61 2.77
CA PHE A 33 1.19 11.17 3.03
C PHE A 33 2.20 12.26 2.74
N LEU A 34 3.12 12.48 3.67
CA LEU A 34 4.16 13.49 3.49
C LEU A 34 5.38 12.84 2.85
N MET A 35 5.93 13.47 1.81
CA MET A 35 7.10 12.93 1.12
C MET A 35 8.23 13.95 1.09
N LYS A 36 9.41 13.52 1.53
CA LYS A 36 10.59 14.39 1.58
C LYS A 36 11.23 14.58 0.20
N TRP A 37 11.13 13.56 -0.64
CA TRP A 37 11.71 13.61 -1.99
C TRP A 37 13.23 13.47 -1.94
N LYS A 38 13.78 12.68 -2.86
CA LYS A 38 15.23 12.48 -2.92
C LYS A 38 15.91 13.68 -3.58
N ASN A 39 15.49 13.99 -4.80
CA ASN A 39 16.06 15.10 -5.55
C ASN A 39 15.46 16.42 -5.09
N SER A 40 15.26 16.55 -3.78
CA SER A 40 14.70 17.76 -3.21
C SER A 40 14.67 17.69 -1.69
N ASP A 41 15.29 18.66 -1.04
CA ASP A 41 15.33 18.70 0.42
C ASP A 41 13.95 19.01 0.98
N GLU A 42 13.29 20.01 0.40
CA GLU A 42 11.96 20.41 0.83
C GLU A 42 10.94 19.31 0.52
N ALA A 43 10.19 18.91 1.54
CA ALA A 43 9.18 17.87 1.37
C ALA A 43 7.90 18.46 0.80
N ASP A 44 6.82 17.67 0.82
CA ASP A 44 5.53 18.11 0.31
C ASP A 44 4.48 17.01 0.44
N LEU A 45 3.30 17.39 0.94
CA LEU A 45 2.21 16.45 1.11
C LEU A 45 1.67 15.99 -0.23
N VAL A 46 1.24 14.74 -0.28
CA VAL A 46 0.67 14.17 -1.49
C VAL A 46 -0.58 13.37 -1.16
N PRO A 47 -1.68 13.60 -1.89
CA PRO A 47 -2.95 12.90 -1.66
C PRO A 47 -2.78 11.40 -1.64
N ALA A 48 -3.30 10.76 -0.60
CA ALA A 48 -3.21 9.31 -0.46
C ALA A 48 -3.75 8.61 -1.69
N LYS A 49 -4.85 9.13 -2.22
CA LYS A 49 -5.49 8.54 -3.40
C LYS A 49 -4.51 8.46 -4.57
N GLU A 50 -3.66 9.47 -4.70
CA GLU A 50 -2.68 9.50 -5.78
C GLU A 50 -1.44 8.69 -5.43
N ALA A 51 -0.99 8.79 -4.19
CA ALA A 51 0.19 8.08 -3.73
C ALA A 51 0.05 6.56 -3.86
N ASN A 52 -1.08 6.02 -3.40
CA ASN A 52 -1.31 4.58 -3.47
C ASN A 52 -1.68 4.12 -4.89
N VAL A 53 -1.04 4.72 -5.89
CA VAL A 53 -1.28 4.37 -7.28
C VAL A 53 -0.01 4.57 -8.10
N LYS A 54 0.51 5.78 -8.06
CA LYS A 54 1.73 6.13 -8.77
C LYS A 54 2.95 5.66 -7.99
N CYS A 55 2.81 5.61 -6.67
CA CYS A 55 3.88 5.18 -5.79
C CYS A 55 3.38 4.16 -4.77
N PRO A 56 2.78 3.06 -5.23
CA PRO A 56 2.26 2.02 -4.32
C PRO A 56 3.36 1.43 -3.45
N GLN A 57 4.44 1.00 -4.09
CA GLN A 57 5.56 0.41 -3.38
C GLN A 57 6.04 1.30 -2.24
N VAL A 58 6.18 2.59 -2.52
CA VAL A 58 6.63 3.55 -1.51
C VAL A 58 5.64 3.65 -0.36
N VAL A 59 4.38 3.92 -0.71
CA VAL A 59 3.33 4.04 0.30
C VAL A 59 3.29 2.79 1.18
N ILE A 60 3.44 1.62 0.56
CA ILE A 60 3.44 0.36 1.28
C ILE A 60 4.55 0.34 2.32
N SER A 61 5.73 0.82 1.92
CA SER A 61 6.88 0.86 2.82
C SER A 61 6.59 1.69 4.06
N PHE A 62 5.88 2.81 3.86
CA PHE A 62 5.55 3.70 4.97
C PHE A 62 4.80 2.97 6.08
N TYR A 63 3.79 2.19 5.69
CA TYR A 63 3.00 1.44 6.67
C TYR A 63 3.88 0.53 7.51
N GLU A 64 4.75 -0.23 6.83
CA GLU A 64 5.65 -1.16 7.49
C GLU A 64 6.28 -0.55 8.75
N GLU A 65 6.71 0.70 8.66
CA GLU A 65 7.32 1.37 9.81
C GLU A 65 6.35 1.37 10.99
N ARG A 66 5.18 1.94 10.77
CA ARG A 66 4.14 2.00 11.80
C ARG A 66 3.21 0.80 11.63
N LEU A 67 1.98 1.06 11.16
CA LEU A 67 1.00 0.01 10.93
C LEU A 67 0.62 -0.70 12.22
N THR A 68 -0.64 -1.15 12.29
CA THR A 68 -1.14 -1.85 13.45
C THR A 68 -0.41 -3.20 13.64
N TRP A 69 -1.02 -4.11 14.39
CA TRP A 69 -0.42 -5.43 14.66
C TRP A 69 1.08 -5.34 14.91
N HIS A 70 1.51 -4.23 15.49
CA HIS A 70 2.92 -4.01 15.80
C HIS A 70 3.77 -4.12 14.53
N HIS B 1 11.74 -29.66 -2.67
CA HIS B 1 10.84 -30.63 -1.98
C HIS B 1 9.39 -30.17 -2.01
N MET B 2 9.18 -28.88 -1.74
CA MET B 2 7.85 -28.30 -1.73
C MET B 2 7.90 -26.79 -1.56
N LYS B 3 7.21 -26.07 -2.43
CA LYS B 3 7.17 -24.61 -2.38
C LYS B 3 6.25 -24.05 -3.46
N GLU B 4 5.42 -23.08 -3.08
CA GLU B 4 4.49 -22.46 -4.01
C GLU B 4 3.54 -23.49 -4.60
N GLU B 5 3.30 -23.42 -5.91
CA GLU B 5 2.40 -24.35 -6.58
C GLU B 5 2.87 -25.79 -6.39
N SER B 6 4.00 -26.12 -7.00
CA SER B 6 4.57 -27.47 -6.93
C SER B 6 3.74 -28.48 -7.71
N GLU B 7 2.43 -28.29 -7.74
CA GLU B 7 1.53 -29.18 -8.44
C GLU B 7 0.13 -28.58 -8.55
N LYS B 8 -0.21 -27.70 -7.61
CA LYS B 8 -1.52 -27.06 -7.59
C LYS B 8 -1.40 -25.59 -7.22
N PRO B 9 -2.11 -24.71 -7.96
CA PRO B 9 -2.08 -23.27 -7.72
C PRO B 9 -2.76 -22.88 -6.40
N ARG B 10 -2.21 -21.86 -5.76
CA ARG B 10 -2.75 -21.37 -4.49
C ARG B 10 -2.59 -19.86 -4.38
N GLY B 11 -3.63 -19.20 -3.90
CA GLY B 11 -3.60 -17.74 -3.76
C GLY B 11 -3.52 -17.05 -5.09
N PHE B 12 -2.57 -16.12 -5.23
CA PHE B 12 -2.40 -15.38 -6.48
C PHE B 12 -2.27 -16.34 -7.66
N ALA B 13 -1.54 -17.43 -7.45
CA ALA B 13 -1.33 -18.43 -8.48
C ALA B 13 -2.67 -19.09 -8.86
N ARG B 14 -3.51 -19.30 -7.86
CA ARG B 14 -4.82 -19.91 -8.08
C ARG B 14 -5.63 -19.10 -9.10
N GLY B 15 -5.29 -17.83 -9.23
CA GLY B 15 -5.97 -16.97 -10.18
C GLY B 15 -7.31 -16.47 -9.66
N LEU B 16 -7.41 -16.28 -8.36
CA LEU B 16 -8.64 -15.79 -7.75
C LEU B 16 -8.64 -14.26 -7.68
N GLU B 17 -9.78 -13.66 -8.02
CA GLU B 17 -9.90 -12.22 -7.97
C GLU B 17 -9.87 -11.74 -6.52
N PRO B 18 -8.91 -10.87 -6.17
CA PRO B 18 -8.79 -10.36 -4.79
C PRO B 18 -10.04 -9.65 -4.30
N GLU B 19 -10.64 -10.18 -3.24
CA GLU B 19 -11.83 -9.61 -2.66
C GLU B 19 -11.48 -8.48 -1.69
N ARG B 20 -10.97 -8.85 -0.53
CA ARG B 20 -10.59 -7.89 0.50
C ARG B 20 -9.85 -8.57 1.64
N ILE B 21 -8.75 -7.96 2.07
CA ILE B 21 -7.96 -8.51 3.16
C ILE B 21 -8.72 -8.40 4.48
N ILE B 22 -8.98 -9.55 5.10
CA ILE B 22 -9.71 -9.58 6.36
C ILE B 22 -8.79 -9.31 7.56
N GLY B 23 -7.53 -9.74 7.45
CA GLY B 23 -6.60 -9.53 8.54
C GLY B 23 -5.23 -10.12 8.28
N ALA B 24 -4.18 -9.44 8.76
CA ALA B 24 -2.82 -9.91 8.58
C ALA B 24 -2.60 -11.24 9.32
N THR B 25 -1.35 -11.51 9.70
CA THR B 25 -1.04 -12.76 10.42
C THR B 25 0.45 -12.85 10.78
N ASP B 26 1.31 -12.56 9.81
CA ASP B 26 2.76 -12.62 10.02
C ASP B 26 3.20 -14.06 10.30
N SER B 27 4.18 -14.54 9.53
CA SER B 27 4.68 -15.91 9.69
C SER B 27 5.62 -16.02 10.90
N SER B 28 6.65 -15.19 10.90
CA SER B 28 7.64 -15.19 12.00
C SER B 28 8.64 -14.07 11.80
N GLY B 29 8.17 -12.99 11.20
CA GLY B 29 9.02 -11.84 10.93
C GLY B 29 8.44 -10.98 9.83
N GLU B 30 7.98 -11.64 8.76
CA GLU B 30 7.37 -10.95 7.64
C GLU B 30 5.86 -11.07 7.73
N LEU B 31 5.18 -9.93 7.75
CA LEU B 31 3.73 -9.91 7.85
C LEU B 31 3.09 -10.43 6.56
N MET B 32 2.02 -11.20 6.72
CA MET B 32 1.30 -11.77 5.59
C MET B 32 -0.15 -11.30 5.58
N PHE B 33 -0.69 -11.08 4.39
CA PHE B 33 -2.07 -10.62 4.25
C PHE B 33 -3.01 -11.77 3.88
N LEU B 34 -4.12 -11.88 4.59
CA LEU B 34 -5.10 -12.91 4.32
C LEU B 34 -6.13 -12.39 3.31
N MET B 35 -6.42 -13.17 2.28
CA MET B 35 -7.38 -12.75 1.26
C MET B 35 -8.50 -13.78 1.10
N LYS B 36 -9.75 -13.31 1.18
CA LYS B 36 -10.92 -14.19 1.07
C LYS B 36 -11.21 -14.59 -0.37
N TRP B 37 -10.89 -13.71 -1.31
CA TRP B 37 -11.13 -13.95 -2.74
C TRP B 37 -12.62 -13.83 -3.07
N LYS B 38 -12.93 -13.21 -4.19
CA LYS B 38 -14.32 -13.04 -4.64
C LYS B 38 -14.84 -14.33 -5.26
N ASN B 39 -14.15 -14.80 -6.28
CA ASN B 39 -14.53 -16.02 -6.97
C ASN B 39 -14.08 -17.25 -6.20
N SER B 40 -14.21 -17.19 -4.88
CA SER B 40 -13.82 -18.30 -4.01
C SER B 40 -14.15 -17.99 -2.56
N ASP B 41 -14.92 -18.88 -1.94
CA ASP B 41 -15.31 -18.71 -0.54
C ASP B 41 -14.11 -18.91 0.37
N GLU B 42 -13.35 -19.97 0.10
CA GLU B 42 -12.17 -20.28 0.90
C GLU B 42 -11.09 -19.22 0.69
N ALA B 43 -10.59 -18.67 1.79
CA ALA B 43 -9.56 -17.64 1.72
C ALA B 43 -8.19 -18.28 1.55
N ASP B 44 -7.14 -17.48 1.73
CA ASP B 44 -5.77 -17.97 1.60
C ASP B 44 -4.75 -16.85 1.83
N LEU B 45 -3.74 -17.14 2.63
CA LEU B 45 -2.70 -16.15 2.92
C LEU B 45 -1.84 -15.88 1.70
N VAL B 46 -1.40 -14.65 1.56
CA VAL B 46 -0.54 -14.24 0.45
C VAL B 46 0.61 -13.38 0.95
N PRO B 47 1.85 -13.70 0.55
CA PRO B 47 3.03 -12.95 0.98
C PRO B 47 2.89 -11.46 0.73
N ALA B 48 3.16 -10.68 1.77
CA ALA B 48 3.06 -9.22 1.68
C ALA B 48 3.90 -8.69 0.52
N LYS B 49 5.09 -9.26 0.35
CA LYS B 49 5.99 -8.85 -0.72
C LYS B 49 5.32 -8.95 -2.09
N GLU B 50 4.51 -9.99 -2.27
CA GLU B 50 3.81 -10.20 -3.54
C GLU B 50 2.54 -9.35 -3.62
N ALA B 51 1.81 -9.29 -2.52
CA ALA B 51 0.56 -8.53 -2.46
C ALA B 51 0.75 -7.05 -2.77
N ASN B 52 1.75 -6.43 -2.14
CA ASN B 52 2.02 -5.01 -2.36
C ASN B 52 2.72 -4.75 -3.69
N VAL B 53 2.32 -5.50 -4.72
CA VAL B 53 2.90 -5.35 -6.06
C VAL B 53 1.86 -5.69 -7.11
N LYS B 54 1.33 -6.90 -7.02
CA LYS B 54 0.31 -7.36 -7.95
C LYS B 54 -1.06 -6.80 -7.56
N CYS B 55 -1.23 -6.57 -6.26
CA CYS B 55 -2.49 -6.03 -5.73
C CYS B 55 -2.22 -4.87 -4.78
N PRO B 56 -1.51 -3.83 -5.24
CA PRO B 56 -1.20 -2.66 -4.40
C PRO B 56 -2.46 -1.97 -3.90
N GLN B 57 -3.35 -1.66 -4.84
CA GLN B 57 -4.61 -0.98 -4.51
C GLN B 57 -5.35 -1.72 -3.40
N VAL B 58 -5.44 -3.03 -3.51
CA VAL B 58 -6.14 -3.84 -2.51
C VAL B 58 -5.44 -3.76 -1.17
N VAL B 59 -4.16 -4.06 -1.15
CA VAL B 59 -3.37 -4.01 0.08
C VAL B 59 -3.52 -2.65 0.75
N ILE B 60 -3.50 -1.59 -0.05
CA ILE B 60 -3.65 -0.23 0.46
C ILE B 60 -4.97 -0.08 1.20
N SER B 61 -6.04 -0.63 0.60
CA SER B 61 -7.36 -0.55 1.19
C SER B 61 -7.39 -1.21 2.58
N PHE B 62 -6.68 -2.31 2.71
CA PHE B 62 -6.63 -3.04 3.98
C PHE B 62 -6.15 -2.14 5.12
N TYR B 63 -5.07 -1.40 4.88
CA TYR B 63 -4.52 -0.51 5.89
C TYR B 63 -5.56 0.50 6.35
N GLU B 64 -6.23 1.13 5.39
CA GLU B 64 -7.25 2.14 5.68
C GLU B 64 -8.17 1.71 6.83
N GLU B 65 -8.59 0.45 6.82
CA GLU B 65 -9.48 -0.06 7.87
C GLU B 65 -8.81 0.12 9.24
N ARG B 66 -7.63 -0.46 9.39
CA ARG B 66 -6.86 -0.33 10.63
C ARG B 66 -5.90 0.84 10.52
N LEU B 67 -4.60 0.53 10.40
CA LEU B 67 -3.58 1.55 10.26
C LEU B 67 -3.49 2.45 11.48
N THR B 68 -2.28 2.93 11.78
CA THR B 68 -2.06 3.80 12.92
C THR B 68 -2.79 5.14 12.73
N TRP B 69 -2.37 6.17 13.47
CA TRP B 69 -2.98 7.51 13.40
C TRP B 69 -4.50 7.42 13.30
N HIS B 70 -5.08 6.39 13.91
CA HIS B 70 -6.53 6.20 13.90
C HIS B 70 -7.05 6.10 12.46
N HIS A 1 -4.67 -17.24 -0.84
CA HIS A 1 -5.05 -18.66 -1.09
C HIS A 1 -5.47 -18.87 -2.55
N MET A 2 -6.23 -17.91 -3.07
CA MET A 2 -6.70 -17.98 -4.45
C MET A 2 -7.57 -19.22 -4.67
N LYS A 3 -8.54 -19.42 -3.80
CA LYS A 3 -9.45 -20.56 -3.90
C LYS A 3 -10.16 -20.56 -5.25
N GLU A 4 -10.16 -21.72 -5.90
CA GLU A 4 -10.81 -21.86 -7.20
C GLU A 4 -12.32 -21.73 -7.07
N GLU A 5 -12.92 -20.95 -7.97
CA GLU A 5 -14.36 -20.73 -7.96
C GLU A 5 -15.10 -22.01 -8.35
N SER A 6 -16.13 -21.87 -9.20
CA SER A 6 -16.91 -23.01 -9.65
C SER A 6 -17.49 -23.78 -8.47
N GLU A 7 -18.00 -23.03 -7.48
CA GLU A 7 -18.57 -23.63 -6.29
C GLU A 7 -19.25 -22.56 -5.43
N LYS A 8 -18.56 -21.45 -5.21
CA LYS A 8 -19.10 -20.36 -4.41
C LYS A 8 -18.15 -19.16 -4.39
N PRO A 9 -18.65 -17.97 -4.75
CA PRO A 9 -17.85 -16.75 -4.77
C PRO A 9 -17.44 -16.30 -3.36
N ARG A 10 -16.27 -15.67 -3.27
CA ARG A 10 -15.76 -15.18 -1.99
C ARG A 10 -14.91 -13.93 -2.18
N GLY A 11 -15.17 -12.91 -1.37
CA GLY A 11 -14.42 -11.67 -1.48
C GLY A 11 -14.57 -11.01 -2.83
N PHE A 12 -13.44 -10.65 -3.44
CA PHE A 12 -13.44 -10.00 -4.74
C PHE A 12 -14.22 -10.82 -5.77
N ALA A 13 -14.23 -12.14 -5.61
CA ALA A 13 -14.94 -13.02 -6.53
C ALA A 13 -16.40 -12.58 -6.67
N ARG A 14 -17.03 -12.25 -5.54
CA ARG A 14 -18.41 -11.81 -5.53
C ARG A 14 -18.59 -10.56 -6.39
N GLY A 15 -17.52 -9.78 -6.50
CA GLY A 15 -17.56 -8.56 -7.29
C GLY A 15 -18.14 -7.40 -6.50
N LEU A 16 -17.94 -7.45 -5.18
CA LEU A 16 -18.44 -6.40 -4.30
C LEU A 16 -17.51 -5.19 -4.31
N GLU A 17 -18.10 -4.01 -4.36
CA GLU A 17 -17.32 -2.77 -4.37
C GLU A 17 -16.65 -2.55 -3.01
N PRO A 18 -15.31 -2.46 -2.98
CA PRO A 18 -14.56 -2.25 -1.74
C PRO A 18 -14.63 -0.81 -1.24
N GLU A 19 -15.06 -0.64 0.00
CA GLU A 19 -15.16 0.69 0.61
C GLU A 19 -13.86 1.05 1.31
N ARG A 20 -13.44 0.20 2.24
CA ARG A 20 -12.21 0.42 3.01
C ARG A 20 -11.96 -0.73 3.97
N ILE A 21 -10.70 -1.15 4.07
CA ILE A 21 -10.32 -2.25 4.95
C ILE A 21 -10.65 -1.91 6.40
N ILE A 22 -11.13 -2.90 7.15
CA ILE A 22 -11.49 -2.69 8.54
C ILE A 22 -11.17 -3.91 9.40
N GLY A 23 -9.97 -4.45 9.25
CA GLY A 23 -9.58 -5.60 10.03
C GLY A 23 -8.15 -6.04 9.80
N ALA A 24 -7.92 -6.76 8.70
CA ALA A 24 -6.60 -7.26 8.35
C ALA A 24 -6.09 -8.25 9.38
N THR A 25 -5.41 -9.28 8.90
CA THR A 25 -4.85 -10.31 9.78
C THR A 25 -3.60 -10.92 9.16
N ASP A 26 -3.51 -12.26 9.13
CA ASP A 26 -2.34 -12.92 8.55
C ASP A 26 -2.54 -14.43 8.47
N SER A 27 -3.66 -14.84 7.90
CA SER A 27 -3.97 -16.26 7.76
C SER A 27 -2.89 -16.95 6.91
N SER A 28 -2.45 -18.11 7.39
CA SER A 28 -1.41 -18.87 6.68
C SER A 28 -0.13 -18.06 6.56
N GLY A 29 0.17 -17.28 7.61
CA GLY A 29 1.38 -16.47 7.60
C GLY A 29 1.26 -15.21 6.77
N GLU A 30 0.69 -15.35 5.57
CA GLU A 30 0.53 -14.22 4.67
C GLU A 30 -0.44 -13.20 5.26
N LEU A 31 -0.11 -11.92 5.10
CA LEU A 31 -0.95 -10.85 5.61
C LEU A 31 -2.33 -10.89 4.96
N MET A 32 -3.31 -10.29 5.62
CA MET A 32 -4.67 -10.29 5.11
C MET A 32 -5.34 -8.94 5.37
N PHE A 33 -6.54 -8.76 4.82
CA PHE A 33 -7.29 -7.53 5.00
C PHE A 33 -8.79 -7.81 4.98
N LEU A 34 -9.47 -7.39 6.03
CA LEU A 34 -10.92 -7.59 6.13
C LEU A 34 -11.65 -6.51 5.33
N MET A 35 -11.59 -6.62 4.01
CA MET A 35 -12.21 -5.65 3.12
C MET A 35 -13.70 -5.49 3.40
N LYS A 36 -14.15 -4.24 3.52
CA LYS A 36 -15.57 -3.94 3.74
C LYS A 36 -16.26 -3.80 2.39
N TRP A 37 -17.38 -4.48 2.21
CA TRP A 37 -18.10 -4.42 0.95
C TRP A 37 -19.31 -3.49 1.02
N LYS A 38 -19.41 -2.60 0.04
CA LYS A 38 -20.51 -1.65 -0.03
C LYS A 38 -21.79 -2.32 -0.51
N ASN A 39 -21.70 -2.94 -1.68
CA ASN A 39 -22.84 -3.64 -2.27
C ASN A 39 -23.04 -5.00 -1.61
N SER A 40 -22.98 -5.00 -0.28
CA SER A 40 -23.15 -6.22 0.49
C SER A 40 -23.30 -5.89 1.98
N ASP A 41 -22.58 -4.86 2.42
CA ASP A 41 -22.62 -4.43 3.82
C ASP A 41 -21.87 -5.41 4.72
N GLU A 42 -21.87 -6.68 4.33
CA GLU A 42 -21.18 -7.71 5.10
C GLU A 42 -19.68 -7.46 5.15
N ALA A 43 -18.91 -8.54 5.19
CA ALA A 43 -17.46 -8.44 5.24
C ALA A 43 -16.81 -9.79 4.98
N ASP A 44 -15.64 -9.77 4.35
CA ASP A 44 -14.92 -10.99 4.03
C ASP A 44 -13.43 -10.74 3.86
N LEU A 45 -12.62 -11.57 4.50
CA LEU A 45 -11.17 -11.45 4.42
C LEU A 45 -10.68 -11.67 3.00
N VAL A 46 -9.76 -10.83 2.56
CA VAL A 46 -9.19 -10.94 1.22
C VAL A 46 -7.66 -10.99 1.28
N PRO A 47 -7.04 -11.90 0.51
CA PRO A 47 -5.58 -12.06 0.50
C PRO A 47 -4.87 -10.74 0.22
N ALA A 48 -3.82 -10.47 0.98
CA ALA A 48 -3.04 -9.26 0.82
C ALA A 48 -2.53 -9.12 -0.61
N LYS A 49 -2.11 -10.24 -1.18
CA LYS A 49 -1.60 -10.26 -2.54
C LYS A 49 -2.70 -9.92 -3.56
N GLU A 50 -3.94 -10.20 -3.17
CA GLU A 50 -5.08 -9.93 -4.03
C GLU A 50 -5.58 -8.50 -3.85
N ALA A 51 -5.56 -8.02 -2.62
CA ALA A 51 -6.03 -6.67 -2.30
C ALA A 51 -5.08 -5.58 -2.80
N ASN A 52 -3.78 -5.78 -2.63
CA ASN A 52 -2.80 -4.79 -3.05
C ASN A 52 -2.82 -4.58 -4.57
N VAL A 53 -3.18 -5.62 -5.32
CA VAL A 53 -3.21 -5.53 -6.77
C VAL A 53 -4.56 -5.02 -7.28
N LYS A 54 -5.63 -5.56 -6.73
CA LYS A 54 -6.99 -5.17 -7.12
C LYS A 54 -7.34 -3.77 -6.65
N CYS A 55 -6.84 -3.39 -5.47
CA CYS A 55 -7.11 -2.07 -4.92
C CYS A 55 -5.97 -1.60 -4.03
N PRO A 56 -4.79 -1.35 -4.63
CA PRO A 56 -3.60 -0.89 -3.91
C PRO A 56 -3.86 0.38 -3.11
N GLN A 57 -4.57 1.33 -3.72
CA GLN A 57 -4.88 2.60 -3.06
C GLN A 57 -5.61 2.37 -1.75
N VAL A 58 -6.60 1.48 -1.75
CA VAL A 58 -7.38 1.18 -0.56
C VAL A 58 -6.49 0.60 0.53
N VAL A 59 -5.74 -0.44 0.19
CA VAL A 59 -4.85 -1.09 1.13
C VAL A 59 -3.89 -0.08 1.74
N ILE A 60 -3.29 0.75 0.88
CA ILE A 60 -2.35 1.77 1.32
C ILE A 60 -3.02 2.75 2.28
N SER A 61 -4.26 3.12 1.98
CA SER A 61 -5.00 4.04 2.82
C SER A 61 -5.24 3.45 4.20
N PHE A 62 -5.49 2.14 4.25
CA PHE A 62 -5.76 1.45 5.50
C PHE A 62 -4.62 1.63 6.51
N TYR A 63 -3.39 1.46 6.06
CA TYR A 63 -2.23 1.59 6.95
C TYR A 63 -2.25 2.95 7.65
N GLU A 64 -2.47 4.01 6.88
CA GLU A 64 -2.51 5.36 7.41
C GLU A 64 -3.47 5.46 8.61
N GLU A 65 -4.58 4.72 8.52
CA GLU A 65 -5.57 4.72 9.59
C GLU A 65 -4.96 4.31 10.92
N ARG A 66 -4.00 3.38 10.88
CA ARG A 66 -3.37 2.89 12.10
C ARG A 66 -1.89 2.57 11.88
N LEU A 67 -1.13 3.54 11.37
CA LEU A 67 0.29 3.34 11.13
C LEU A 67 1.06 3.17 12.44
N THR A 68 2.32 3.58 12.45
CA THR A 68 3.16 3.47 13.64
C THR A 68 4.56 4.01 13.39
N TRP A 69 5.29 3.35 12.49
CA TRP A 69 6.64 3.75 12.14
C TRP A 69 7.52 3.96 13.37
N HIS A 70 8.42 3.02 13.61
CA HIS A 70 9.33 3.09 14.75
C HIS A 70 10.20 4.34 14.66
N HIS B 1 4.19 17.32 -1.60
CA HIS B 1 4.46 18.75 -1.90
C HIS B 1 4.30 19.04 -3.40
N MET B 2 4.80 18.11 -4.22
CA MET B 2 4.72 18.27 -5.67
C MET B 2 5.45 19.52 -6.14
N LYS B 3 6.68 19.68 -5.68
CA LYS B 3 7.49 20.85 -6.05
C LYS B 3 7.66 20.93 -7.56
N GLU B 4 7.41 22.11 -8.11
CA GLU B 4 7.52 22.34 -9.55
C GLU B 4 8.97 22.21 -10.01
N GLU B 5 9.17 21.49 -11.10
CA GLU B 5 10.51 21.29 -11.65
C GLU B 5 11.06 22.60 -12.23
N SER B 6 11.68 22.52 -13.40
CA SER B 6 12.26 23.69 -14.06
C SER B 6 13.24 24.39 -13.13
N GLU B 7 14.08 23.60 -12.46
CA GLU B 7 15.07 24.14 -11.54
C GLU B 7 16.02 23.03 -11.06
N LYS B 8 15.44 21.90 -10.66
CA LYS B 8 16.24 20.77 -10.18
C LYS B 8 15.35 19.58 -9.87
N PRO B 9 15.66 18.41 -10.45
CA PRO B 9 14.90 17.17 -10.24
C PRO B 9 15.04 16.64 -8.81
N ARG B 10 14.00 16.00 -8.31
CA ARG B 10 14.00 15.43 -6.97
C ARG B 10 13.13 14.19 -6.90
N GLY B 11 13.66 13.13 -6.30
CA GLY B 11 12.92 11.89 -6.18
C GLY B 11 12.54 11.30 -7.53
N PHE B 12 11.26 10.96 -7.68
CA PHE B 12 10.75 10.40 -8.92
C PHE B 12 11.11 11.27 -10.12
N ALA B 13 11.18 12.58 -9.90
CA ALA B 13 11.51 13.52 -10.97
C ALA B 13 12.80 13.11 -11.68
N ARG B 14 13.80 12.72 -10.89
CA ARG B 14 15.08 12.30 -11.42
C ARG B 14 14.91 11.10 -12.35
N GLY B 15 13.86 10.31 -12.10
CA GLY B 15 13.59 9.13 -12.90
C GLY B 15 14.42 7.95 -12.46
N LEU B 16 14.74 7.91 -11.18
CA LEU B 16 15.51 6.82 -10.59
C LEU B 16 14.64 5.61 -10.33
N GLU B 17 15.15 4.42 -10.65
CA GLU B 17 14.41 3.19 -10.43
C GLU B 17 14.31 2.88 -8.94
N PRO B 18 13.07 2.78 -8.41
CA PRO B 18 12.85 2.50 -6.99
C PRO B 18 13.07 1.03 -6.63
N GLU B 19 13.95 0.80 -5.65
CA GLU B 19 14.25 -0.56 -5.20
C GLU B 19 13.31 -0.98 -4.08
N ARG B 20 13.29 -0.18 -3.02
CA ARG B 20 12.45 -0.46 -1.87
C ARG B 20 12.58 0.65 -0.81
N ILE B 21 11.45 1.04 -0.23
CA ILE B 21 11.45 2.09 0.78
C ILE B 21 12.30 1.68 1.99
N ILE B 22 13.04 2.63 2.55
CA ILE B 22 13.90 2.34 3.70
C ILE B 22 13.94 3.52 4.68
N GLY B 23 12.77 4.04 5.02
CA GLY B 23 12.72 5.16 5.96
C GLY B 23 11.31 5.59 6.30
N ALA B 24 10.70 6.37 5.41
CA ALA B 24 9.35 6.86 5.61
C ALA B 24 9.27 7.79 6.83
N THR B 25 8.47 8.84 6.70
CA THR B 25 8.31 9.81 7.76
C THR B 25 6.92 10.45 7.70
N ASP B 26 6.84 11.77 7.78
CA ASP B 26 5.54 12.46 7.73
C ASP B 26 5.72 13.97 7.66
N SER B 27 6.54 14.43 6.73
CA SER B 27 6.79 15.85 6.55
C SER B 27 5.47 16.57 6.22
N SER B 28 5.25 17.70 6.89
CA SER B 28 4.04 18.49 6.67
C SER B 28 2.80 17.67 7.00
N GLY B 29 2.90 16.84 8.03
CA GLY B 29 1.78 16.02 8.45
C GLY B 29 1.55 14.81 7.57
N GLU B 30 1.63 15.02 6.25
CA GLU B 30 1.43 13.93 5.30
C GLU B 30 2.54 12.90 5.41
N LEU B 31 2.16 11.63 5.33
CA LEU B 31 3.12 10.54 5.42
C LEU B 31 4.15 10.64 4.30
N MET B 32 5.29 10.01 4.50
CA MET B 32 6.37 10.04 3.51
C MET B 32 7.07 8.70 3.44
N PHE B 33 7.97 8.55 2.46
CA PHE B 33 8.72 7.32 2.28
C PHE B 33 10.11 7.62 1.71
N LEU B 34 11.13 7.15 2.40
CA LEU B 34 12.51 7.37 1.95
C LEU B 34 12.87 6.34 0.88
N MET B 35 12.30 6.52 -0.31
CA MET B 35 12.54 5.60 -1.42
C MET B 35 14.03 5.45 -1.74
N LYS B 36 14.47 4.19 -1.87
CA LYS B 36 15.86 3.91 -2.20
C LYS B 36 16.00 3.84 -3.73
N TRP B 37 16.97 4.55 -4.27
CA TRP B 37 17.16 4.56 -5.73
C TRP B 37 18.29 3.64 -6.16
N LYS B 38 18.01 2.80 -7.16
CA LYS B 38 19.00 1.86 -7.69
C LYS B 38 20.00 2.58 -8.58
N ASN B 39 19.49 3.27 -9.59
CA ASN B 39 20.32 4.01 -10.54
C ASN B 39 20.78 5.32 -9.92
N SER B 40 21.23 5.26 -8.67
CA SER B 40 21.69 6.44 -7.95
C SER B 40 22.38 6.03 -6.66
N ASP B 41 21.87 4.96 -6.04
CA ASP B 41 22.43 4.45 -4.79
C ASP B 41 22.09 5.38 -3.61
N GLU B 42 21.95 6.66 -3.90
CA GLU B 42 21.62 7.65 -2.88
C GLU B 42 20.25 7.38 -2.28
N ALA B 43 19.56 8.44 -1.88
CA ALA B 43 18.24 8.33 -1.29
C ALA B 43 17.55 9.68 -1.22
N ASP B 44 16.22 9.69 -1.35
CA ASP B 44 15.46 10.92 -1.31
C ASP B 44 14.01 10.66 -0.93
N LEU B 45 13.51 11.44 0.03
CA LEU B 45 12.14 11.31 0.49
C LEU B 45 11.14 11.61 -0.63
N VAL B 46 10.12 10.78 -0.73
CA VAL B 46 9.09 10.96 -1.75
C VAL B 46 7.70 10.99 -1.12
N PRO B 47 6.84 11.93 -1.54
CA PRO B 47 5.48 12.07 -0.99
C PRO B 47 4.71 10.76 -1.05
N ALA B 48 4.01 10.45 0.04
CA ALA B 48 3.23 9.23 0.11
C ALA B 48 2.21 9.16 -1.02
N LYS B 49 1.61 10.31 -1.34
CA LYS B 49 0.63 10.40 -2.41
C LYS B 49 1.27 10.13 -3.77
N GLU B 50 2.55 10.40 -3.86
CA GLU B 50 3.28 10.20 -5.10
C GLU B 50 3.81 8.76 -5.21
N ALA B 51 4.24 8.20 -4.08
CA ALA B 51 4.78 6.85 -4.04
C ALA B 51 3.70 5.78 -4.21
N ASN B 52 2.57 5.96 -3.54
CA ASN B 52 1.49 4.98 -3.61
C ASN B 52 0.93 4.86 -5.03
N VAL B 53 0.99 5.93 -5.80
CA VAL B 53 0.48 5.93 -7.16
C VAL B 53 1.53 5.46 -8.17
N LYS B 54 2.74 5.99 -8.04
CA LYS B 54 3.83 5.64 -8.95
C LYS B 54 4.33 4.21 -8.71
N CYS B 55 4.29 3.75 -7.46
CA CYS B 55 4.75 2.41 -7.12
C CYS B 55 4.02 1.87 -5.89
N PRO B 56 2.70 1.65 -6.02
CA PRO B 56 1.87 1.14 -4.93
C PRO B 56 2.40 -0.17 -4.35
N GLN B 57 2.81 -1.07 -5.24
CA GLN B 57 3.33 -2.37 -4.82
C GLN B 57 4.51 -2.22 -3.86
N VAL B 58 5.42 -1.32 -4.20
CA VAL B 58 6.60 -1.07 -3.37
C VAL B 58 6.21 -0.55 -2.00
N VAL B 59 5.39 0.49 -1.98
CA VAL B 59 4.93 1.07 -0.72
C VAL B 59 4.25 0.02 0.15
N ILE B 60 3.37 -0.76 -0.47
CA ILE B 60 2.65 -1.82 0.23
C ILE B 60 3.62 -2.84 0.81
N SER B 61 4.65 -3.17 0.05
CA SER B 61 5.65 -4.13 0.49
C SER B 61 6.41 -3.62 1.71
N PHE B 62 6.68 -2.31 1.73
CA PHE B 62 7.40 -1.69 2.83
C PHE B 62 6.73 -1.93 4.18
N TYR B 63 5.41 -1.75 4.24
CA TYR B 63 4.68 -1.95 5.49
C TYR B 63 4.94 -3.34 6.06
N GLU B 64 4.85 -4.34 5.20
CA GLU B 64 5.08 -5.73 5.61
C GLU B 64 6.40 -5.88 6.34
N GLU B 65 7.40 -5.14 5.90
CA GLU B 65 8.73 -5.18 6.50
C GLU B 65 8.68 -4.85 7.99
N ARG B 66 7.79 -3.92 8.36
CA ARG B 66 7.66 -3.52 9.76
C ARG B 66 6.21 -3.19 10.12
N LEU B 67 5.30 -4.14 9.89
CA LEU B 67 3.90 -3.95 10.22
C LEU B 67 3.70 -3.86 11.72
N THR B 68 2.52 -4.27 12.19
CA THR B 68 2.20 -4.24 13.60
C THR B 68 0.80 -4.77 13.88
N TRP B 69 -0.21 -4.07 13.36
CA TRP B 69 -1.60 -4.47 13.51
C TRP B 69 -1.95 -4.76 14.98
N HIS B 70 -2.69 -3.84 15.59
CA HIS B 70 -3.09 -3.99 16.98
C HIS B 70 -3.94 -5.24 17.17
N HIS A 1 -12.26 23.69 15.13
CA HIS A 1 -10.77 23.52 15.11
C HIS A 1 -10.24 23.55 13.68
N MET A 2 -10.73 24.49 12.89
CA MET A 2 -10.31 24.62 11.49
C MET A 2 -8.81 24.90 11.41
N LYS A 3 -8.12 24.16 10.54
CA LYS A 3 -6.68 24.32 10.36
C LYS A 3 -6.35 25.66 9.73
N GLU A 4 -7.05 26.00 8.65
CA GLU A 4 -6.83 27.25 7.94
C GLU A 4 -5.37 27.38 7.51
N GLU A 5 -4.85 26.31 6.91
CA GLU A 5 -3.47 26.30 6.44
C GLU A 5 -3.21 27.47 5.51
N SER A 6 -4.25 27.91 4.82
CA SER A 6 -4.14 29.03 3.89
C SER A 6 -5.48 29.76 3.75
N GLU A 7 -6.57 29.01 3.89
CA GLU A 7 -7.91 29.57 3.79
C GLU A 7 -8.96 28.58 4.29
N LYS A 8 -8.72 27.30 4.07
CA LYS A 8 -9.64 26.26 4.49
C LYS A 8 -9.07 24.87 4.20
N PRO A 9 -9.19 23.94 5.16
CA PRO A 9 -8.69 22.57 5.01
C PRO A 9 -9.22 21.89 3.75
N ARG A 10 -8.49 20.89 3.27
CA ARG A 10 -8.87 20.17 2.07
C ARG A 10 -8.31 18.74 2.08
N GLY A 11 -9.11 17.79 1.64
CA GLY A 11 -8.67 16.41 1.60
C GLY A 11 -8.52 15.81 2.99
N PHE A 12 -7.38 15.15 3.23
CA PHE A 12 -7.10 14.54 4.52
C PHE A 12 -7.30 15.54 5.65
N ALA A 13 -6.95 16.80 5.39
CA ALA A 13 -7.09 17.85 6.40
C ALA A 13 -8.54 17.94 6.88
N ARG A 14 -9.48 17.86 5.94
CA ARG A 14 -10.89 17.92 6.27
C ARG A 14 -11.28 16.78 7.21
N GLY A 15 -10.53 15.69 7.14
CA GLY A 15 -10.80 14.54 7.98
C GLY A 15 -11.86 13.63 7.38
N LEU A 16 -11.97 13.68 6.06
CA LEU A 16 -12.93 12.86 5.34
C LEU A 16 -12.41 11.43 5.18
N GLU A 17 -13.28 10.46 5.38
CA GLU A 17 -12.89 9.06 5.25
C GLU A 17 -12.92 8.63 3.78
N PRO A 18 -11.76 8.30 3.19
CA PRO A 18 -11.68 7.89 1.80
C PRO A 18 -12.30 6.52 1.55
N GLU A 19 -13.31 6.48 0.69
CA GLU A 19 -13.99 5.23 0.37
C GLU A 19 -13.13 4.38 -0.56
N ARG A 20 -12.59 5.00 -1.59
CA ARG A 20 -11.73 4.31 -2.55
C ARG A 20 -11.12 5.31 -3.53
N ILE A 21 -9.81 5.19 -3.75
CA ILE A 21 -9.12 6.09 -4.66
C ILE A 21 -9.64 5.95 -6.09
N ILE A 22 -9.78 7.08 -6.77
CA ILE A 22 -10.26 7.08 -8.15
C ILE A 22 -9.51 8.11 -8.99
N GLY A 23 -8.19 8.10 -8.86
CA GLY A 23 -7.36 9.03 -9.61
C GLY A 23 -5.89 8.84 -9.35
N ALA A 24 -5.07 9.04 -10.39
CA ALA A 24 -3.63 8.89 -10.27
C ALA A 24 -2.90 9.89 -11.17
N THR A 25 -3.35 11.14 -11.11
CA THR A 25 -2.75 12.20 -11.91
C THR A 25 -1.34 12.53 -11.41
N ASP A 26 -0.96 13.81 -11.46
CA ASP A 26 0.36 14.24 -11.02
C ASP A 26 0.50 15.75 -11.16
N SER A 27 0.95 16.40 -10.09
CA SER A 27 1.12 17.85 -10.09
C SER A 27 2.20 18.29 -11.06
N SER A 28 3.36 17.64 -10.99
CA SER A 28 4.48 17.97 -11.87
C SER A 28 5.48 16.81 -11.92
N GLY A 29 5.59 16.10 -10.80
CA GLY A 29 6.50 14.98 -10.72
C GLY A 29 6.03 13.94 -9.74
N GLU A 30 5.35 14.39 -8.69
CA GLU A 30 4.81 13.48 -7.68
C GLU A 30 3.44 12.98 -8.09
N LEU A 31 3.26 11.67 -8.05
CA LEU A 31 1.98 11.06 -8.42
C LEU A 31 0.89 11.52 -7.46
N MET A 32 -0.26 11.90 -8.00
CA MET A 32 -1.38 12.37 -7.20
C MET A 32 -2.51 11.35 -7.13
N PHE A 33 -3.21 11.35 -6.00
CA PHE A 33 -4.33 10.43 -5.79
C PHE A 33 -5.63 11.19 -5.59
N LEU A 34 -6.59 10.94 -6.47
CA LEU A 34 -7.88 11.61 -6.38
C LEU A 34 -8.79 10.87 -5.40
N MET A 35 -8.37 10.84 -4.14
CA MET A 35 -9.10 10.16 -3.08
C MET A 35 -10.59 10.52 -3.09
N LYS A 36 -11.44 9.50 -3.03
CA LYS A 36 -12.89 9.70 -3.00
C LYS A 36 -13.37 9.77 -1.55
N TRP A 37 -14.19 10.77 -1.24
CA TRP A 37 -14.69 10.94 0.12
C TRP A 37 -16.09 10.38 0.27
N LYS A 38 -16.32 9.67 1.38
CA LYS A 38 -17.63 9.07 1.65
C LYS A 38 -18.67 10.14 1.95
N ASN A 39 -18.39 10.97 2.95
CA ASN A 39 -19.29 12.03 3.34
C ASN A 39 -19.38 13.08 2.25
N SER A 40 -18.23 13.56 1.84
CA SER A 40 -18.14 14.57 0.78
C SER A 40 -18.29 13.93 -0.59
N ASP A 41 -19.29 14.38 -1.34
CA ASP A 41 -19.52 13.84 -2.68
C ASP A 41 -18.35 14.18 -3.60
N GLU A 42 -17.96 15.45 -3.60
CA GLU A 42 -16.84 15.89 -4.43
C GLU A 42 -15.51 15.42 -3.83
N ALA A 43 -14.73 14.70 -4.64
CA ALA A 43 -13.45 14.20 -4.18
C ALA A 43 -12.39 15.31 -4.19
N ASP A 44 -11.16 14.96 -3.83
CA ASP A 44 -10.07 15.94 -3.80
C ASP A 44 -8.71 15.24 -3.83
N LEU A 45 -7.80 15.79 -4.61
CA LEU A 45 -6.45 15.25 -4.73
C LEU A 45 -5.74 15.21 -3.39
N VAL A 46 -4.90 14.19 -3.23
CA VAL A 46 -4.11 14.01 -2.02
C VAL A 46 -2.76 13.43 -2.39
N PRO A 47 -1.66 14.05 -1.91
CA PRO A 47 -0.32 13.58 -2.21
C PRO A 47 -0.17 12.09 -2.01
N ALA A 48 0.18 11.38 -3.09
CA ALA A 48 0.33 9.93 -3.02
C ALA A 48 1.15 9.53 -1.80
N LYS A 49 2.20 10.28 -1.52
CA LYS A 49 3.07 10.00 -0.37
C LYS A 49 2.30 10.12 0.95
N GLU A 50 1.54 11.20 1.09
CA GLU A 50 0.76 11.44 2.31
C GLU A 50 -0.23 10.31 2.56
N ALA A 51 -0.89 9.85 1.50
CA ALA A 51 -1.86 8.78 1.60
C ALA A 51 -1.24 7.47 2.07
N ASN A 52 -0.02 7.20 1.64
CA ASN A 52 0.67 5.96 2.01
C ASN A 52 0.83 5.83 3.52
N VAL A 53 1.27 6.91 4.18
CA VAL A 53 1.48 6.89 5.62
C VAL A 53 0.20 7.06 6.42
N LYS A 54 -0.59 8.07 6.07
CA LYS A 54 -1.83 8.35 6.77
C LYS A 54 -2.88 7.26 6.56
N CYS A 55 -3.04 6.82 5.31
CA CYS A 55 -4.02 5.78 5.00
C CYS A 55 -3.37 4.61 4.28
N PRO A 56 -2.55 3.82 5.00
CA PRO A 56 -1.84 2.66 4.44
C PRO A 56 -2.78 1.47 4.20
N GLN A 57 -3.88 1.73 3.52
CA GLN A 57 -4.87 0.69 3.21
C GLN A 57 -5.60 1.04 1.92
N VAL A 58 -6.04 2.28 1.83
CA VAL A 58 -6.75 2.76 0.65
C VAL A 58 -5.83 2.73 -0.56
N VAL A 59 -4.63 3.25 -0.37
CA VAL A 59 -3.63 3.28 -1.44
C VAL A 59 -3.37 1.86 -1.92
N ILE A 60 -3.23 0.95 -0.97
CA ILE A 60 -2.99 -0.45 -1.28
C ILE A 60 -4.09 -1.00 -2.19
N SER A 61 -5.32 -0.65 -1.86
CA SER A 61 -6.47 -1.08 -2.65
C SER A 61 -6.37 -0.55 -4.07
N PHE A 62 -5.85 0.67 -4.21
CA PHE A 62 -5.72 1.30 -5.51
C PHE A 62 -4.81 0.48 -6.44
N TYR A 63 -3.61 0.14 -5.96
CA TYR A 63 -2.68 -0.65 -6.75
C TYR A 63 -3.23 -2.06 -6.96
N GLU A 64 -3.74 -2.63 -5.88
CA GLU A 64 -4.29 -3.99 -5.89
C GLU A 64 -5.28 -4.18 -7.03
N GLU A 65 -6.21 -3.24 -7.17
CA GLU A 65 -7.22 -3.31 -8.23
C GLU A 65 -6.57 -3.24 -9.60
N ARG A 66 -5.93 -2.12 -9.90
CA ARG A 66 -5.26 -1.92 -11.18
C ARG A 66 -3.81 -2.40 -11.14
N LEU A 67 -3.59 -3.60 -10.60
CA LEU A 67 -2.23 -4.15 -10.54
C LEU A 67 -1.63 -4.27 -11.92
N THR A 68 -0.31 -4.12 -11.98
CA THR A 68 0.41 -4.19 -13.25
C THR A 68 1.92 -4.21 -13.02
N TRP A 69 2.61 -5.09 -13.71
CA TRP A 69 4.06 -5.21 -13.58
C TRP A 69 4.70 -5.59 -14.91
N HIS A 70 5.79 -4.91 -15.26
CA HIS A 70 6.50 -5.17 -16.50
C HIS A 70 7.78 -4.34 -16.57
N HIS B 1 8.06 -21.03 20.81
CA HIS B 1 6.63 -20.89 20.43
C HIS B 1 6.43 -21.13 18.94
N MET B 2 7.08 -22.17 18.41
CA MET B 2 6.98 -22.50 17.00
C MET B 2 5.54 -22.82 16.62
N LYS B 3 5.08 -22.23 15.51
CA LYS B 3 3.71 -22.43 15.04
C LYS B 3 3.51 -23.87 14.54
N GLU B 4 4.44 -24.34 13.72
CA GLU B 4 4.37 -25.69 13.17
C GLU B 4 3.05 -25.91 12.43
N GLU B 5 2.69 -24.94 11.59
CA GLU B 5 1.46 -25.01 10.82
C GLU B 5 1.39 -26.33 10.02
N SER B 6 2.57 -26.84 9.67
CA SER B 6 2.65 -28.08 8.91
C SER B 6 3.96 -28.79 9.19
N GLU B 7 5.01 -28.01 9.47
CA GLU B 7 6.33 -28.57 9.75
C GLU B 7 7.25 -27.51 10.33
N LYS B 8 7.09 -26.27 9.87
CA LYS B 8 7.91 -25.16 10.35
C LYS B 8 7.44 -23.84 9.74
N PRO B 9 7.36 -22.77 10.56
CA PRO B 9 6.93 -21.45 10.09
C PRO B 9 7.73 -20.95 8.90
N ARG B 10 7.15 -20.05 8.13
CA ARG B 10 7.82 -19.49 6.95
C ARG B 10 7.29 -18.10 6.62
N GLY B 11 8.19 -17.20 6.25
CA GLY B 11 7.79 -15.85 5.91
C GLY B 11 7.34 -15.06 7.13
N PHE B 12 6.19 -14.39 7.00
CA PHE B 12 5.64 -13.60 8.09
C PHE B 12 5.55 -14.42 9.38
N ALA B 13 5.25 -15.71 9.23
CA ALA B 13 5.13 -16.61 10.38
C ALA B 13 6.43 -16.61 11.19
N ARG B 14 7.56 -16.64 10.48
CA ARG B 14 8.86 -16.63 11.13
C ARG B 14 9.05 -15.36 11.96
N GLY B 15 8.35 -14.31 11.57
CA GLY B 15 8.44 -13.04 12.27
C GLY B 15 9.62 -12.21 11.80
N LEU B 16 10.03 -12.44 10.55
CA LEU B 16 11.15 -11.72 9.96
C LEU B 16 10.69 -10.34 9.49
N GLU B 17 11.53 -9.33 9.74
CA GLU B 17 11.20 -7.97 9.31
C GLU B 17 11.57 -7.76 7.86
N PRO B 18 10.57 -7.55 6.98
CA PRO B 18 10.82 -7.34 5.55
C PRO B 18 11.51 -6.01 5.26
N GLU B 19 12.70 -6.09 4.65
CA GLU B 19 13.45 -4.89 4.32
C GLU B 19 12.83 -4.19 3.11
N ARG B 20 12.52 -4.96 2.08
CA ARG B 20 11.93 -4.44 0.86
C ARG B 20 11.54 -5.58 -0.08
N ILE B 21 10.33 -5.52 -0.60
CA ILE B 21 9.83 -6.55 -1.51
C ILE B 21 10.68 -6.60 -2.79
N ILE B 22 10.95 -7.82 -3.26
CA ILE B 22 11.74 -8.02 -4.46
C ILE B 22 11.18 -9.16 -5.30
N GLY B 23 9.86 -9.17 -5.47
CA GLY B 23 9.22 -10.21 -6.24
C GLY B 23 7.72 -10.00 -6.37
N ALA B 24 7.17 -10.37 -7.52
CA ALA B 24 5.74 -10.22 -7.78
C ALA B 24 5.22 -11.35 -8.65
N THR B 25 5.61 -12.57 -8.31
CA THR B 25 5.21 -13.76 -9.07
C THR B 25 3.70 -14.03 -8.87
N ASP B 26 3.33 -15.30 -8.80
CA ASP B 26 1.93 -15.69 -8.62
C ASP B 26 1.80 -17.21 -8.56
N SER B 27 1.11 -17.70 -7.55
CA SER B 27 0.92 -19.14 -7.37
C SER B 27 0.08 -19.74 -8.49
N SER B 28 -1.05 -19.10 -8.79
CA SER B 28 -1.95 -19.57 -9.84
C SER B 28 -2.89 -18.46 -10.28
N GLY B 29 -3.25 -17.59 -9.34
CA GLY B 29 -4.13 -16.49 -9.63
C GLY B 29 -3.87 -15.31 -8.73
N GLU B 30 -3.46 -15.58 -7.50
CA GLU B 30 -3.16 -14.54 -6.53
C GLU B 30 -1.71 -14.07 -6.68
N LEU B 31 -1.52 -12.76 -6.80
CA LEU B 31 -0.19 -12.20 -6.94
C LEU B 31 0.65 -12.50 -5.70
N MET B 32 1.89 -12.93 -5.92
CA MET B 32 2.78 -13.26 -4.81
C MET B 32 3.87 -12.21 -4.63
N PHE B 33 4.31 -12.04 -3.39
CA PHE B 33 5.35 -11.07 -3.06
C PHE B 33 6.57 -11.78 -2.46
N LEU B 34 7.71 -11.65 -3.13
CA LEU B 34 8.94 -12.28 -2.65
C LEU B 34 9.60 -11.39 -1.61
N MET B 35 8.92 -11.19 -0.49
CA MET B 35 9.40 -10.34 0.60
C MET B 35 10.83 -10.67 0.98
N LYS B 36 11.67 -9.64 1.08
CA LYS B 36 13.06 -9.81 1.48
C LYS B 36 13.20 -9.66 2.99
N TRP B 37 13.91 -10.59 3.62
CA TRP B 37 14.08 -10.56 5.07
C TRP B 37 15.43 -9.96 5.46
N LYS B 38 15.40 -9.09 6.47
CA LYS B 38 16.63 -8.44 6.94
C LYS B 38 17.55 -9.43 7.62
N ASN B 39 17.04 -10.10 8.65
CA ASN B 39 17.81 -11.09 9.38
C ASN B 39 18.13 -12.28 8.51
N SER B 40 17.08 -12.84 7.91
CA SER B 40 17.23 -13.99 7.03
C SER B 40 17.70 -13.56 5.65
N ASP B 41 18.83 -14.10 5.21
CA ASP B 41 19.38 -13.75 3.90
C ASP B 41 18.44 -14.24 2.80
N GLU B 42 18.04 -15.50 2.89
CA GLU B 42 17.13 -16.08 1.91
C GLU B 42 15.71 -15.55 2.10
N ALA B 43 15.15 -14.97 1.05
CA ALA B 43 13.80 -14.43 1.12
C ALA B 43 12.77 -15.54 1.03
N ASP B 44 11.48 -15.17 1.04
CA ASP B 44 10.40 -16.14 0.96
C ASP B 44 9.10 -15.49 0.52
N LEU B 45 8.37 -16.17 -0.36
CA LEU B 45 7.10 -15.66 -0.86
C LEU B 45 6.10 -15.43 0.27
N VAL B 46 5.27 -14.42 0.08
CA VAL B 46 4.23 -14.08 1.03
C VAL B 46 3.00 -13.59 0.29
N PRO B 47 1.82 -14.15 0.59
CA PRO B 47 0.58 -13.75 -0.08
C PRO B 47 0.42 -12.24 -0.14
N ALA B 48 0.34 -11.70 -1.35
CA ALA B 48 0.20 -10.27 -1.55
C ALA B 48 -0.87 -9.71 -0.61
N LYS B 49 -1.97 -10.43 -0.48
CA LYS B 49 -3.07 -10.00 0.39
C LYS B 49 -2.63 -9.91 1.85
N GLU B 50 -1.94 -10.94 2.32
CA GLU B 50 -1.46 -10.99 3.70
C GLU B 50 -0.54 -9.82 4.01
N ALA B 51 0.35 -9.52 3.07
CA ALA B 51 1.31 -8.43 3.24
C ALA B 51 0.61 -7.08 3.37
N ASN B 52 -0.47 -6.88 2.62
CA ASN B 52 -1.21 -5.62 2.65
C ASN B 52 -1.70 -5.27 4.05
N VAL B 53 -2.31 -6.24 4.73
CA VAL B 53 -2.85 -6.03 6.06
C VAL B 53 -1.79 -6.05 7.15
N LYS B 54 -0.95 -7.08 7.14
CA LYS B 54 0.10 -7.24 8.15
C LYS B 54 1.19 -6.18 8.03
N CYS B 55 1.63 -5.92 6.80
CA CYS B 55 2.68 -4.93 6.57
C CYS B 55 2.23 -3.88 5.56
N PRO B 56 1.27 -3.01 5.95
CA PRO B 56 0.73 -1.96 5.09
C PRO B 56 1.72 -0.80 4.89
N GLN B 57 2.95 -1.13 4.52
CA GLN B 57 3.99 -0.13 4.30
C GLN B 57 4.99 -0.65 3.28
N VAL B 58 5.43 -1.89 3.47
CA VAL B 58 6.38 -2.52 2.57
C VAL B 58 5.76 -2.68 1.20
N VAL B 59 4.53 -3.19 1.18
CA VAL B 59 3.82 -3.39 -0.07
C VAL B 59 3.70 -2.06 -0.81
N ILE B 60 3.35 -1.02 -0.06
CA ILE B 60 3.21 0.32 -0.62
C ILE B 60 4.50 0.74 -1.31
N SER B 61 5.63 0.46 -0.67
CA SER B 61 6.93 0.80 -1.22
C SER B 61 7.15 0.06 -2.54
N PHE B 62 6.65 -1.17 -2.62
CA PHE B 62 6.81 -1.99 -3.81
C PHE B 62 6.15 -1.33 -5.02
N TYR B 63 4.88 -0.94 -4.89
CA TYR B 63 4.16 -0.29 -5.99
C TYR B 63 4.78 1.08 -6.26
N GLU B 64 5.03 1.82 -5.19
CA GLU B 64 5.59 3.16 -5.26
C GLU B 64 6.83 3.20 -6.16
N GLU B 65 7.75 2.27 -5.96
CA GLU B 65 8.97 2.21 -6.74
C GLU B 65 8.65 1.93 -8.21
N ARG B 66 8.08 0.76 -8.47
CA ARG B 66 7.71 0.37 -9.84
C ARG B 66 6.31 0.82 -10.20
N LEU B 67 5.98 2.08 -9.91
CA LEU B 67 4.67 2.61 -10.24
C LEU B 67 4.38 2.53 -11.73
N THR B 68 3.11 2.33 -12.06
CA THR B 68 2.71 2.21 -13.45
C THR B 68 1.19 2.24 -13.58
N TRP B 69 0.69 3.01 -14.54
CA TRP B 69 -0.75 3.11 -14.76
C TRP B 69 -1.07 3.28 -16.24
N HIS B 70 -2.05 2.54 -16.72
CA HIS B 70 -2.46 2.60 -18.12
C HIS B 70 -3.71 1.76 -18.36
N HIS A 1 -8.97 30.00 -10.10
CA HIS A 1 -7.87 29.40 -10.89
C HIS A 1 -7.96 27.88 -10.90
N MET A 2 -9.16 27.36 -11.11
CA MET A 2 -9.40 25.92 -11.14
C MET A 2 -9.11 25.28 -9.78
N LYS A 3 -10.03 24.43 -9.34
CA LYS A 3 -9.88 23.75 -8.05
C LYS A 3 -8.66 22.83 -8.06
N GLU A 4 -7.90 22.86 -6.96
CA GLU A 4 -6.70 22.03 -6.82
C GLU A 4 -5.63 22.43 -7.83
N GLU A 5 -4.40 22.56 -7.34
CA GLU A 5 -3.26 22.94 -8.19
C GLU A 5 -3.64 24.02 -9.20
N SER A 6 -3.07 23.93 -10.40
CA SER A 6 -3.34 24.89 -11.47
C SER A 6 -2.67 26.23 -11.20
N GLU A 7 -2.96 26.82 -10.05
CA GLU A 7 -2.37 28.10 -9.67
C GLU A 7 -0.88 27.96 -9.39
N LYS A 8 -0.52 26.90 -8.66
CA LYS A 8 0.87 26.64 -8.31
C LYS A 8 1.12 25.15 -8.14
N PRO A 9 2.23 24.64 -8.69
CA PRO A 9 2.58 23.21 -8.58
C PRO A 9 2.86 22.78 -7.15
N ARG A 10 2.50 21.54 -6.82
CA ARG A 10 2.70 21.02 -5.49
C ARG A 10 2.63 19.49 -5.48
N GLY A 11 3.40 18.88 -4.59
CA GLY A 11 3.41 17.42 -4.50
C GLY A 11 3.96 16.77 -5.75
N PHE A 12 3.28 15.73 -6.21
CA PHE A 12 3.71 15.01 -7.41
C PHE A 12 3.77 15.96 -8.62
N ALA A 13 2.85 16.90 -8.66
CA ALA A 13 2.79 17.87 -9.75
C ALA A 13 4.12 18.58 -9.94
N ARG A 14 4.83 18.81 -8.84
CA ARG A 14 6.12 19.50 -8.89
C ARG A 14 7.06 18.82 -9.87
N GLY A 15 7.34 17.54 -9.66
CA GLY A 15 8.22 16.81 -10.55
C GLY A 15 8.97 15.69 -9.86
N LEU A 16 9.35 15.91 -8.60
CA LEU A 16 10.10 14.90 -7.86
C LEU A 16 9.39 13.56 -7.84
N GLU A 17 10.15 12.49 -8.05
CA GLU A 17 9.62 11.14 -8.02
C GLU A 17 9.59 10.63 -6.58
N PRO A 18 8.47 10.02 -6.16
CA PRO A 18 8.33 9.51 -4.80
C PRO A 18 9.47 8.56 -4.41
N GLU A 19 10.45 9.09 -3.70
CA GLU A 19 11.60 8.29 -3.27
C GLU A 19 11.22 7.40 -2.09
N ARG A 20 10.66 8.00 -1.05
CA ARG A 20 10.25 7.26 0.13
C ARG A 20 9.42 8.15 1.06
N ILE A 21 8.27 7.63 1.49
CA ILE A 21 7.39 8.38 2.38
C ILE A 21 7.96 8.44 3.80
N ILE A 22 7.79 9.59 4.45
CA ILE A 22 8.28 9.78 5.81
C ILE A 22 7.39 10.73 6.59
N GLY A 23 6.07 10.52 6.48
CA GLY A 23 5.13 11.37 7.19
C GLY A 23 3.69 11.00 6.93
N ALA A 24 2.83 11.23 7.92
CA ALA A 24 1.42 10.92 7.82
C ALA A 24 0.59 11.95 8.60
N THR A 25 -0.49 12.44 7.99
CA THR A 25 -1.33 13.43 8.65
C THR A 25 -2.65 13.64 7.90
N ASP A 26 -3.58 12.72 8.07
CA ASP A 26 -4.88 12.81 7.42
C ASP A 26 -5.55 14.15 7.73
N SER A 27 -6.08 14.79 6.70
CA SER A 27 -6.74 16.08 6.87
C SER A 27 -8.02 15.95 7.69
N SER A 28 -8.79 14.92 7.40
CA SER A 28 -10.05 14.66 8.11
C SER A 28 -10.48 13.21 7.94
N GLY A 29 -10.19 12.68 6.76
CA GLY A 29 -10.53 11.30 6.46
C GLY A 29 -9.48 10.66 5.57
N GLU A 30 -8.98 11.44 4.62
CA GLU A 30 -7.96 10.98 3.70
C GLU A 30 -6.57 11.19 4.30
N LEU A 31 -5.78 10.13 4.36
CA LEU A 31 -4.43 10.21 4.92
C LEU A 31 -3.55 11.12 4.06
N MET A 32 -2.46 11.59 4.65
CA MET A 32 -1.53 12.47 3.94
C MET A 32 -0.09 12.02 4.16
N PHE A 33 0.58 11.66 3.08
CA PHE A 33 1.97 11.21 3.16
C PHE A 33 2.95 12.35 2.87
N LEU A 34 3.85 12.58 3.81
CA LEU A 34 4.86 13.64 3.66
C LEU A 34 6.03 13.12 2.81
N MET A 35 5.80 13.02 1.50
CA MET A 35 6.83 12.52 0.59
C MET A 35 8.12 13.31 0.73
N LYS A 36 9.25 12.59 0.75
CA LYS A 36 10.56 13.21 0.88
C LYS A 36 11.10 13.68 -0.47
N TRP A 37 10.76 12.94 -1.53
CA TRP A 37 11.20 13.27 -2.88
C TRP A 37 12.67 12.87 -3.06
N LYS A 38 13.08 12.72 -4.32
CA LYS A 38 14.46 12.36 -4.65
C LYS A 38 15.44 13.42 -4.13
N ASN A 39 16.30 13.92 -5.02
CA ASN A 39 17.28 14.94 -4.65
C ASN A 39 16.62 16.30 -4.46
N SER A 40 15.36 16.31 -4.04
CA SER A 40 14.62 17.55 -3.83
C SER A 40 15.10 18.25 -2.56
N ASP A 41 15.34 17.46 -1.52
CA ASP A 41 15.76 17.99 -0.21
C ASP A 41 14.58 18.59 0.53
N GLU A 42 13.76 19.36 -0.18
CA GLU A 42 12.58 19.98 0.42
C GLU A 42 11.43 18.97 0.50
N ALA A 43 10.89 18.81 1.70
CA ALA A 43 9.77 17.89 1.93
C ALA A 43 8.43 18.53 1.58
N ASP A 44 7.48 17.70 1.15
CA ASP A 44 6.15 18.18 0.79
C ASP A 44 5.09 17.11 0.98
N LEU A 45 3.99 17.48 1.61
CA LEU A 45 2.88 16.57 1.86
C LEU A 45 2.13 16.27 0.57
N VAL A 46 1.68 15.03 0.43
CA VAL A 46 0.94 14.61 -0.76
C VAL A 46 -0.26 13.74 -0.38
N PRO A 47 -1.42 13.99 -0.99
CA PRO A 47 -2.64 13.22 -0.70
C PRO A 47 -2.41 11.72 -0.82
N ALA A 48 -2.86 10.98 0.19
CA ALA A 48 -2.70 9.54 0.20
C ALA A 48 -3.24 8.92 -1.09
N LYS A 49 -4.43 9.36 -1.50
CA LYS A 49 -5.05 8.86 -2.70
C LYS A 49 -4.15 9.06 -3.92
N GLU A 50 -3.56 10.25 -4.03
CA GLU A 50 -2.67 10.56 -5.14
C GLU A 50 -1.45 9.64 -5.12
N ALA A 51 -0.89 9.44 -3.94
CA ALA A 51 0.27 8.58 -3.77
C ALA A 51 -0.03 7.13 -4.13
N ASN A 52 -1.26 6.70 -3.90
CA ASN A 52 -1.65 5.33 -4.20
C ASN A 52 -1.72 5.08 -5.70
N VAL A 53 -2.48 5.91 -6.40
CA VAL A 53 -2.66 5.79 -7.84
C VAL A 53 -1.48 6.38 -8.62
N LYS A 54 -0.29 6.33 -8.03
CA LYS A 54 0.90 6.86 -8.68
C LYS A 54 2.16 6.16 -8.17
N CYS A 55 2.18 5.85 -6.88
CA CYS A 55 3.32 5.19 -6.26
C CYS A 55 2.85 4.31 -5.09
N PRO A 56 2.04 3.28 -5.38
CA PRO A 56 1.51 2.37 -4.35
C PRO A 56 2.63 1.66 -3.59
N GLN A 57 3.67 1.25 -4.29
CA GLN A 57 4.79 0.56 -3.67
C GLN A 57 5.38 1.40 -2.53
N VAL A 58 5.60 2.67 -2.79
CA VAL A 58 6.15 3.58 -1.79
C VAL A 58 5.21 3.70 -0.61
N VAL A 59 3.93 3.89 -0.91
CA VAL A 59 2.91 4.01 0.12
C VAL A 59 2.95 2.81 1.06
N ILE A 60 3.05 1.63 0.47
CA ILE A 60 3.12 0.39 1.25
C ILE A 60 4.38 0.35 2.10
N SER A 61 5.48 0.84 1.55
CA SER A 61 6.76 0.86 2.25
C SER A 61 6.66 1.66 3.54
N PHE A 62 5.78 2.66 3.56
CA PHE A 62 5.60 3.51 4.72
C PHE A 62 4.97 2.74 5.90
N TYR A 63 3.92 1.97 5.61
CA TYR A 63 3.24 1.22 6.67
C TYR A 63 4.18 0.23 7.36
N GLU A 64 4.89 -0.57 6.57
CA GLU A 64 5.81 -1.57 7.12
C GLU A 64 6.78 -0.95 8.12
N GLU A 65 7.21 0.28 7.84
CA GLU A 65 8.14 0.98 8.73
C GLU A 65 7.59 1.06 10.15
N ARG A 66 6.27 1.22 10.25
CA ARG A 66 5.60 1.31 11.55
C ARG A 66 4.25 0.61 11.50
N LEU A 67 4.23 -0.60 10.94
CA LEU A 67 3.01 -1.38 10.82
C LEU A 67 2.41 -1.69 12.18
N THR A 68 1.11 -1.92 12.20
CA THR A 68 0.40 -2.21 13.44
C THR A 68 -1.01 -2.74 13.17
N TRP A 69 -1.40 -3.77 13.92
CA TRP A 69 -2.72 -4.36 13.77
C TRP A 69 -3.22 -4.91 15.11
N HIS A 70 -4.46 -4.59 15.44
CA HIS A 70 -5.06 -5.05 16.69
C HIS A 70 -5.13 -6.57 16.74
N HIS B 1 10.61 -30.98 -3.16
CA HIS B 1 9.74 -30.53 -4.27
C HIS B 1 9.84 -29.02 -4.49
N MET B 2 11.07 -28.52 -4.47
CA MET B 2 11.34 -27.09 -4.65
C MET B 2 10.75 -26.27 -3.51
N LYS B 3 11.54 -25.34 -2.98
CA LYS B 3 11.10 -24.49 -1.88
C LYS B 3 9.93 -23.61 -2.32
N GLU B 4 8.94 -23.48 -1.44
CA GLU B 4 7.75 -22.66 -1.72
C GLU B 4 6.95 -23.23 -2.89
N GLU B 5 5.64 -23.31 -2.71
CA GLU B 5 4.72 -23.82 -3.73
C GLU B 5 5.33 -25.03 -4.45
N SER B 6 5.06 -25.13 -5.76
CA SER B 6 5.55 -26.23 -6.58
C SER B 6 4.81 -27.54 -6.29
N GLU B 7 4.81 -27.94 -5.02
CA GLU B 7 4.13 -29.16 -4.62
C GLU B 7 2.61 -29.01 -4.73
N LYS B 8 2.11 -27.87 -4.27
CA LYS B 8 0.68 -27.58 -4.31
C LYS B 8 0.43 -26.08 -4.41
N PRO B 9 -0.52 -25.67 -5.28
CA PRO B 9 -0.85 -24.26 -5.48
C PRO B 9 -1.47 -23.63 -4.23
N ARG B 10 -1.17 -22.35 -4.01
CA ARG B 10 -1.68 -21.64 -2.85
C ARG B 10 -1.58 -20.13 -3.05
N GLY B 11 -2.53 -19.40 -2.47
CA GLY B 11 -2.53 -17.95 -2.60
C GLY B 11 -2.76 -17.50 -4.02
N PHE B 12 -1.96 -16.52 -4.47
CA PHE B 12 -2.09 -15.99 -5.82
C PHE B 12 -1.88 -17.10 -6.85
N ALA B 13 -0.98 -18.03 -6.54
CA ALA B 13 -0.68 -19.15 -7.42
C ALA B 13 -1.94 -19.91 -7.83
N ARG B 14 -2.89 -19.99 -6.90
CA ARG B 14 -4.14 -20.69 -7.16
C ARG B 14 -4.81 -20.18 -8.44
N GLY B 15 -5.11 -18.89 -8.47
CA GLY B 15 -5.73 -18.31 -9.65
C GLY B 15 -6.60 -17.11 -9.33
N LEU B 16 -7.29 -17.15 -8.20
CA LEU B 16 -8.18 -16.06 -7.80
C LEU B 16 -7.47 -14.72 -7.81
N GLU B 17 -8.15 -13.72 -8.34
CA GLU B 17 -7.61 -12.36 -8.39
C GLU B 17 -7.91 -11.65 -7.08
N PRO B 18 -6.91 -10.96 -6.49
CA PRO B 18 -7.10 -10.25 -5.22
C PRO B 18 -8.28 -9.28 -5.27
N GLU B 19 -9.41 -9.72 -4.74
CA GLU B 19 -10.61 -8.88 -4.72
C GLU B 19 -10.51 -7.82 -3.64
N ARG B 20 -10.23 -8.26 -2.41
CA ARG B 20 -10.11 -7.35 -1.28
C ARG B 20 -9.54 -8.08 -0.06
N ILE B 21 -8.53 -7.48 0.55
CA ILE B 21 -7.89 -8.07 1.73
C ILE B 21 -8.78 -7.93 2.96
N ILE B 22 -8.81 -8.98 3.79
CA ILE B 22 -9.61 -8.97 5.00
C ILE B 22 -8.94 -9.79 6.11
N GLY B 23 -7.64 -9.57 6.29
CA GLY B 23 -6.91 -10.30 7.31
C GLY B 23 -5.44 -9.94 7.36
N ALA B 24 -4.86 -10.01 8.56
CA ALA B 24 -3.44 -9.70 8.76
C ALA B 24 -2.86 -10.57 9.85
N THR B 25 -1.67 -11.12 9.61
CA THR B 25 -1.03 -12.01 10.57
C THR B 25 0.42 -12.30 10.21
N ASP B 26 1.31 -11.33 10.46
CA ASP B 26 2.73 -11.51 10.15
C ASP B 26 3.27 -12.77 10.82
N SER B 27 4.02 -13.55 10.05
CA SER B 27 4.61 -14.79 10.56
C SER B 27 5.64 -14.52 11.64
N SER B 28 6.49 -13.51 11.40
CA SER B 28 7.54 -13.15 12.34
C SER B 28 8.02 -11.72 12.06
N GLY B 29 8.04 -11.37 10.79
CA GLY B 29 8.46 -10.05 10.38
C GLY B 29 7.68 -9.57 9.19
N GLU B 30 7.40 -10.48 8.26
CA GLU B 30 6.63 -10.17 7.07
C GLU B 30 5.14 -10.33 7.35
N LEU B 31 4.38 -9.28 7.05
CA LEU B 31 2.94 -9.31 7.27
C LEU B 31 2.27 -10.34 6.38
N MET B 32 1.05 -10.74 6.74
CA MET B 32 0.31 -11.73 5.97
C MET B 32 -1.13 -11.28 5.76
N PHE B 33 -1.52 -11.10 4.50
CA PHE B 33 -2.88 -10.66 4.19
C PHE B 33 -3.78 -11.85 3.84
N LEU B 34 -4.88 -11.96 4.56
CA LEU B 34 -5.83 -13.04 4.32
C LEU B 34 -6.76 -12.67 3.16
N MET B 35 -6.22 -12.76 1.94
CA MET B 35 -6.99 -12.43 0.74
C MET B 35 -8.30 -13.21 0.68
N LYS B 36 -9.37 -12.51 0.33
CA LYS B 36 -10.70 -13.13 0.22
C LYS B 36 -10.89 -13.80 -1.13
N TRP B 37 -10.30 -13.22 -2.17
CA TRP B 37 -10.42 -13.74 -3.54
C TRP B 37 -11.78 -13.40 -4.12
N LYS B 38 -11.88 -13.45 -5.44
CA LYS B 38 -13.13 -13.16 -6.14
C LYS B 38 -14.23 -14.15 -5.72
N ASN B 39 -14.85 -14.79 -6.71
CA ASN B 39 -15.92 -15.75 -6.44
C ASN B 39 -15.35 -17.07 -5.91
N SER B 40 -14.22 -16.99 -5.21
CA SER B 40 -13.59 -18.17 -4.64
C SER B 40 -14.35 -18.70 -3.44
N ASP B 41 -14.83 -17.77 -2.60
CA ASP B 41 -15.57 -18.11 -1.38
C ASP B 41 -14.61 -18.57 -0.29
N GLU B 42 -13.65 -19.42 -0.66
CA GLU B 42 -12.67 -19.93 0.28
C GLU B 42 -11.55 -18.89 0.49
N ALA B 43 -11.31 -18.56 1.76
CA ALA B 43 -10.27 -17.59 2.10
C ALA B 43 -8.90 -18.24 2.19
N ASP B 44 -7.85 -17.47 1.89
CA ASP B 44 -6.49 -17.98 1.93
C ASP B 44 -5.48 -16.87 2.21
N LEU B 45 -4.56 -17.13 3.13
CA LEU B 45 -3.54 -16.17 3.50
C LEU B 45 -2.49 -16.05 2.40
N VAL B 46 -2.00 -14.84 2.19
CA VAL B 46 -0.99 -14.58 1.17
C VAL B 46 0.09 -13.64 1.70
N PRO B 47 1.38 -13.95 1.42
CA PRO B 47 2.49 -13.13 1.88
C PRO B 47 2.32 -11.68 1.50
N ALA B 48 2.53 -10.79 2.47
CA ALA B 48 2.41 -9.36 2.23
C ALA B 48 3.25 -8.92 1.03
N LYS B 49 4.49 -9.40 0.99
CA LYS B 49 5.40 -9.06 -0.09
C LYS B 49 4.81 -9.45 -1.44
N GLU B 50 4.25 -10.66 -1.52
CA GLU B 50 3.65 -11.14 -2.75
C GLU B 50 2.48 -10.26 -3.16
N ALA B 51 1.65 -9.90 -2.19
CA ALA B 51 0.49 -9.05 -2.43
C ALA B 51 0.90 -7.65 -2.92
N ASN B 52 2.04 -7.17 -2.46
CA ASN B 52 2.53 -5.86 -2.85
C ASN B 52 2.95 -5.82 -4.31
N VAL B 53 3.84 -6.74 -4.68
CA VAL B 53 4.36 -6.81 -6.04
C VAL B 53 3.40 -7.53 -6.99
N LYS B 54 2.10 -7.42 -6.72
CA LYS B 54 1.09 -8.06 -7.56
C LYS B 54 -0.24 -7.32 -7.46
N CYS B 55 -0.56 -6.83 -6.28
CA CYS B 55 -1.80 -6.10 -6.05
C CYS B 55 -1.62 -5.05 -4.95
N PRO B 56 -0.74 -4.07 -5.17
CA PRO B 56 -0.46 -3.01 -4.20
C PRO B 56 -1.71 -2.21 -3.83
N GLN B 57 -2.55 -1.93 -4.82
CA GLN B 57 -3.78 -1.19 -4.59
C GLN B 57 -4.63 -1.85 -3.52
N VAL B 58 -4.81 -3.15 -3.64
CA VAL B 58 -5.61 -3.91 -2.68
C VAL B 58 -4.98 -3.84 -1.30
N VAL B 59 -3.66 -4.05 -1.25
CA VAL B 59 -2.92 -4.00 0.00
C VAL B 59 -3.17 -2.67 0.72
N ILE B 60 -3.11 -1.59 -0.04
CA ILE B 60 -3.33 -0.26 0.50
C ILE B 60 -4.76 -0.12 1.02
N SER B 61 -5.70 -0.70 0.29
CA SER B 61 -7.11 -0.64 0.66
C SER B 61 -7.34 -1.25 2.04
N PHE B 62 -6.51 -2.21 2.41
CA PHE B 62 -6.63 -2.88 3.70
C PHE B 62 -6.29 -1.94 4.86
N TYR B 63 -5.20 -1.20 4.74
CA TYR B 63 -4.77 -0.29 5.80
C TYR B 63 -5.83 0.77 6.09
N GLU B 64 -6.31 1.44 5.05
CA GLU B 64 -7.31 2.49 5.20
C GLU B 64 -8.51 2.00 6.02
N GLU B 65 -8.89 0.74 5.83
CA GLU B 65 -10.01 0.16 6.56
C GLU B 65 -9.81 0.30 8.07
N ARG B 66 -8.57 0.18 8.51
CA ARG B 66 -8.24 0.29 9.93
C ARG B 66 -6.90 0.99 10.10
N LEU B 67 -6.73 2.11 9.40
CA LEU B 67 -5.50 2.88 9.45
C LEU B 67 -5.24 3.39 10.87
N THR B 68 -3.97 3.66 11.17
CA THR B 68 -3.58 4.14 12.48
C THR B 68 -2.14 4.65 12.48
N TRP B 69 -1.92 5.78 13.15
CA TRP B 69 -0.59 6.37 13.24
C TRP B 69 -0.42 7.12 14.56
N HIS B 70 0.70 6.87 15.23
CA HIS B 70 0.99 7.52 16.51
C HIS B 70 1.06 9.03 16.34
N HIS A 1 17.86 11.10 10.87
CA HIS A 1 17.02 11.17 9.65
C HIS A 1 17.09 12.55 9.00
N MET A 2 17.16 12.57 7.67
CA MET A 2 17.23 13.82 6.92
C MET A 2 18.43 14.66 7.37
N LYS A 3 18.23 15.98 7.45
CA LYS A 3 19.30 16.88 7.86
C LYS A 3 20.46 16.88 6.86
N GLU A 4 20.98 18.07 6.57
CA GLU A 4 22.08 18.22 5.64
C GLU A 4 22.93 19.44 6.00
N GLU A 5 23.36 19.49 7.26
CA GLU A 5 24.17 20.59 7.77
C GLU A 5 23.32 21.84 7.99
N SER A 6 22.58 22.23 6.96
CA SER A 6 21.71 23.40 7.04
C SER A 6 20.50 23.10 7.91
N GLU A 7 20.00 21.86 7.82
CA GLU A 7 18.85 21.42 8.59
C GLU A 7 17.58 22.17 8.17
N LYS A 8 16.54 21.41 7.87
CA LYS A 8 15.26 22.00 7.45
C LYS A 8 14.20 20.92 7.24
N PRO A 9 12.96 21.19 7.67
CA PRO A 9 11.85 20.23 7.53
C PRO A 9 11.53 19.91 6.08
N ARG A 10 11.21 18.64 5.81
CA ARG A 10 10.88 18.19 4.46
C ARG A 10 9.89 17.03 4.51
N GLY A 11 8.88 17.10 3.65
CA GLY A 11 7.88 16.04 3.61
C GLY A 11 7.09 15.94 4.90
N PHE A 12 6.99 14.73 5.44
CA PHE A 12 6.26 14.49 6.67
C PHE A 12 6.76 15.39 7.79
N ALA A 13 8.07 15.62 7.82
CA ALA A 13 8.69 16.46 8.83
C ALA A 13 8.02 17.83 8.88
N ARG A 14 7.71 18.37 7.71
CA ARG A 14 7.06 19.67 7.60
C ARG A 14 5.74 19.69 8.36
N GLY A 15 5.11 18.52 8.46
CA GLY A 15 3.84 18.40 9.15
C GLY A 15 2.66 18.67 8.23
N LEU A 16 2.81 18.28 6.97
CA LEU A 16 1.77 18.48 5.97
C LEU A 16 0.81 17.29 5.94
N GLU A 17 -0.48 17.59 5.81
CA GLU A 17 -1.49 16.54 5.75
C GLU A 17 -1.58 15.97 4.34
N PRO A 18 -1.31 14.66 4.17
CA PRO A 18 -1.36 14.01 2.86
C PRO A 18 -2.76 14.00 2.27
N GLU A 19 -2.93 14.67 1.13
CA GLU A 19 -4.22 14.73 0.46
C GLU A 19 -4.38 13.58 -0.53
N ARG A 20 -3.37 13.39 -1.37
CA ARG A 20 -3.38 12.32 -2.37
C ARG A 20 -2.05 12.28 -3.11
N ILE A 21 -1.51 11.08 -3.30
CA ILE A 21 -0.25 10.93 -4.00
C ILE A 21 -0.42 11.20 -5.48
N ILE A 22 0.32 12.18 -6.00
CA ILE A 22 0.25 12.54 -7.40
C ILE A 22 1.19 11.70 -8.26
N GLY A 23 2.31 11.27 -7.67
CA GLY A 23 3.27 10.47 -8.40
C GLY A 23 4.29 9.81 -7.50
N ALA A 24 5.54 9.74 -7.97
CA ALA A 24 6.61 9.14 -7.19
C ALA A 24 7.96 9.33 -7.89
N THR A 25 8.84 8.35 -7.75
CA THR A 25 10.16 8.41 -8.37
C THR A 25 10.95 7.13 -8.07
N ASP A 26 12.26 7.26 -7.84
CA ASP A 26 13.10 6.11 -7.52
C ASP A 26 14.55 6.55 -7.30
N SER A 27 14.71 7.70 -6.66
CA SER A 27 16.03 8.24 -6.38
C SER A 27 16.74 7.39 -5.32
N SER A 28 18.02 7.12 -5.55
CA SER A 28 18.81 6.33 -4.61
C SER A 28 18.20 4.93 -4.41
N GLY A 29 17.67 4.38 -5.49
CA GLY A 29 17.06 3.06 -5.43
C GLY A 29 15.66 3.06 -4.84
N GLU A 30 15.49 3.80 -3.74
CA GLU A 30 14.18 3.87 -3.09
C GLU A 30 13.14 4.51 -4.01
N LEU A 31 12.02 3.82 -4.17
CA LEU A 31 10.94 4.29 -5.02
C LEU A 31 10.43 5.66 -4.59
N MET A 32 10.25 5.83 -3.29
CA MET A 32 9.75 7.08 -2.73
C MET A 32 8.35 7.39 -3.24
N PHE A 33 7.83 8.56 -2.87
CA PHE A 33 6.51 8.99 -3.29
C PHE A 33 6.40 10.51 -3.32
N LEU A 34 5.97 11.05 -4.46
CA LEU A 34 5.81 12.49 -4.61
C LEU A 34 4.44 12.91 -4.09
N MET A 35 4.15 12.51 -2.85
CA MET A 35 2.87 12.79 -2.21
C MET A 35 2.53 14.28 -2.21
N LYS A 36 1.30 14.60 -2.60
CA LYS A 36 0.82 15.97 -2.62
C LYS A 36 0.31 16.37 -1.24
N TRP A 37 0.65 17.58 -0.79
CA TRP A 37 0.23 18.04 0.52
C TRP A 37 -0.81 19.15 0.42
N LYS A 38 -1.81 19.10 1.29
CA LYS A 38 -2.87 20.11 1.31
C LYS A 38 -2.41 21.40 1.97
N ASN A 39 -1.87 21.27 3.17
CA ASN A 39 -1.39 22.42 3.93
C ASN A 39 -0.01 22.85 3.43
N SER A 40 0.11 23.06 2.12
CA SER A 40 1.37 23.47 1.52
C SER A 40 1.18 23.89 0.08
N ASP A 41 0.18 23.31 -0.58
CA ASP A 41 -0.10 23.63 -1.98
C ASP A 41 1.09 23.28 -2.85
N GLU A 42 1.76 22.17 -2.50
CA GLU A 42 2.92 21.70 -3.23
C GLU A 42 3.38 20.36 -2.67
N ALA A 43 3.46 19.35 -3.54
CA ALA A 43 3.88 18.02 -3.13
C ALA A 43 5.34 18.00 -2.66
N ASP A 44 5.82 16.79 -2.36
CA ASP A 44 7.21 16.62 -1.91
C ASP A 44 7.55 15.14 -1.81
N LEU A 45 8.70 14.76 -2.33
CA LEU A 45 9.15 13.37 -2.31
C LEU A 45 9.35 12.87 -0.89
N VAL A 46 8.92 11.65 -0.64
CA VAL A 46 9.05 11.03 0.67
C VAL A 46 9.49 9.57 0.53
N PRO A 47 10.45 9.13 1.36
CA PRO A 47 10.96 7.75 1.31
C PRO A 47 9.82 6.74 1.27
N ALA A 48 9.84 5.89 0.24
CA ALA A 48 8.79 4.88 0.08
C ALA A 48 8.58 4.09 1.36
N LYS A 49 9.69 3.67 1.97
CA LYS A 49 9.62 2.90 3.22
C LYS A 49 8.94 3.72 4.32
N GLU A 50 9.27 5.00 4.39
CA GLU A 50 8.70 5.88 5.40
C GLU A 50 7.20 6.09 5.18
N ALA A 51 6.81 6.25 3.92
CA ALA A 51 5.41 6.48 3.57
C ALA A 51 4.49 5.37 4.09
N ASN A 52 4.98 4.13 4.09
CA ASN A 52 4.18 3.01 4.55
C ASN A 52 3.82 3.14 6.02
N VAL A 53 4.83 3.40 6.85
CA VAL A 53 4.63 3.52 8.29
C VAL A 53 3.87 4.80 8.65
N LYS A 54 4.22 5.89 7.98
CA LYS A 54 3.58 7.18 8.22
C LYS A 54 2.12 7.18 7.75
N CYS A 55 1.89 6.58 6.59
CA CYS A 55 0.55 6.51 6.01
C CYS A 55 0.50 5.53 4.84
N PRO A 56 0.16 4.27 5.11
CA PRO A 56 0.08 3.23 4.09
C PRO A 56 -1.22 3.26 3.30
N GLN A 57 -2.32 3.54 4.00
CA GLN A 57 -3.64 3.59 3.38
C GLN A 57 -3.63 4.47 2.13
N VAL A 58 -3.08 5.67 2.26
CA VAL A 58 -3.02 6.60 1.13
C VAL A 58 -2.14 6.05 0.01
N VAL A 59 -1.02 5.45 0.38
CA VAL A 59 -0.09 4.88 -0.59
C VAL A 59 -0.77 3.81 -1.44
N ILE A 60 -1.49 2.90 -0.79
CA ILE A 60 -2.20 1.83 -1.46
C ILE A 60 -3.21 2.39 -2.46
N SER A 61 -3.91 3.43 -2.03
CA SER A 61 -4.92 4.07 -2.89
C SER A 61 -4.30 4.59 -4.18
N PHE A 62 -3.11 5.16 -4.07
CA PHE A 62 -2.41 5.71 -5.23
C PHE A 62 -2.28 4.68 -6.36
N TYR A 63 -1.84 3.47 -6.02
CA TYR A 63 -1.66 2.42 -7.03
C TYR A 63 -2.98 2.17 -7.76
N GLU A 64 -4.06 2.06 -7.01
CA GLU A 64 -5.38 1.82 -7.57
C GLU A 64 -5.69 2.84 -8.67
N GLU A 65 -5.27 4.07 -8.44
CA GLU A 65 -5.51 5.14 -9.39
C GLU A 65 -4.87 4.84 -10.75
N ARG A 66 -3.73 4.16 -10.73
CA ARG A 66 -3.02 3.82 -11.95
C ARG A 66 -2.39 2.43 -11.90
N LEU A 67 -3.20 1.42 -11.59
CA LEU A 67 -2.72 0.05 -11.51
C LEU A 67 -2.29 -0.46 -12.90
N THR A 68 -2.37 -1.77 -13.10
CA THR A 68 -2.01 -2.37 -14.38
C THR A 68 -2.17 -3.89 -14.32
N TRP A 69 -1.48 -4.52 -13.38
CA TRP A 69 -1.56 -5.97 -13.21
C TRP A 69 -1.35 -6.71 -14.52
N HIS A 70 -0.28 -6.35 -15.22
CA HIS A 70 0.03 -6.99 -16.49
C HIS A 70 0.40 -8.45 -16.31
N HIS B 1 -20.06 -9.65 8.06
CA HIS B 1 -18.97 -9.89 7.09
C HIS B 1 -18.90 -11.35 6.66
N MET B 2 -18.67 -11.57 5.36
CA MET B 2 -18.59 -12.92 4.81
C MET B 2 -19.87 -13.70 5.10
N LYS B 3 -19.73 -14.98 5.42
CA LYS B 3 -20.87 -15.84 5.72
C LYS B 3 -21.77 -16.01 4.49
N GLU B 4 -22.23 -17.24 4.27
CA GLU B 4 -23.10 -17.55 3.14
C GLU B 4 -24.03 -18.71 3.48
N GLU B 5 -24.74 -18.58 4.60
CA GLU B 5 -25.66 -19.61 5.07
C GLU B 5 -24.90 -20.78 5.66
N SER B 6 -23.95 -21.32 4.90
CA SER B 6 -23.14 -22.45 5.36
C SER B 6 -22.16 -22.00 6.44
N GLU B 7 -21.64 -20.78 6.26
CA GLU B 7 -20.68 -20.20 7.20
C GLU B 7 -19.38 -20.98 7.20
N LYS B 8 -18.26 -20.27 7.03
CA LYS B 8 -16.94 -20.89 7.01
C LYS B 8 -15.84 -19.84 6.88
N PRO B 9 -14.73 -20.01 7.62
CA PRO B 9 -13.60 -19.07 7.60
C PRO B 9 -12.96 -18.97 6.22
N ARG B 10 -12.57 -17.75 5.85
CA ARG B 10 -11.93 -17.49 4.56
C ARG B 10 -10.95 -16.33 4.65
N GLY B 11 -9.77 -16.50 4.06
CA GLY B 11 -8.77 -15.44 4.10
C GLY B 11 -8.30 -15.14 5.51
N PHE B 12 -8.30 -13.86 5.85
CA PHE B 12 -7.87 -13.42 7.18
C PHE B 12 -8.64 -14.15 8.28
N ALA B 13 -9.92 -14.40 8.03
CA ALA B 13 -10.76 -15.09 9.00
C ALA B 13 -10.15 -16.43 9.41
N ARG B 14 -9.58 -17.13 8.42
CA ARG B 14 -8.94 -18.42 8.67
C ARG B 14 -7.83 -18.29 9.70
N GLY B 15 -7.23 -17.11 9.75
CA GLY B 15 -6.14 -16.87 10.70
C GLY B 15 -4.79 -17.26 10.13
N LEU B 16 -4.65 -17.07 8.82
CA LEU B 16 -3.40 -17.39 8.13
C LEU B 16 -2.45 -16.21 8.14
N GLU B 17 -1.17 -16.49 8.35
CA GLU B 17 -0.16 -15.45 8.37
C GLU B 17 0.27 -15.10 6.94
N PRO B 18 0.07 -13.84 6.53
CA PRO B 18 0.43 -13.39 5.17
C PRO B 18 1.94 -13.44 4.93
N GLU B 19 2.34 -14.28 3.97
CA GLU B 19 3.75 -14.41 3.63
C GLU B 19 4.14 -13.41 2.54
N ARG B 20 3.36 -13.38 1.47
CA ARG B 20 3.61 -12.47 0.35
C ARG B 20 2.49 -12.56 -0.67
N ILE B 21 2.02 -11.41 -1.16
CA ILE B 21 0.96 -11.39 -2.14
C ILE B 21 1.47 -11.89 -3.49
N ILE B 22 0.84 -12.95 -4.01
CA ILE B 22 1.23 -13.52 -5.28
C ILE B 22 0.52 -12.84 -6.46
N GLY B 23 -0.70 -12.34 -6.20
CA GLY B 23 -1.44 -11.66 -7.25
C GLY B 23 -2.64 -10.90 -6.72
N ALA B 24 -3.75 -10.93 -7.45
CA ALA B 24 -4.96 -10.24 -7.04
C ALA B 24 -6.12 -10.55 -7.99
N THR B 25 -6.99 -9.57 -8.22
CA THR B 25 -8.14 -9.75 -9.09
C THR B 25 -8.94 -8.46 -9.18
N ASP B 26 -10.27 -8.58 -9.24
CA ASP B 26 -11.15 -7.41 -9.31
C ASP B 26 -12.61 -7.83 -9.35
N SER B 27 -12.94 -8.87 -8.61
CA SER B 27 -14.30 -9.38 -8.55
C SER B 27 -15.22 -8.40 -7.82
N SER B 28 -16.41 -8.19 -8.37
CA SER B 28 -17.37 -7.28 -7.77
C SER B 28 -16.80 -5.87 -7.65
N GLY B 29 -16.02 -5.47 -8.65
CA GLY B 29 -15.42 -4.14 -8.65
C GLY B 29 -14.20 -4.04 -7.76
N GLU B 30 -14.28 -4.59 -6.55
CA GLU B 30 -13.17 -4.54 -5.62
C GLU B 30 -11.96 -5.28 -6.17
N LEU B 31 -10.82 -4.61 -6.18
CA LEU B 31 -9.58 -5.18 -6.69
C LEU B 31 -9.21 -6.47 -5.94
N MET B 32 -9.33 -6.43 -4.63
CA MET B 32 -8.99 -7.58 -3.78
C MET B 32 -7.52 -7.95 -3.91
N PHE B 33 -7.12 -9.03 -3.26
CA PHE B 33 -5.73 -9.49 -3.29
C PHE B 33 -5.66 -11.00 -3.07
N LEU B 34 -4.99 -11.69 -3.98
CA LEU B 34 -4.83 -13.14 -3.86
C LEU B 34 -3.61 -13.45 -2.99
N MET B 35 -3.60 -12.87 -1.79
CA MET B 35 -2.50 -13.03 -0.85
C MET B 35 -2.20 -14.50 -0.55
N LYS B 36 -0.91 -14.84 -0.60
CA LYS B 36 -0.48 -16.20 -0.30
C LYS B 36 -0.30 -16.37 1.20
N TRP B 37 -0.76 -17.50 1.74
CA TRP B 37 -0.67 -17.76 3.17
C TRP B 37 0.35 -18.86 3.47
N LYS B 38 1.12 -18.65 4.54
CA LYS B 38 2.15 -19.63 4.94
C LYS B 38 1.53 -20.81 5.68
N ASN B 39 0.72 -20.51 6.69
CA ASN B 39 0.06 -21.54 7.48
C ASN B 39 -1.17 -22.07 6.75
N SER B 40 -0.99 -22.47 5.50
CA SER B 40 -2.09 -22.98 4.69
C SER B 40 -1.59 -23.62 3.41
N ASP B 41 -0.45 -23.14 2.92
CA ASP B 41 0.14 -23.65 1.68
C ASP B 41 -0.82 -23.45 0.51
N GLU B 42 -1.52 -22.33 0.54
CA GLU B 42 -2.49 -21.98 -0.50
C GLU B 42 -3.03 -20.58 -0.27
N ALA B 43 -2.90 -19.72 -1.28
CA ALA B 43 -3.37 -18.35 -1.17
C ALA B 43 -4.89 -18.28 -1.06
N ASP B 44 -5.43 -17.06 -1.06
CA ASP B 44 -6.86 -16.84 -0.96
C ASP B 44 -7.19 -15.36 -1.17
N LEU B 45 -8.20 -15.10 -2.01
CA LEU B 45 -8.61 -13.73 -2.29
C LEU B 45 -9.13 -13.03 -1.04
N VAL B 46 -8.74 -11.77 -0.89
CA VAL B 46 -9.17 -10.96 0.25
C VAL B 46 -9.53 -9.55 -0.21
N PRO B 47 -10.65 -9.00 0.31
CA PRO B 47 -11.10 -7.66 -0.06
C PRO B 47 -9.97 -6.64 0.00
N ALA B 48 -9.73 -5.96 -1.11
CA ALA B 48 -8.66 -4.96 -1.20
C ALA B 48 -8.74 -3.99 -0.03
N LYS B 49 -9.94 -3.49 0.24
CA LYS B 49 -10.15 -2.55 1.34
C LYS B 49 -9.75 -3.17 2.68
N GLU B 50 -10.11 -4.44 2.87
CA GLU B 50 -9.81 -5.15 4.10
C GLU B 50 -8.30 -5.36 4.27
N ALA B 51 -7.64 -5.71 3.16
CA ALA B 51 -6.19 -5.96 3.18
C ALA B 51 -5.40 -4.77 3.72
N ASN B 52 -5.86 -3.56 3.42
CA ASN B 52 -5.16 -2.35 3.88
C ASN B 52 -5.14 -2.26 5.40
N VAL B 53 -6.32 -2.40 6.00
CA VAL B 53 -6.45 -2.31 7.45
C VAL B 53 -5.81 -3.51 8.15
N LYS B 54 -6.03 -4.70 7.61
CA LYS B 54 -5.48 -5.91 8.18
C LYS B 54 -3.96 -5.96 8.05
N CYS B 55 -3.45 -5.54 6.90
CA CYS B 55 -2.01 -5.54 6.64
C CYS B 55 -1.69 -4.76 5.38
N PRO B 56 -1.39 -3.45 5.52
CA PRO B 56 -1.08 -2.57 4.40
C PRO B 56 0.38 -2.70 3.95
N GLN B 57 1.28 -2.85 4.91
CA GLN B 57 2.70 -2.97 4.62
C GLN B 57 2.98 -4.03 3.55
N VAL B 58 2.39 -5.21 3.73
CA VAL B 58 2.57 -6.29 2.78
C VAL B 58 1.98 -5.94 1.41
N VAL B 59 0.81 -5.30 1.42
CA VAL B 59 0.14 -4.91 0.18
C VAL B 59 1.01 -3.97 -0.64
N ILE B 60 1.58 -2.96 0.03
CA ILE B 60 2.44 -1.99 -0.64
C ILE B 60 3.64 -2.68 -1.28
N SER B 61 4.23 -3.63 -0.55
CA SER B 61 5.38 -4.37 -1.04
C SER B 61 5.06 -5.09 -2.35
N PHE B 62 3.87 -5.66 -2.43
CA PHE B 62 3.45 -6.39 -3.62
C PHE B 62 3.59 -5.54 -4.89
N TYR B 63 3.10 -4.31 -4.85
CA TYR B 63 3.17 -3.42 -6.01
C TYR B 63 4.62 -3.25 -6.46
N GLU B 64 5.52 -3.02 -5.50
CA GLU B 64 6.94 -2.84 -5.79
C GLU B 64 7.47 -4.00 -6.61
N GLU B 65 6.99 -5.20 -6.30
CA GLU B 65 7.41 -6.41 -7.01
C GLU B 65 7.10 -6.32 -8.50
N ARG B 66 6.00 -5.66 -8.85
CA ARG B 66 5.59 -5.53 -10.23
C ARG B 66 5.00 -4.15 -10.53
N LEU B 67 5.73 -3.10 -10.20
CA LEU B 67 5.27 -1.74 -10.46
C LEU B 67 5.18 -1.46 -11.95
N THR B 68 5.33 -0.19 -12.33
CA THR B 68 5.27 0.21 -13.73
C THR B 68 5.45 1.73 -13.88
N TRP B 69 4.57 2.49 -13.22
CA TRP B 69 4.62 3.94 -13.25
C TRP B 69 4.74 4.46 -14.68
N HIS B 70 3.86 3.99 -15.54
CA HIS B 70 3.85 4.42 -16.94
C HIS B 70 3.48 5.89 -17.05
#